data_3ZOD
# 
_entry.id   3ZOD 
# 
_audit_conform.dict_name       mmcif_pdbx.dic 
_audit_conform.dict_version    5.383 
_audit_conform.dict_location   http://mmcif.pdb.org/dictionaries/ascii/mmcif_pdbx.dic 
# 
loop_
_database_2.database_id 
_database_2.database_code 
_database_2.pdbx_database_accession 
_database_2.pdbx_DOI 
PDB   3ZOD         pdb_00003zod 10.2210/pdb3zod/pdb 
PDBE  EBI-55916    ?            ?                   
WWPDB D_1290055916 ?            ?                   
# 
loop_
_pdbx_database_related.db_name 
_pdbx_database_related.db_id 
_pdbx_database_related.content_type 
_pdbx_database_related.details 
PDB 3ZOC unspecified 
'CRYSTAL STRUCTURE OF FMN-BINDING PROTEIN (NP_142786.1) FROM PYROCOCCUS HORIKOSHII WITH BOUND P- HYDROXYBENZALDEHYDE' 
PDB 3ZOE unspecified 
'CRYSTAL STRUCTURE OF FMN-BINDING PROTEIN (YP_005476) FROM THERMUS THERMOPHILUS WITH BOUND P-HYDROXYBENZALDEHYDE'     
PDB 3ZOF unspecified 'CRYSTAL STRUCTURE OF FMN-BINDING PROTEIN (YP_005476) FROM THERMUS THERMOPHILUS WITH BOUND BENZENE-1,4-DIOL' 
# 
_pdbx_database_status.status_code                     REL 
_pdbx_database_status.entry_id                        3ZOD 
_pdbx_database_status.deposit_site                    PDBE 
_pdbx_database_status.process_site                    PDBE 
_pdbx_database_status.SG_entry                        . 
_pdbx_database_status.recvd_initial_deposition_date   2013-02-21 
_pdbx_database_status.pdb_format_compatible           Y 
_pdbx_database_status.status_code_sf                  REL 
_pdbx_database_status.status_code_mr                  ? 
_pdbx_database_status.status_code_cs                  ? 
_pdbx_database_status.methods_development_category    ? 
_pdbx_database_status.status_code_nmr_data            ? 
# 
loop_
_audit_author.name 
_audit_author.pdbx_ordinal 
'Pavkov-Keller, T.' 1 
'Steinkellner, G.'  2 
'Gruber, C.C.'      3 
'Steiner, K.'       4 
'Winkler, C.'       5 
'Schwamberger, O.'  6 
'Schwab, H.'        7 
'Faber, K.'         8 
'Gruber, K.'        9 
# 
_citation.id                        primary 
_citation.title                     
'Identification of Promiscuous Ene-Reductase Activity by Mining Structural Databases Using Active Site Constellations.' 
_citation.journal_abbrev            Nat.Commun. 
_citation.journal_volume            5 
_citation.page_first                4150 
_citation.page_last                 ? 
_citation.year                      2014 
_citation.journal_id_ASTM           ? 
_citation.country                   UK 
_citation.journal_id_ISSN           2041-1723 
_citation.journal_id_CSD            ? 
_citation.book_publisher            ? 
_citation.pdbx_database_id_PubMed   24954722 
_citation.pdbx_database_id_DOI      10.1038/NCOMMS5150 
# 
loop_
_citation_author.citation_id 
_citation_author.name 
_citation_author.ordinal 
_citation_author.identifier_ORCID 
primary 'Steinkellner, G.'  1  ? 
primary 'Gruber, C.C.'      2  ? 
primary 'Pavkov-Keller, T.' 3  ? 
primary 'Binter, A.'        4  ? 
primary 'Steiner, K.'       5  ? 
primary 'Winkler, C.'       6  ? 
primary 'Lyskowski, A.'     7  ? 
primary 'Schwamberger, O.'  8  ? 
primary 'Oberer, M.'        9  ? 
primary 'Schwab, H.'        10 ? 
primary 'Faber, K.'         11 ? 
primary 'Macheroux, P.'     12 ? 
primary 'Gruber, K.'        13 ? 
# 
_cell.entry_id           3ZOD 
_cell.length_a           46.395 
_cell.length_b           46.395 
_cell.length_c           269.637 
_cell.angle_alpha        90.00 
_cell.angle_beta         90.00 
_cell.angle_gamma        120.00 
_cell.Z_PDB              12 
_cell.pdbx_unique_axis   ? 
# 
_symmetry.entry_id                         3ZOD 
_symmetry.space_group_name_H-M             'P 61 2 2' 
_symmetry.pdbx_full_space_group_name_H-M   ? 
_symmetry.cell_setting                     ? 
_symmetry.Int_Tables_number                178 
# 
loop_
_entity.id 
_entity.type 
_entity.src_method 
_entity.pdbx_description 
_entity.formula_weight 
_entity.pdbx_number_of_molecules 
_entity.pdbx_ec 
_entity.pdbx_mutation 
_entity.pdbx_fragment 
_entity.details 
1 polymer     man 'FMN-BINDING PROTEIN'   21691.045 1  ? ? ? ? 
2 non-polymer syn 'FLAVIN MONONUCLEOTIDE' 456.344   1  ? ? ? ? 
3 non-polymer syn benzene-1,4-diol        110.111   1  ? ? ? ? 
4 water       nat water                   18.015    93 ? ? ? ? 
# 
_entity_name_com.entity_id   1 
_entity_name_com.name        'UNCHARACTERIZED PROTEIN PH0856' 
# 
_entity_poly.entity_id                      1 
_entity_poly.type                           'polypeptide(L)' 
_entity_poly.nstd_linkage                   no 
_entity_poly.nstd_monomer                   no 
_entity_poly.pdbx_seq_one_letter_code       
;MGSDKIHHHHHHENLYFQGMEGYRLLYPMRTYLIVSGHGEETNVMAADWVTVVSFDPFIVGVAVAPKRTTHKLIKKYGEF
VISVPSLDVLRDVWIAGTKKGPSKLKEMSVTLIPSKKVKVPSIEEALANIECRVIDARSYGDHTFFVGEVVGYTYKDYAF
EKGKPNLKAKFLAHVSWSEFVTFSEKVHKAE
;
_entity_poly.pdbx_seq_one_letter_code_can   
;MGSDKIHHHHHHENLYFQGMEGYRLLYPMRTYLIVSGHGEETNVMAADWVTVVSFDPFIVGVAVAPKRTTHKLIKKYGEF
VISVPSLDVLRDVWIAGTKKGPSKLKEMSVTLIPSKKVKVPSIEEALANIECRVIDARSYGDHTFFVGEVVGYTYKDYAF
EKGKPNLKAKFLAHVSWSEFVTFSEKVHKAE
;
_entity_poly.pdbx_strand_id                 A 
_entity_poly.pdbx_target_identifier         ? 
# 
loop_
_entity_poly_seq.entity_id 
_entity_poly_seq.num 
_entity_poly_seq.mon_id 
_entity_poly_seq.hetero 
1 1   MET n 
1 2   GLY n 
1 3   SER n 
1 4   ASP n 
1 5   LYS n 
1 6   ILE n 
1 7   HIS n 
1 8   HIS n 
1 9   HIS n 
1 10  HIS n 
1 11  HIS n 
1 12  HIS n 
1 13  GLU n 
1 14  ASN n 
1 15  LEU n 
1 16  TYR n 
1 17  PHE n 
1 18  GLN n 
1 19  GLY n 
1 20  MET n 
1 21  GLU n 
1 22  GLY n 
1 23  TYR n 
1 24  ARG n 
1 25  LEU n 
1 26  LEU n 
1 27  TYR n 
1 28  PRO n 
1 29  MET n 
1 30  ARG n 
1 31  THR n 
1 32  TYR n 
1 33  LEU n 
1 34  ILE n 
1 35  VAL n 
1 36  SER n 
1 37  GLY n 
1 38  HIS n 
1 39  GLY n 
1 40  GLU n 
1 41  GLU n 
1 42  THR n 
1 43  ASN n 
1 44  VAL n 
1 45  MET n 
1 46  ALA n 
1 47  ALA n 
1 48  ASP n 
1 49  TRP n 
1 50  VAL n 
1 51  THR n 
1 52  VAL n 
1 53  VAL n 
1 54  SER n 
1 55  PHE n 
1 56  ASP n 
1 57  PRO n 
1 58  PHE n 
1 59  ILE n 
1 60  VAL n 
1 61  GLY n 
1 62  VAL n 
1 63  ALA n 
1 64  VAL n 
1 65  ALA n 
1 66  PRO n 
1 67  LYS n 
1 68  ARG n 
1 69  THR n 
1 70  THR n 
1 71  HIS n 
1 72  LYS n 
1 73  LEU n 
1 74  ILE n 
1 75  LYS n 
1 76  LYS n 
1 77  TYR n 
1 78  GLY n 
1 79  GLU n 
1 80  PHE n 
1 81  VAL n 
1 82  ILE n 
1 83  SER n 
1 84  VAL n 
1 85  PRO n 
1 86  SER n 
1 87  LEU n 
1 88  ASP n 
1 89  VAL n 
1 90  LEU n 
1 91  ARG n 
1 92  ASP n 
1 93  VAL n 
1 94  TRP n 
1 95  ILE n 
1 96  ALA n 
1 97  GLY n 
1 98  THR n 
1 99  LYS n 
1 100 LYS n 
1 101 GLY n 
1 102 PRO n 
1 103 SER n 
1 104 LYS n 
1 105 LEU n 
1 106 LYS n 
1 107 GLU n 
1 108 MET n 
1 109 SER n 
1 110 VAL n 
1 111 THR n 
1 112 LEU n 
1 113 ILE n 
1 114 PRO n 
1 115 SER n 
1 116 LYS n 
1 117 LYS n 
1 118 VAL n 
1 119 LYS n 
1 120 VAL n 
1 121 PRO n 
1 122 SER n 
1 123 ILE n 
1 124 GLU n 
1 125 GLU n 
1 126 ALA n 
1 127 LEU n 
1 128 ALA n 
1 129 ASN n 
1 130 ILE n 
1 131 GLU n 
1 132 CYS n 
1 133 ARG n 
1 134 VAL n 
1 135 ILE n 
1 136 ASP n 
1 137 ALA n 
1 138 ARG n 
1 139 SER n 
1 140 TYR n 
1 141 GLY n 
1 142 ASP n 
1 143 HIS n 
1 144 THR n 
1 145 PHE n 
1 146 PHE n 
1 147 VAL n 
1 148 GLY n 
1 149 GLU n 
1 150 VAL n 
1 151 VAL n 
1 152 GLY n 
1 153 TYR n 
1 154 THR n 
1 155 TYR n 
1 156 LYS n 
1 157 ASP n 
1 158 TYR n 
1 159 ALA n 
1 160 PHE n 
1 161 GLU n 
1 162 LYS n 
1 163 GLY n 
1 164 LYS n 
1 165 PRO n 
1 166 ASN n 
1 167 LEU n 
1 168 LYS n 
1 169 ALA n 
1 170 LYS n 
1 171 PHE n 
1 172 LEU n 
1 173 ALA n 
1 174 HIS n 
1 175 VAL n 
1 176 SER n 
1 177 TRP n 
1 178 SER n 
1 179 GLU n 
1 180 PHE n 
1 181 VAL n 
1 182 THR n 
1 183 PHE n 
1 184 SER n 
1 185 GLU n 
1 186 LYS n 
1 187 VAL n 
1 188 HIS n 
1 189 LYS n 
1 190 ALA n 
1 191 GLU n 
# 
_entity_src_gen.entity_id                          1 
_entity_src_gen.pdbx_src_id                        1 
_entity_src_gen.pdbx_alt_source_flag               sample 
_entity_src_gen.pdbx_seq_type                      ? 
_entity_src_gen.pdbx_beg_seq_num                   ? 
_entity_src_gen.pdbx_end_seq_num                   ? 
_entity_src_gen.gene_src_common_name               ? 
_entity_src_gen.gene_src_genus                     ? 
_entity_src_gen.pdbx_gene_src_gene                 ? 
_entity_src_gen.gene_src_species                   ? 
_entity_src_gen.gene_src_strain                    ? 
_entity_src_gen.gene_src_tissue                    ? 
_entity_src_gen.gene_src_tissue_fraction           ? 
_entity_src_gen.gene_src_details                   ? 
_entity_src_gen.pdbx_gene_src_fragment             ? 
_entity_src_gen.pdbx_gene_src_scientific_name      'PYROCOCCUS HORIKOSHII' 
_entity_src_gen.pdbx_gene_src_ncbi_taxonomy_id     53953 
_entity_src_gen.pdbx_gene_src_variant              ? 
_entity_src_gen.pdbx_gene_src_cell_line            ? 
_entity_src_gen.pdbx_gene_src_atcc                 ? 
_entity_src_gen.pdbx_gene_src_organ                ? 
_entity_src_gen.pdbx_gene_src_organelle            ? 
_entity_src_gen.pdbx_gene_src_cell                 ? 
_entity_src_gen.pdbx_gene_src_cellular_location    ? 
_entity_src_gen.host_org_common_name               ? 
_entity_src_gen.pdbx_host_org_scientific_name      'ESCHERICHIA COLI' 
_entity_src_gen.pdbx_host_org_ncbi_taxonomy_id     562 
_entity_src_gen.host_org_genus                     ? 
_entity_src_gen.pdbx_host_org_gene                 ? 
_entity_src_gen.pdbx_host_org_organ                ? 
_entity_src_gen.host_org_species                   ? 
_entity_src_gen.pdbx_host_org_tissue               ? 
_entity_src_gen.pdbx_host_org_tissue_fraction      ? 
_entity_src_gen.pdbx_host_org_strain               ? 
_entity_src_gen.pdbx_host_org_variant              ? 
_entity_src_gen.pdbx_host_org_cell_line            ? 
_entity_src_gen.pdbx_host_org_atcc                 ? 
_entity_src_gen.pdbx_host_org_culture_collection   ? 
_entity_src_gen.pdbx_host_org_cell                 ? 
_entity_src_gen.pdbx_host_org_organelle            ? 
_entity_src_gen.pdbx_host_org_cellular_location    ? 
_entity_src_gen.pdbx_host_org_vector_type          ? 
_entity_src_gen.pdbx_host_org_vector               ? 
_entity_src_gen.host_org_details                   ? 
_entity_src_gen.expression_system_id               ? 
_entity_src_gen.plasmid_name                       ? 
_entity_src_gen.plasmid_details                    ? 
_entity_src_gen.pdbx_description                   ? 
# 
_struct_ref.id                         1 
_struct_ref.db_name                    UNP 
_struct_ref.db_code                    Y856_PYRHO 
_struct_ref.entity_id                  1 
_struct_ref.pdbx_seq_one_letter_code   ? 
_struct_ref.pdbx_align_begin           ? 
_struct_ref.pdbx_db_accession          O58586 
_struct_ref.pdbx_db_isoform            ? 
# 
_struct_ref_seq.align_id                      1 
_struct_ref_seq.ref_id                        1 
_struct_ref_seq.pdbx_PDB_id_code              3ZOD 
_struct_ref_seq.pdbx_strand_id                A 
_struct_ref_seq.seq_align_beg                 20 
_struct_ref_seq.pdbx_seq_align_beg_ins_code   ? 
_struct_ref_seq.seq_align_end                 191 
_struct_ref_seq.pdbx_seq_align_end_ins_code   ? 
_struct_ref_seq.pdbx_db_accession             O58586 
_struct_ref_seq.db_align_beg                  1 
_struct_ref_seq.pdbx_db_align_beg_ins_code    ? 
_struct_ref_seq.db_align_end                  172 
_struct_ref_seq.pdbx_db_align_end_ins_code    ? 
_struct_ref_seq.pdbx_auth_seq_align_beg       1 
_struct_ref_seq.pdbx_auth_seq_align_end       172 
# 
loop_
_struct_ref_seq_dif.align_id 
_struct_ref_seq_dif.pdbx_pdb_id_code 
_struct_ref_seq_dif.mon_id 
_struct_ref_seq_dif.pdbx_pdb_strand_id 
_struct_ref_seq_dif.seq_num 
_struct_ref_seq_dif.pdbx_pdb_ins_code 
_struct_ref_seq_dif.pdbx_seq_db_name 
_struct_ref_seq_dif.pdbx_seq_db_accession_code 
_struct_ref_seq_dif.db_mon_id 
_struct_ref_seq_dif.pdbx_seq_db_seq_num 
_struct_ref_seq_dif.details 
_struct_ref_seq_dif.pdbx_auth_seq_num 
_struct_ref_seq_dif.pdbx_ordinal 
1 3ZOD MET A 1  ? UNP O58586 ? ? 'expression tag' -18 1  
1 3ZOD GLY A 2  ? UNP O58586 ? ? 'expression tag' -17 2  
1 3ZOD SER A 3  ? UNP O58586 ? ? 'expression tag' -16 3  
1 3ZOD ASP A 4  ? UNP O58586 ? ? 'expression tag' -15 4  
1 3ZOD LYS A 5  ? UNP O58586 ? ? 'expression tag' -14 5  
1 3ZOD ILE A 6  ? UNP O58586 ? ? 'expression tag' -13 6  
1 3ZOD HIS A 7  ? UNP O58586 ? ? 'expression tag' -12 7  
1 3ZOD HIS A 8  ? UNP O58586 ? ? 'expression tag' -11 8  
1 3ZOD HIS A 9  ? UNP O58586 ? ? 'expression tag' -10 9  
1 3ZOD HIS A 10 ? UNP O58586 ? ? 'expression tag' -9  10 
1 3ZOD HIS A 11 ? UNP O58586 ? ? 'expression tag' -8  11 
1 3ZOD HIS A 12 ? UNP O58586 ? ? 'expression tag' -7  12 
1 3ZOD GLU A 13 ? UNP O58586 ? ? 'expression tag' -6  13 
1 3ZOD ASN A 14 ? UNP O58586 ? ? 'expression tag' -5  14 
1 3ZOD LEU A 15 ? UNP O58586 ? ? 'expression tag' -4  15 
1 3ZOD TYR A 16 ? UNP O58586 ? ? 'expression tag' -3  16 
1 3ZOD PHE A 17 ? UNP O58586 ? ? 'expression tag' -2  17 
1 3ZOD GLN A 18 ? UNP O58586 ? ? 'expression tag' -1  18 
1 3ZOD GLY A 19 ? UNP O58586 ? ? 'expression tag' 0   19 
# 
loop_
_chem_comp.id 
_chem_comp.type 
_chem_comp.mon_nstd_flag 
_chem_comp.name 
_chem_comp.pdbx_synonyms 
_chem_comp.formula 
_chem_comp.formula_weight 
ALA 'L-peptide linking' y ALANINE                 ?                          'C3 H7 N O2'      89.093  
ARG 'L-peptide linking' y ARGININE                ?                          'C6 H15 N4 O2 1'  175.209 
ASN 'L-peptide linking' y ASPARAGINE              ?                          'C4 H8 N2 O3'     132.118 
ASP 'L-peptide linking' y 'ASPARTIC ACID'         ?                          'C4 H7 N O4'      133.103 
CYS 'L-peptide linking' y CYSTEINE                ?                          'C3 H7 N O2 S'    121.158 
FMN non-polymer         . 'FLAVIN MONONUCLEOTIDE' 'RIBOFLAVIN MONOPHOSPHATE' 'C17 H21 N4 O9 P' 456.344 
GLN 'L-peptide linking' y GLUTAMINE               ?                          'C5 H10 N2 O3'    146.144 
GLU 'L-peptide linking' y 'GLUTAMIC ACID'         ?                          'C5 H9 N O4'      147.129 
GLY 'peptide linking'   y GLYCINE                 ?                          'C2 H5 N O2'      75.067  
HIS 'L-peptide linking' y HISTIDINE               ?                          'C6 H10 N3 O2 1'  156.162 
HOH non-polymer         . WATER                   ?                          'H2 O'            18.015  
HQE non-polymer         . benzene-1,4-diol        ?                          'C6 H6 O2'        110.111 
ILE 'L-peptide linking' y ISOLEUCINE              ?                          'C6 H13 N O2'     131.173 
LEU 'L-peptide linking' y LEUCINE                 ?                          'C6 H13 N O2'     131.173 
LYS 'L-peptide linking' y LYSINE                  ?                          'C6 H15 N2 O2 1'  147.195 
MET 'L-peptide linking' y METHIONINE              ?                          'C5 H11 N O2 S'   149.211 
PHE 'L-peptide linking' y PHENYLALANINE           ?                          'C9 H11 N O2'     165.189 
PRO 'L-peptide linking' y PROLINE                 ?                          'C5 H9 N O2'      115.130 
SER 'L-peptide linking' y SERINE                  ?                          'C3 H7 N O3'      105.093 
THR 'L-peptide linking' y THREONINE               ?                          'C4 H9 N O3'      119.119 
TRP 'L-peptide linking' y TRYPTOPHAN              ?                          'C11 H12 N2 O2'   204.225 
TYR 'L-peptide linking' y TYROSINE                ?                          'C9 H11 N O3'     181.189 
VAL 'L-peptide linking' y VALINE                  ?                          'C5 H11 N O2'     117.146 
# 
_exptl.entry_id          3ZOD 
_exptl.method            'X-RAY DIFFRACTION' 
_exptl.crystals_number   1 
# 
_exptl_crystal.id                    1 
_exptl_crystal.density_meas          ? 
_exptl_crystal.density_Matthews      2 
_exptl_crystal.density_percent_sol   39 
_exptl_crystal.description           NONE 
# 
_exptl_crystal_grow.crystal_id      1 
_exptl_crystal_grow.method          'VAPOR DIFFUSION' 
_exptl_crystal_grow.temp            293 
_exptl_crystal_grow.temp_details    ? 
_exptl_crystal_grow.pH              ? 
_exptl_crystal_grow.pdbx_pH_range   ? 
_exptl_crystal_grow.pdbx_details    
;VAPOR DIFFUSION AT 293K; CONDITIONS CONTAINING PEG 3350 OR 6000 (10-20% W/V) AS PRECIPITATION AGENT AND DIFFERENT SALTS (50-200 MM MAGNESIUM CLORIDE, POTASSIUM FORMATE, NATRIUM FORMATE, AMMONIUM FORMATE, MAGNESIUM FORMATE)
;
# 
_diffrn.id                     1 
_diffrn.ambient_temp           100 
_diffrn.ambient_temp_details   ? 
_diffrn.crystal_id             1 
# 
_diffrn_detector.diffrn_id              1 
_diffrn_detector.detector               CCD 
_diffrn_detector.type                   'MARRESEARCH SX-165' 
_diffrn_detector.pdbx_collection_date   2012-04-30 
_diffrn_detector.details                ? 
# 
_diffrn_radiation.diffrn_id                        1 
_diffrn_radiation.wavelength_id                    1 
_diffrn_radiation.pdbx_monochromatic_or_laue_m_l   M 
_diffrn_radiation.monochromator                    ? 
_diffrn_radiation.pdbx_diffrn_protocol             'SINGLE WAVELENGTH' 
_diffrn_radiation.pdbx_scattering_type             x-ray 
# 
_diffrn_radiation_wavelength.id           1 
_diffrn_radiation_wavelength.wavelength   1.0 
_diffrn_radiation_wavelength.wt           1.0 
# 
_diffrn_source.diffrn_id                   1 
_diffrn_source.source                      SYNCHROTRON 
_diffrn_source.type                        'ELETTRA BEAMLINE 5.2R' 
_diffrn_source.pdbx_synchrotron_site       ELETTRA 
_diffrn_source.pdbx_synchrotron_beamline   5.2R 
_diffrn_source.pdbx_wavelength             1.0 
_diffrn_source.pdbx_wavelength_list        ? 
# 
_reflns.pdbx_diffrn_id               1 
_reflns.pdbx_ordinal                 1 
_reflns.entry_id                     3ZOD 
_reflns.observed_criterion_sigma_I   3.5 
_reflns.observed_criterion_sigma_F   ? 
_reflns.d_resolution_low             40.00 
_reflns.d_resolution_high            1.68 
_reflns.number_obs                   18582 
_reflns.number_all                   ? 
_reflns.percent_possible_obs         89.2 
_reflns.pdbx_Rmerge_I_obs            0.06 
_reflns.pdbx_Rsym_value              ? 
_reflns.pdbx_netI_over_sigmaI        22.60 
_reflns.B_iso_Wilson_estimate        ? 
_reflns.pdbx_redundancy              11.2 
# 
_reflns_shell.pdbx_diffrn_id         1 
_reflns_shell.pdbx_ordinal           1 
_reflns_shell.d_res_high             1.68 
_reflns_shell.d_res_low              1.78 
_reflns_shell.percent_possible_all   91.6 
_reflns_shell.Rmerge_I_obs           0.47 
_reflns_shell.pdbx_Rsym_value        ? 
_reflns_shell.meanI_over_sigI_obs    3.70 
_reflns_shell.pdbx_redundancy        3.7 
# 
_refine.pdbx_refine_id                           'X-RAY DIFFRACTION' 
_refine.entry_id                                 3ZOD 
_refine.pdbx_diffrn_id                           1 
_refine.pdbx_TLS_residual_ADP_flag               ? 
_refine.ls_number_reflns_obs                     17652 
_refine.ls_number_reflns_all                     ? 
_refine.pdbx_ls_sigma_I                          ? 
_refine.pdbx_ls_sigma_F                          . 
_refine.pdbx_data_cutoff_high_absF               ? 
_refine.pdbx_data_cutoff_low_absF                ? 
_refine.pdbx_data_cutoff_high_rms_absF           ? 
_refine.ls_d_res_low                             39.74 
_refine.ls_d_res_high                            1.68 
_refine.ls_percent_reflns_obs                    89.20 
_refine.ls_R_factor_obs                          0.21508 
_refine.ls_R_factor_all                          ? 
_refine.ls_R_factor_R_work                       0.21328 
_refine.ls_R_factor_R_free                       0.24851 
_refine.ls_R_factor_R_free_error                 ? 
_refine.ls_R_factor_R_free_error_details         ? 
_refine.ls_percent_reflns_R_free                 5.0 
_refine.ls_number_reflns_R_free                  930 
_refine.ls_number_parameters                     ? 
_refine.ls_number_restraints                     ? 
_refine.occupancy_min                            ? 
_refine.occupancy_max                            ? 
_refine.correlation_coeff_Fo_to_Fc               0.951 
_refine.correlation_coeff_Fo_to_Fc_free          0.938 
_refine.B_iso_mean                               23.903 
_refine.aniso_B[1][1]                            0.33 
_refine.aniso_B[2][2]                            0.33 
_refine.aniso_B[3][3]                            -1.08 
_refine.aniso_B[1][2]                            0.33 
_refine.aniso_B[1][3]                            0.00 
_refine.aniso_B[2][3]                            0.00 
_refine.solvent_model_details                    MASK 
_refine.solvent_model_param_ksol                 ? 
_refine.solvent_model_param_bsol                 ? 
_refine.pdbx_solvent_vdw_probe_radii             1.20 
_refine.pdbx_solvent_ion_probe_radii             0.80 
_refine.pdbx_solvent_shrinkage_radii             0.80 
_refine.pdbx_ls_cross_valid_method               THROUGHOUT 
_refine.details                                  'HYDROGENS HAVE BEEN ADDED IN THE RIDING POSITIONS.' 
_refine.pdbx_starting_model                      'PDB ENTRY 2R6V' 
_refine.pdbx_method_to_determine_struct          'MOLECULAR REPLACEMENT' 
_refine.pdbx_isotropic_thermal_model             ? 
_refine.pdbx_stereochemistry_target_values       'MAXIMUM LIKELIHOOD' 
_refine.pdbx_stereochem_target_val_spec_case     ? 
_refine.pdbx_R_Free_selection_details            RANDOM 
_refine.pdbx_overall_ESU_R                       0.144 
_refine.pdbx_overall_ESU_R_Free                  0.134 
_refine.overall_SU_ML                            0.091 
_refine.pdbx_overall_phase_error                 ? 
_refine.overall_SU_B                             2.828 
_refine.overall_SU_R_Cruickshank_DPI             ? 
_refine.pdbx_overall_SU_R_free_Cruickshank_DPI   ? 
_refine.pdbx_overall_SU_R_Blow_DPI               ? 
_refine.pdbx_overall_SU_R_free_Blow_DPI          ? 
# 
_refine_hist.pdbx_refine_id                   'X-RAY DIFFRACTION' 
_refine_hist.cycle_id                         LAST 
_refine_hist.pdbx_number_atoms_protein        1438 
_refine_hist.pdbx_number_atoms_nucleic_acid   0 
_refine_hist.pdbx_number_atoms_ligand         39 
_refine_hist.number_atoms_solvent             93 
_refine_hist.number_atoms_total               1570 
_refine_hist.d_res_high                       1.68 
_refine_hist.d_res_low                        39.74 
# 
loop_
_refine_ls_restr.type 
_refine_ls_restr.dev_ideal 
_refine_ls_restr.dev_ideal_target 
_refine_ls_restr.weight 
_refine_ls_restr.number 
_refine_ls_restr.pdbx_refine_id 
_refine_ls_restr.pdbx_restraint_function 
r_bond_refined_d             0.012  0.019  ? 1575 'X-RAY DIFFRACTION' ? 
r_bond_other_d               ?      ?      ? ?    'X-RAY DIFFRACTION' ? 
r_angle_refined_deg          1.620  1.979  ? 2145 'X-RAY DIFFRACTION' ? 
r_angle_other_deg            ?      ?      ? ?    'X-RAY DIFFRACTION' ? 
r_dihedral_angle_1_deg       6.145  5.000  ? 190  'X-RAY DIFFRACTION' ? 
r_dihedral_angle_2_deg       31.768 22.969 ? 64   'X-RAY DIFFRACTION' ? 
r_dihedral_angle_3_deg       15.689 15.000 ? 269  'X-RAY DIFFRACTION' ? 
r_dihedral_angle_4_deg       28.926 15.000 ? 8    'X-RAY DIFFRACTION' ? 
r_chiral_restr               0.116  0.200  ? 231  'X-RAY DIFFRACTION' ? 
r_gen_planes_refined         0.008  0.021  ? 1181 'X-RAY DIFFRACTION' ? 
r_gen_planes_other           ?      ?      ? ?    'X-RAY DIFFRACTION' ? 
r_nbd_refined                ?      ?      ? ?    'X-RAY DIFFRACTION' ? 
r_nbd_other                  ?      ?      ? ?    'X-RAY DIFFRACTION' ? 
r_nbtor_refined              ?      ?      ? ?    'X-RAY DIFFRACTION' ? 
r_nbtor_other                ?      ?      ? ?    'X-RAY DIFFRACTION' ? 
r_xyhbond_nbd_refined        ?      ?      ? ?    'X-RAY DIFFRACTION' ? 
r_xyhbond_nbd_other          ?      ?      ? ?    'X-RAY DIFFRACTION' ? 
r_metal_ion_refined          ?      ?      ? ?    'X-RAY DIFFRACTION' ? 
r_metal_ion_other            ?      ?      ? ?    'X-RAY DIFFRACTION' ? 
r_symmetry_vdw_refined       ?      ?      ? ?    'X-RAY DIFFRACTION' ? 
r_symmetry_vdw_other         ?      ?      ? ?    'X-RAY DIFFRACTION' ? 
r_symmetry_hbond_refined     ?      ?      ? ?    'X-RAY DIFFRACTION' ? 
r_symmetry_hbond_other       ?      ?      ? ?    'X-RAY DIFFRACTION' ? 
r_symmetry_metal_ion_refined ?      ?      ? ?    'X-RAY DIFFRACTION' ? 
r_symmetry_metal_ion_other   ?      ?      ? ?    'X-RAY DIFFRACTION' ? 
r_mcbond_it                  ?      ?      ? ?    'X-RAY DIFFRACTION' ? 
r_mcbond_other               ?      ?      ? ?    'X-RAY DIFFRACTION' ? 
r_mcangle_it                 ?      ?      ? ?    'X-RAY DIFFRACTION' ? 
r_mcangle_other              ?      ?      ? ?    'X-RAY DIFFRACTION' ? 
r_scbond_it                  ?      ?      ? ?    'X-RAY DIFFRACTION' ? 
r_scbond_other               ?      ?      ? ?    'X-RAY DIFFRACTION' ? 
r_scangle_it                 ?      ?      ? ?    'X-RAY DIFFRACTION' ? 
r_scangle_other              ?      ?      ? ?    'X-RAY DIFFRACTION' ? 
r_long_range_B_refined       ?      ?      ? ?    'X-RAY DIFFRACTION' ? 
r_long_range_B_other         ?      ?      ? ?    'X-RAY DIFFRACTION' ? 
r_rigid_bond_restr           ?      ?      ? ?    'X-RAY DIFFRACTION' ? 
r_sphericity_free            ?      ?      ? ?    'X-RAY DIFFRACTION' ? 
r_sphericity_bonded          ?      ?      ? ?    'X-RAY DIFFRACTION' ? 
# 
_refine_ls_shell.pdbx_refine_id                   'X-RAY DIFFRACTION' 
_refine_ls_shell.pdbx_total_number_of_bins_used   20 
_refine_ls_shell.d_res_high                       1.682 
_refine_ls_shell.d_res_low                        1.726 
_refine_ls_shell.number_reflns_R_work             1261 
_refine_ls_shell.R_factor_R_work                  0.314 
_refine_ls_shell.percent_reflns_obs               89.49 
_refine_ls_shell.R_factor_R_free                  0.393 
_refine_ls_shell.R_factor_R_free_error            ? 
_refine_ls_shell.percent_reflns_R_free            ? 
_refine_ls_shell.number_reflns_R_free             67 
_refine_ls_shell.number_reflns_all                ? 
_refine_ls_shell.R_factor_all                     ? 
# 
_struct.entry_id                  3ZOD 
_struct.title                     
'Crystal structure of FMN-binding protein (NP_142786.1) from Pyrococcus horikoshii with bound benzene-1,4-diol' 
_struct.pdbx_model_details        ? 
_struct.pdbx_CASP_flag            ? 
_struct.pdbx_model_type_details   ? 
# 
_struct_keywords.entry_id        3ZOD 
_struct_keywords.pdbx_keywords   'FMN-BINDING PROTEIN' 
_struct_keywords.text            'FMN-BINDING PROTEIN' 
# 
loop_
_struct_asym.id 
_struct_asym.pdbx_blank_PDB_chainid_flag 
_struct_asym.pdbx_modified 
_struct_asym.entity_id 
_struct_asym.details 
A N N 1 ? 
B N N 2 ? 
C N N 3 ? 
D N N 4 ? 
# 
_struct_biol.id   1 
# 
loop_
_struct_conf.conf_type_id 
_struct_conf.id 
_struct_conf.pdbx_PDB_helix_id 
_struct_conf.beg_label_comp_id 
_struct_conf.beg_label_asym_id 
_struct_conf.beg_label_seq_id 
_struct_conf.pdbx_beg_PDB_ins_code 
_struct_conf.end_label_comp_id 
_struct_conf.end_label_asym_id 
_struct_conf.end_label_seq_id 
_struct_conf.pdbx_end_PDB_ins_code 
_struct_conf.beg_auth_comp_id 
_struct_conf.beg_auth_asym_id 
_struct_conf.beg_auth_seq_id 
_struct_conf.end_auth_comp_id 
_struct_conf.end_auth_asym_id 
_struct_conf.end_auth_seq_id 
_struct_conf.pdbx_PDB_helix_class 
_struct_conf.details 
_struct_conf.pdbx_PDB_helix_length 
HELX_P HELX_P1 1 GLU A 21  ? TYR A 27  ? GLU A 2   TYR A 8   5 ? 7  
HELX_P HELX_P2 2 HIS A 38  ? THR A 42  ? HIS A 19  THR A 23  5 ? 5  
HELX_P HELX_P3 3 ARG A 68  ? GLY A 78  ? ARG A 49  GLY A 59  1 ? 11 
HELX_P HELX_P4 4 VAL A 89  ? GLY A 97  ? VAL A 70  GLY A 78  1 ? 9  
HELX_P HELX_P5 5 GLY A 101 ? MET A 108 ? GLY A 82  MET A 89  5 ? 8  
HELX_P HELX_P6 6 ASP A 157 ? LYS A 164 ? ASP A 138 LYS A 145 5 ? 8  
HELX_P HELX_P7 7 ASN A 166 ? LYS A 170 ? ASN A 147 LYS A 151 5 ? 5  
# 
_struct_conf_type.id          HELX_P 
_struct_conf_type.criteria    ? 
_struct_conf_type.reference   ? 
# 
loop_
_struct_mon_prot_cis.pdbx_id 
_struct_mon_prot_cis.label_comp_id 
_struct_mon_prot_cis.label_seq_id 
_struct_mon_prot_cis.label_asym_id 
_struct_mon_prot_cis.label_alt_id 
_struct_mon_prot_cis.pdbx_PDB_ins_code 
_struct_mon_prot_cis.auth_comp_id 
_struct_mon_prot_cis.auth_seq_id 
_struct_mon_prot_cis.auth_asym_id 
_struct_mon_prot_cis.pdbx_label_comp_id_2 
_struct_mon_prot_cis.pdbx_label_seq_id_2 
_struct_mon_prot_cis.pdbx_label_asym_id_2 
_struct_mon_prot_cis.pdbx_PDB_ins_code_2 
_struct_mon_prot_cis.pdbx_auth_comp_id_2 
_struct_mon_prot_cis.pdbx_auth_seq_id_2 
_struct_mon_prot_cis.pdbx_auth_asym_id_2 
_struct_mon_prot_cis.pdbx_PDB_model_num 
_struct_mon_prot_cis.pdbx_omega_angle 
1 TYR 27 A . ? TYR 8  A PRO 28 A ? PRO 9  A 1 1.43  
2 ASP 56 A . ? ASP 37 A PRO 57 A ? PRO 38 A 1 -0.79 
# 
loop_
_struct_sheet.id 
_struct_sheet.type 
_struct_sheet.number_strands 
_struct_sheet.details 
AA ? 3 ? 
AB ? 7 ? 
AC ? 2 ? 
# 
loop_
_struct_sheet_order.sheet_id 
_struct_sheet_order.range_id_1 
_struct_sheet_order.range_id_2 
_struct_sheet_order.offset 
_struct_sheet_order.sense 
AA 1 2 ? anti-parallel 
AA 2 3 ? anti-parallel 
AB 1 2 ? anti-parallel 
AB 2 3 ? anti-parallel 
AB 3 4 ? anti-parallel 
AB 4 5 ? anti-parallel 
AB 5 6 ? anti-parallel 
AB 6 7 ? anti-parallel 
AC 1 2 ? anti-parallel 
# 
loop_
_struct_sheet_range.sheet_id 
_struct_sheet_range.id 
_struct_sheet_range.beg_label_comp_id 
_struct_sheet_range.beg_label_asym_id 
_struct_sheet_range.beg_label_seq_id 
_struct_sheet_range.pdbx_beg_PDB_ins_code 
_struct_sheet_range.end_label_comp_id 
_struct_sheet_range.end_label_asym_id 
_struct_sheet_range.end_label_seq_id 
_struct_sheet_range.pdbx_end_PDB_ins_code 
_struct_sheet_range.beg_auth_comp_id 
_struct_sheet_range.beg_auth_asym_id 
_struct_sheet_range.beg_auth_seq_id 
_struct_sheet_range.end_auth_comp_id 
_struct_sheet_range.end_auth_asym_id 
_struct_sheet_range.end_auth_seq_id 
AA 1 MET A 29  ? ARG A 30  ? MET A 10  ARG A 11  
AA 2 ALA A 173 ? SER A 176 ? ALA A 154 SER A 157 
AA 3 GLU A 179 ? VAL A 181 ? GLU A 160 VAL A 162 
AB 1 ASN A 43  ? ALA A 47  ? ASN A 24  ALA A 28  
AB 2 TYR A 32  ? SER A 36  ? TYR A 13  SER A 17  
AB 3 GLU A 79  ? VAL A 84  ? GLU A 60  VAL A 65  
AB 4 ALA A 128 ? TYR A 140 ? ALA A 109 TYR A 121 
AB 5 HIS A 143 ? TYR A 155 ? HIS A 124 TYR A 136 
AB 6 ILE A 59  ? VAL A 64  ? ILE A 40  VAL A 45  
AB 7 VAL A 50  ? SER A 54  ? VAL A 31  SER A 35  
AC 1 LEU A 112 ? ILE A 113 ? LEU A 93  ILE A 94  
AC 2 SER A 122 ? ILE A 123 ? SER A 103 ILE A 104 
# 
loop_
_pdbx_struct_sheet_hbond.sheet_id 
_pdbx_struct_sheet_hbond.range_id_1 
_pdbx_struct_sheet_hbond.range_id_2 
_pdbx_struct_sheet_hbond.range_1_label_atom_id 
_pdbx_struct_sheet_hbond.range_1_label_comp_id 
_pdbx_struct_sheet_hbond.range_1_label_asym_id 
_pdbx_struct_sheet_hbond.range_1_label_seq_id 
_pdbx_struct_sheet_hbond.range_1_PDB_ins_code 
_pdbx_struct_sheet_hbond.range_1_auth_atom_id 
_pdbx_struct_sheet_hbond.range_1_auth_comp_id 
_pdbx_struct_sheet_hbond.range_1_auth_asym_id 
_pdbx_struct_sheet_hbond.range_1_auth_seq_id 
_pdbx_struct_sheet_hbond.range_2_label_atom_id 
_pdbx_struct_sheet_hbond.range_2_label_comp_id 
_pdbx_struct_sheet_hbond.range_2_label_asym_id 
_pdbx_struct_sheet_hbond.range_2_label_seq_id 
_pdbx_struct_sheet_hbond.range_2_PDB_ins_code 
_pdbx_struct_sheet_hbond.range_2_auth_atom_id 
_pdbx_struct_sheet_hbond.range_2_auth_comp_id 
_pdbx_struct_sheet_hbond.range_2_auth_asym_id 
_pdbx_struct_sheet_hbond.range_2_auth_seq_id 
AA 1 2 N MET A 29  ? N MET A 10  O HIS A 174 ? O HIS A 155 
AA 2 3 N VAL A 175 ? N VAL A 156 O GLU A 179 ? O GLU A 160 
AB 1 2 N ALA A 47  ? N ALA A 28  O TYR A 32  ? O TYR A 13  
AB 2 3 N VAL A 35  ? N VAL A 16  O VAL A 81  ? O VAL A 62  
AB 3 4 N VAL A 84  ? N VAL A 65  O ALA A 128 ? O ALA A 109 
AB 4 5 N TYR A 140 ? N TYR A 121 O HIS A 143 ? O HIS A 124 
AB 5 6 N GLY A 148 ? N GLY A 129 O VAL A 60  ? O VAL A 41  
AB 6 7 N GLY A 61  ? N GLY A 42  O THR A 51  ? O THR A 32  
AC 1 2 N ILE A 113 ? N ILE A 94  O SER A 122 ? O SER A 103 
# 
loop_
_struct_site.id 
_struct_site.pdbx_evidence_code 
_struct_site.pdbx_auth_asym_id 
_struct_site.pdbx_auth_comp_id 
_struct_site.pdbx_auth_seq_id 
_struct_site.pdbx_auth_ins_code 
_struct_site.pdbx_num_residues 
_struct_site.details 
AC1 Software A FMN 173  ? 25 'BINDING SITE FOR RESIDUE FMN A 173'  
AC2 Software A HQE 1173 ? 7  'BINDING SITE FOR RESIDUE HQE A 1173' 
# 
loop_
_struct_site_gen.id 
_struct_site_gen.site_id 
_struct_site_gen.pdbx_num_res 
_struct_site_gen.label_comp_id 
_struct_site_gen.label_asym_id 
_struct_site_gen.label_seq_id 
_struct_site_gen.pdbx_auth_ins_code 
_struct_site_gen.auth_comp_id 
_struct_site_gen.auth_asym_id 
_struct_site_gen.auth_seq_id 
_struct_site_gen.label_atom_id 
_struct_site_gen.label_alt_id 
_struct_site_gen.symmetry 
_struct_site_gen.details 
1  AC1 25 ASN A 43  ? ASN A 24   . ? 1_555 ? 
2  AC1 25 MET A 45  ? MET A 26   . ? 1_555 ? 
3  AC1 25 ALA A 46  ? ALA A 27   . ? 1_555 ? 
4  AC1 25 ALA A 47  ? ALA A 28   . ? 1_555 ? 
5  AC1 25 ASP A 48  ? ASP A 29   . ? 1_555 ? 
6  AC1 25 TRP A 49  ? TRP A 30   . ? 1_555 ? 
7  AC1 25 ALA A 63  ? ALA A 44   . ? 1_555 ? 
8  AC1 25 VAL A 64  ? VAL A 45   . ? 1_555 ? 
9  AC1 25 ALA A 65  ? ALA A 46   . ? 1_555 ? 
10 AC1 25 ARG A 68  ? ARG A 49   . ? 1_555 ? 
11 AC1 25 THR A 69  ? THR A 50   . ? 1_555 ? 
12 AC1 25 THR A 70  ? THR A 51   . ? 1_555 ? 
13 AC1 25 ALA A 96  ? ALA A 77   . ? 1_555 ? 
14 AC1 25 GLY A 97  ? GLY A 78   . ? 1_555 ? 
15 AC1 25 THR A 98  ? THR A 79   . ? 1_555 ? 
16 AC1 25 LYS A 99  ? LYS A 80   . ? 1_555 ? 
17 AC1 25 LYS A 100 ? LYS A 81   . ? 1_555 ? 
18 AC1 25 GLY A 101 ? GLY A 82   . ? 1_555 ? 
19 AC1 25 LYS A 104 ? LYS A 85   . ? 1_555 ? 
20 AC1 25 HIS A 143 ? HIS A 124  . ? 1_555 ? 
21 AC1 25 HIS A 174 ? HIS A 155  . ? 1_555 ? 
22 AC1 25 PHE A 180 ? PHE A 161  . ? 1_555 ? 
23 AC1 25 HQE C .   ? HQE A 1173 . ? 1_555 ? 
24 AC1 25 HOH D .   ? HOH A 2032 . ? 1_555 ? 
25 AC1 25 HOH D .   ? HOH A 2034 . ? 1_555 ? 
26 AC2 7  TYR A 27  ? TYR A 8    . ? 1_555 ? 
27 AC2 7  ASP A 48  ? ASP A 29   . ? 1_555 ? 
28 AC2 7  TRP A 49  ? TRP A 30   . ? 1_555 ? 
29 AC2 7  ARG A 68  ? ARG A 49   . ? 1_555 ? 
30 AC2 7  HIS A 143 ? HIS A 124  . ? 1_555 ? 
31 AC2 7  FMN B .   ? FMN A 173  . ? 1_555 ? 
32 AC2 7  HOH D .   ? HOH A 2007 . ? 1_555 ? 
# 
_atom_sites.entry_id                    3ZOD 
_atom_sites.fract_transf_matrix[1][1]   -0.02079732 
_atom_sites.fract_transf_matrix[1][2]   0.00747133 
_atom_sites.fract_transf_matrix[1][3]   -0.01144896 
_atom_sites.fract_transf_matrix[2][1]   -0.00448810 
_atom_sites.fract_transf_matrix[2][2]   0.02428955 
_atom_sites.fract_transf_matrix[2][3]   -0.00304747 
_atom_sites.fract_transf_matrix[3][1]   0.00176533 
_atom_sites.fract_transf_matrix[3][2]   -0.00008294 
_atom_sites.fract_transf_matrix[3][3]   -0.00326089 
_atom_sites.fract_transf_vector[1]      -0.473688 
_atom_sites.fract_transf_vector[2]      -0.393067 
_atom_sites.fract_transf_vector[3]      -0.047112 
# 
loop_
_atom_type.symbol 
C 
N 
O 
P 
S 
# 
loop_
_atom_site.group_PDB 
_atom_site.id 
_atom_site.type_symbol 
_atom_site.label_atom_id 
_atom_site.label_alt_id 
_atom_site.label_comp_id 
_atom_site.label_asym_id 
_atom_site.label_entity_id 
_atom_site.label_seq_id 
_atom_site.pdbx_PDB_ins_code 
_atom_site.Cartn_x 
_atom_site.Cartn_y 
_atom_site.Cartn_z 
_atom_site.occupancy 
_atom_site.B_iso_or_equiv 
_atom_site.pdbx_formal_charge 
_atom_site.auth_seq_id 
_atom_site.auth_comp_id 
_atom_site.auth_asym_id 
_atom_site.auth_atom_id 
_atom_site.pdbx_PDB_model_num 
ATOM   1    N N     . HIS A 1 12  ? 10.744  -15.090 5.448   1.00 49.08 ? -7   HIS A N     1 
ATOM   2    C CA    . HIS A 1 12  ? 11.335  -13.721 5.412   1.00 52.88 ? -7   HIS A CA    1 
ATOM   3    C C     . HIS A 1 12  ? 12.835  -13.914 5.323   1.00 55.54 ? -7   HIS A C     1 
ATOM   4    O O     . HIS A 1 12  ? 13.374  -14.808 5.980   1.00 59.01 ? -7   HIS A O     1 
ATOM   5    C CB    . HIS A 1 12  ? 10.977  -12.928 6.689   1.00 48.67 ? -7   HIS A CB    1 
ATOM   6    C CG    . HIS A 1 12  ? 10.906  -11.435 6.501   1.00 46.95 ? -7   HIS A CG    1 
ATOM   7    N ND1   . HIS A 1 12  ? 12.025  -10.629 6.450   1.00 47.19 ? -7   HIS A ND1   1 
ATOM   8    C CD2   . HIS A 1 12  ? 9.842   -10.600 6.385   1.00 47.36 ? -7   HIS A CD2   1 
ATOM   9    C CE1   . HIS A 1 12  ? 11.655  -9.367  6.298   1.00 46.29 ? -7   HIS A CE1   1 
ATOM   10   N NE2   . HIS A 1 12  ? 10.334  -9.320  6.263   1.00 46.59 ? -7   HIS A NE2   1 
ATOM   11   N N     . GLU A 1 13  ? 13.509  -13.101 4.508   1.00 55.82 ? -6   GLU A N     1 
ATOM   12   C CA    . GLU A 1 13  ? 14.968  -13.132 4.468   1.00 58.94 ? -6   GLU A CA    1 
ATOM   13   C C     . GLU A 1 13  ? 15.493  -12.592 5.806   1.00 52.68 ? -6   GLU A C     1 
ATOM   14   O O     . GLU A 1 13  ? 14.842  -11.751 6.438   1.00 52.13 ? -6   GLU A O     1 
ATOM   15   C CB    . GLU A 1 13  ? 15.520  -12.352 3.263   1.00 63.57 ? -6   GLU A CB    1 
ATOM   16   C CG    . GLU A 1 13  ? 16.771  -12.984 2.644   1.00 72.88 ? -6   GLU A CG    1 
ATOM   17   C CD    . GLU A 1 13  ? 16.857  -12.810 1.122   1.00 78.59 ? -6   GLU A CD    1 
ATOM   18   O OE1   . GLU A 1 13  ? 16.252  -11.860 0.581   1.00 79.67 ? -6   GLU A OE1   1 
ATOM   19   O OE2   . GLU A 1 13  ? 17.535  -13.623 0.450   1.00 74.98 ? -6   GLU A OE2   1 
ATOM   20   N N     . ASN A 1 14  ? 16.639  -13.113 6.244   1.00 48.43 ? -5   ASN A N     1 
ATOM   21   C CA    . ASN A 1 14  ? 17.276  -12.743 7.531   1.00 49.15 ? -5   ASN A CA    1 
ATOM   22   C C     . ASN A 1 14  ? 16.654  -13.339 8.809   1.00 46.76 ? -5   ASN A C     1 
ATOM   23   O O     . ASN A 1 14  ? 16.845  -12.801 9.918   1.00 46.10 ? -5   ASN A O     1 
ATOM   24   C CB    . ASN A 1 14  ? 17.466  -11.223 7.654   1.00 50.03 ? -5   ASN A CB    1 
ATOM   25   C CG    . ASN A 1 14  ? 18.543  -10.707 6.728   1.00 52.92 ? -5   ASN A CG    1 
ATOM   26   O OD1   . ASN A 1 14  ? 19.398  -11.470 6.267   1.00 54.44 ? -5   ASN A OD1   1 
ATOM   27   N ND2   . ASN A 1 14  ? 18.511  -9.414  6.447   1.00 55.27 ? -5   ASN A ND2   1 
ATOM   28   N N     . LEU A 1 15  ? 15.915  -14.440 8.642   1.00 41.11 ? -4   LEU A N     1 
ATOM   29   C CA    . LEU A 1 15  ? 15.419  -15.231 9.765   1.00 40.21 ? -4   LEU A CA    1 
ATOM   30   C C     . LEU A 1 15  ? 16.491  -16.286 10.087  1.00 39.84 ? -4   LEU A C     1 
ATOM   31   O O     . LEU A 1 15  ? 16.618  -17.312 9.383   1.00 39.98 ? -4   LEU A O     1 
ATOM   32   C CB    . LEU A 1 15  ? 14.072  -15.885 9.423   1.00 40.12 ? -4   LEU A CB    1 
ATOM   33   C CG    . LEU A 1 15  ? 13.285  -16.657 10.494  1.00 39.53 ? -4   LEU A CG    1 
ATOM   34   C CD1   . LEU A 1 15  ? 12.596  -15.728 11.483  1.00 38.98 ? -4   LEU A CD1   1 
ATOM   35   C CD2   . LEU A 1 15  ? 12.260  -17.571 9.841   1.00 39.12 ? -4   LEU A CD2   1 
ATOM   36   N N     . TYR A 1 16  ? 17.279  -16.019 11.128  1.00 35.01 ? -3   TYR A N     1 
ATOM   37   C CA    . TYR A 1 16  ? 18.428  -16.890 11.451  1.00 33.03 ? -3   TYR A CA    1 
ATOM   38   C C     . TYR A 1 16  ? 17.987  -18.145 12.206  1.00 27.92 ? -3   TYR A C     1 
ATOM   39   O O     . TYR A 1 16  ? 18.509  -19.217 11.944  1.00 25.15 ? -3   TYR A O     1 
ATOM   40   C CB    . TYR A 1 16  ? 19.527  -16.131 12.204  1.00 36.34 ? -3   TYR A CB    1 
ATOM   41   C CG    . TYR A 1 16  ? 19.955  -14.833 11.512  1.00 42.05 ? -3   TYR A CG    1 
ATOM   42   C CD1   . TYR A 1 16  ? 20.441  -14.835 10.184  1.00 43.41 ? -3   TYR A CD1   1 
ATOM   43   C CD2   . TYR A 1 16  ? 19.865  -13.594 12.184  1.00 44.13 ? -3   TYR A CD2   1 
ATOM   44   C CE1   . TYR A 1 16  ? 20.822  -13.649 9.554   1.00 45.62 ? -3   TYR A CE1   1 
ATOM   45   C CE2   . TYR A 1 16  ? 20.247  -12.404 11.559  1.00 46.20 ? -3   TYR A CE2   1 
ATOM   46   C CZ    . TYR A 1 16  ? 20.723  -12.435 10.249  1.00 48.56 ? -3   TYR A CZ    1 
ATOM   47   O OH    . TYR A 1 16  ? 21.095  -11.253 9.636   1.00 47.65 ? -3   TYR A OH    1 
ATOM   48   N N     . PHE A 1 17  ? 17.016  -17.982 13.105  1.00 27.87 ? -2   PHE A N     1 
ATOM   49   C CA    . PHE A 1 17  ? 16.404  -19.065 13.875  1.00 26.95 ? -2   PHE A CA    1 
ATOM   50   C C     . PHE A 1 17  ? 15.068  -19.416 13.235  1.00 26.51 ? -2   PHE A C     1 
ATOM   51   O O     . PHE A 1 17  ? 14.088  -18.691 13.397  1.00 28.45 ? -2   PHE A O     1 
ATOM   52   C CB    . PHE A 1 17  ? 16.183  -18.640 15.335  1.00 26.60 ? -2   PHE A CB    1 
ATOM   53   C CG    . PHE A 1 17  ? 17.444  -18.267 16.064  1.00 28.21 ? -2   PHE A CG    1 
ATOM   54   C CD1   . PHE A 1 17  ? 18.420  -19.221 16.323  1.00 26.92 ? -2   PHE A CD1   1 
ATOM   55   C CD2   . PHE A 1 17  ? 17.653  -16.958 16.506  1.00 29.48 ? -2   PHE A CD2   1 
ATOM   56   C CE1   . PHE A 1 17  ? 19.579  -18.887 16.994  1.00 28.07 ? -2   PHE A CE1   1 
ATOM   57   C CE2   . PHE A 1 17  ? 18.820  -16.608 17.186  1.00 32.55 ? -2   PHE A CE2   1 
ATOM   58   C CZ    . PHE A 1 17  ? 19.781  -17.585 17.441  1.00 31.52 ? -2   PHE A CZ    1 
ATOM   59   N N     . GLN A 1 18  ? 15.030  -20.542 12.532  1.00 26.64 ? -1   GLN A N     1 
ATOM   60   C CA    . GLN A 1 18  ? 13.854  -20.948 11.774  1.00 24.67 ? -1   GLN A CA    1 
ATOM   61   C C     . GLN A 1 18  ? 12.617  -21.080 12.659  1.00 26.69 ? -1   GLN A C     1 
ATOM   62   O O     . GLN A 1 18  ? 12.659  -21.685 13.732  1.00 26.53 ? -1   GLN A O     1 
ATOM   63   C CB    . GLN A 1 18  ? 14.096  -22.267 11.034  1.00 23.61 ? -1   GLN A CB    1 
ATOM   64   C CG    . GLN A 1 18  ? 12.862  -22.782 10.285  1.00 23.75 ? -1   GLN A CG    1 
ATOM   65   C CD    . GLN A 1 18  ? 13.154  -24.066 9.563   1.00 23.35 ? -1   GLN A CD    1 
ATOM   66   O OE1   . GLN A 1 18  ? 14.245  -24.219 9.002   1.00 24.60 ? -1   GLN A OE1   1 
ATOM   67   N NE2   . GLN A 1 18  ? 12.225  -25.023 9.614   1.00 21.58 ? -1   GLN A NE2   1 
ATOM   68   N N     . GLY A 1 19  ? 11.498  -20.552 12.188  1.00 24.41 ? 0    GLY A N     1 
ATOM   69   C CA    . GLY A 1 19  ? 10.288  -20.606 12.974  1.00 23.85 ? 0    GLY A CA    1 
ATOM   70   C C     . GLY A 1 19  ? 9.322   -19.567 12.452  1.00 24.78 ? 0    GLY A C     1 
ATOM   71   O O     . GLY A 1 19  ? 9.614   -18.857 11.469  1.00 25.42 ? 0    GLY A O     1 
ATOM   72   N N     . MET A 1 20  ? 8.145   -19.496 13.056  1.00 23.44 ? 1    MET A N     1 
ATOM   73   C CA    . MET A 1 20  ? 7.208   -18.492 12.592  1.00 22.66 ? 1    MET A CA    1 
ATOM   74   C C     . MET A 1 20  ? 7.703   -17.086 12.960  1.00 22.58 ? 1    MET A C     1 
ATOM   75   O O     . MET A 1 20  ? 8.041   -16.827 14.111  1.00 23.11 ? 1    MET A O     1 
ATOM   76   C CB    . MET A 1 20  ? 5.810   -18.740 13.165  1.00 22.38 ? 1    MET A CB    1 
ATOM   77   C CG    . MET A 1 20  ? 4.798   -17.702 12.656  1.00 23.34 ? 1    MET A CG    1 
ATOM   78   S SD    . MET A 1 20  ? 3.128   -18.057 13.208  1.00 22.72 ? 1    MET A SD    1 
ATOM   79   C CE    . MET A 1 20  ? 3.302   -17.838 14.962  1.00 20.82 ? 1    MET A CE    1 
ATOM   80   N N     . GLU A 1 21  ? 7.707   -16.153 12.006  1.00 22.91 ? 2    GLU A N     1 
ATOM   81   C CA    . GLU A 1 21  ? 8.055   -14.770 12.346  1.00 24.16 ? 2    GLU A CA    1 
ATOM   82   C C     . GLU A 1 21  ? 7.000   -14.278 13.321  1.00 20.54 ? 2    GLU A C     1 
ATOM   83   O O     . GLU A 1 21  ? 5.818   -14.562 13.139  1.00 21.19 ? 2    GLU A O     1 
ATOM   84   C CB    . GLU A 1 21  ? 8.049   -13.860 11.108  1.00 28.18 ? 2    GLU A CB    1 
ATOM   85   C CG    . GLU A 1 21  ? 8.962   -14.281 9.964   1.00 31.97 ? 2    GLU A CG    1 
ATOM   86   C CD    . GLU A 1 21  ? 8.339   -15.316 9.041   1.00 39.09 ? 2    GLU A CD    1 
ATOM   87   O OE1   . GLU A 1 21  ? 7.162   -15.723 9.236   1.00 38.76 ? 2    GLU A OE1   1 
ATOM   88   O OE2   . GLU A 1 21  ? 9.049   -15.740 8.097   1.00 46.11 ? 2    GLU A OE2   1 
ATOM   89   N N     . GLY A 1 22  ? 7.412   -13.553 14.354  1.00 19.81 ? 3    GLY A N     1 
ATOM   90   C CA    . GLY A 1 22  ? 6.495   -13.077 15.391  1.00 18.22 ? 3    GLY A CA    1 
ATOM   91   C C     . GLY A 1 22  ? 5.428   -12.185 14.786  1.00 17.99 ? 3    GLY A C     1 
ATOM   92   O O     . GLY A 1 22  ? 4.274   -12.213 15.216  1.00 18.49 ? 3    GLY A O     1 
ATOM   93   N N     . TYR A 1 23  ? 5.794   -11.405 13.772  1.00 18.63 ? 4    TYR A N     1 
ATOM   94   C CA    . TYR A 1 23  ? 4.832   -10.482 13.157  1.00 18.15 ? 4    TYR A CA    1 
ATOM   95   C C     . TYR A 1 23  ? 3.655   -11.169 12.486  1.00 17.42 ? 4    TYR A C     1 
ATOM   96   O O     . TYR A 1 23  ? 2.611   -10.542 12.289  1.00 15.69 ? 4    TYR A O     1 
ATOM   97   C CB    . TYR A 1 23  ? 5.515   -9.517  12.207  1.00 18.39 ? 4    TYR A CB    1 
ATOM   98   C CG    . TYR A 1 23  ? 5.949   -10.086 10.885  1.00 20.92 ? 4    TYR A CG    1 
ATOM   99   C CD1   . TYR A 1 23  ? 5.010   -10.419 9.900   1.00 21.94 ? 4    TYR A CD1   1 
ATOM   100  C CD2   . TYR A 1 23  ? 7.310   -10.214 10.574  1.00 22.37 ? 4    TYR A CD2   1 
ATOM   101  C CE1   . TYR A 1 23  ? 5.392   -10.912 8.658   1.00 24.73 ? 4    TYR A CE1   1 
ATOM   102  C CE2   . TYR A 1 23  ? 7.713   -10.686 9.328   1.00 24.25 ? 4    TYR A CE2   1 
ATOM   103  C CZ    . TYR A 1 23  ? 6.748   -11.042 8.373   1.00 26.39 ? 4    TYR A CZ    1 
ATOM   104  O OH    . TYR A 1 23  ? 7.110   -11.512 7.134   1.00 29.85 ? 4    TYR A OH    1 
ATOM   105  N N     . ARG A 1 24  ? 3.785   -12.463 12.157  1.00 17.30 ? 5    ARG A N     1 
ATOM   106  C CA    . ARG A 1 24  ? 2.666   -13.221 11.608  1.00 17.85 ? 5    ARG A CA    1 
ATOM   107  C C     . ARG A 1 24  ? 1.479   -13.229 12.566  1.00 16.22 ? 5    ARG A C     1 
ATOM   108  O O     . ARG A 1 24  ? 0.341   -13.510 12.148  1.00 17.25 ? 5    ARG A O     1 
ATOM   109  C CB    . ARG A 1 24  ? 3.104   -14.669 11.340  1.00 21.20 ? 5    ARG A CB    1 
ATOM   110  C CG    . ARG A 1 24  ? 2.270   -15.449 10.366  1.00 25.41 ? 5    ARG A CG    1 
ATOM   111  C CD    . ARG A 1 24  ? 3.029   -15.580 9.049   1.00 33.21 ? 5    ARG A CD    1 
ATOM   112  N NE    . ARG A 1 24  ? 2.726   -14.423 8.236   1.00 37.33 ? 5    ARG A NE    1 
ATOM   113  C CZ    . ARG A 1 24  ? 3.479   -13.959 7.243   1.00 36.22 ? 5    ARG A CZ    1 
ATOM   114  N NH1   . ARG A 1 24  ? 4.625   -14.547 6.918   1.00 31.98 ? 5    ARG A NH1   1 
ATOM   115  N NH2   . ARG A 1 24  ? 3.079   -12.878 6.589   1.00 35.85 ? 5    ARG A NH2   1 
ATOM   116  N N     . LEU A 1 25  ? 1.711   -12.952 13.844  1.00 15.87 ? 6    LEU A N     1 
ATOM   117  C CA    . LEU A 1 25  ? 0.593   -12.928 14.797  1.00 15.84 ? 6    LEU A CA    1 
ATOM   118  C C     . LEU A 1 25  ? -0.417  -11.805 14.555  1.00 16.95 ? 6    LEU A C     1 
ATOM   119  O O     . LEU A 1 25  ? -1.541  -11.891 15.053  1.00 17.59 ? 6    LEU A O     1 
ATOM   120  C CB    . LEU A 1 25  ? 1.080   -12.900 16.237  1.00 16.13 ? 6    LEU A CB    1 
ATOM   121  C CG    . LEU A 1 25  ? 1.912   -14.150 16.656  1.00 16.66 ? 6    LEU A CG    1 
ATOM   122  C CD1   . LEU A 1 25  ? 2.512   -13.866 18.029  1.00 16.50 ? 6    LEU A CD1   1 
ATOM   123  C CD2   . LEU A 1 25  ? 1.084   -15.445 16.608  1.00 16.45 ? 6    LEU A CD2   1 
ATOM   124  N N     . LEU A 1 26  ? -0.016  -10.757 13.821  1.00 15.37 ? 7    LEU A N     1 
ATOM   125  C CA    . LEU A 1 26  ? -0.967  -9.702  13.413  1.00 15.40 ? 7    LEU A CA    1 
ATOM   126  C C     . LEU A 1 26  ? -1.719  -10.047 12.112  1.00 14.11 ? 7    LEU A C     1 
ATOM   127  O O     . LEU A 1 26  ? -2.651  -9.338  11.728  1.00 14.55 ? 7    LEU A O     1 
ATOM   128  C CB    . LEU A 1 26  ? -0.244  -8.361  13.231  1.00 16.37 ? 7    LEU A CB    1 
ATOM   129  C CG    . LEU A 1 26  ? 0.269   -7.617  14.473  1.00 19.39 ? 7    LEU A CG    1 
ATOM   130  C CD1   . LEU A 1 26  ? -0.846  -7.514  15.477  1.00 20.16 ? 7    LEU A CD1   1 
ATOM   131  C CD2   . LEU A 1 26  ? 1.493   -8.307  15.042  1.00 23.04 ? 7    LEU A CD2   1 
ATOM   132  N N     . TYR A 1 27  ? -1.323  -11.128 11.437  1.00 12.62 ? 8    TYR A N     1 
ATOM   133  C CA    . TYR A 1 27  ? -1.903  -11.509 10.148  1.00 13.57 ? 8    TYR A CA    1 
ATOM   134  C C     . TYR A 1 27  ? -3.201  -12.334 10.312  1.00 13.25 ? 8    TYR A C     1 
ATOM   135  O O     . TYR A 1 27  ? -3.397  -12.950 11.380  1.00 13.40 ? 8    TYR A O     1 
ATOM   136  C CB    . TYR A 1 27  ? -0.866  -12.287 9.316   1.00 13.72 ? 8    TYR A CB    1 
ATOM   137  C CG    . TYR A 1 27  ? 0.077   -11.340 8.611   1.00 13.27 ? 8    TYR A CG    1 
ATOM   138  C CD1   . TYR A 1 27  ? 1.009   -10.549 9.335   1.00 13.96 ? 8    TYR A CD1   1 
ATOM   139  C CD2   . TYR A 1 27  ? 0.029   -11.217 7.219   1.00 14.50 ? 8    TYR A CD2   1 
ATOM   140  C CE1   . TYR A 1 27  ? 1.844   -9.655  8.668   1.00 13.48 ? 8    TYR A CE1   1 
ATOM   141  C CE2   . TYR A 1 27  ? 0.884   -10.347 6.540   1.00 13.50 ? 8    TYR A CE2   1 
ATOM   142  C CZ    . TYR A 1 27  ? 1.781   -9.564  7.279   1.00 13.19 ? 8    TYR A CZ    1 
ATOM   143  O OH    . TYR A 1 27  ? 2.592   -8.700  6.582   1.00 13.19 ? 8    TYR A OH    1 
ATOM   144  N N     . PRO A 1 28  ? -4.064  -12.357 9.261   1.00 14.15 ? 9    PRO A N     1 
ATOM   145  C CA    . PRO A 1 28  ? -3.925  -11.717 7.948   1.00 13.56 ? 9    PRO A CA    1 
ATOM   146  C C     . PRO A 1 28  ? -4.047  -10.185 8.023   1.00 13.86 ? 9    PRO A C     1 
ATOM   147  O O     . PRO A 1 28  ? -4.789  -9.662  8.850   1.00 14.36 ? 9    PRO A O     1 
ATOM   148  C CB    . PRO A 1 28  ? -5.115  -12.269 7.118   1.00 14.53 ? 9    PRO A CB    1 
ATOM   149  C CG    . PRO A 1 28  ? -5.583  -13.481 7.875   1.00 14.28 ? 9    PRO A CG    1 
ATOM   150  C CD    . PRO A 1 28  ? -5.258  -13.228 9.329   1.00 13.82 ? 9    PRO A CD    1 
ATOM   151  N N     . MET A 1 29  ? -3.295  -9.508  7.182   1.00 14.64 ? 10   MET A N     1 
ATOM   152  C CA    . MET A 1 29  ? -3.294  -8.047  7.102   1.00 15.49 ? 10   MET A CA    1 
ATOM   153  C C     . MET A 1 29  ? -3.718  -7.615  5.728   1.00 13.17 ? 10   MET A C     1 
ATOM   154  O O     . MET A 1 29  ? -3.433  -8.284  4.748   1.00 13.73 ? 10   MET A O     1 
ATOM   155  C CB    . MET A 1 29  ? -1.871  -7.482  7.311   1.00 16.68 ? 10   MET A CB    1 
ATOM   156  C CG    . MET A 1 29  ? -1.324  -7.661  8.705   1.00 20.01 ? 10   MET A CG    1 
ATOM   157  S SD    . MET A 1 29  ? 0.219   -6.761  8.987   1.00 21.76 ? 10   MET A SD    1 
ATOM   158  C CE    . MET A 1 29  ? -0.296  -5.079  9.324   1.00 22.95 ? 10   MET A CE    1 
ATOM   159  N N     . ARG A 1 30  ? -4.291  -6.423  5.618   1.00 12.10 ? 11   ARG A N     1 
ATOM   160  C CA    . ARG A 1 30  ? -4.581  -5.874  4.268   1.00 11.76 ? 11   ARG A CA    1 
ATOM   161  C C     . ARG A 1 30  ? -3.308  -5.621  3.477   1.00 12.61 ? 11   ARG A C     1 
ATOM   162  O O     . ARG A 1 30  ? -2.284  -5.270  4.058   1.00 12.18 ? 11   ARG A O     1 
ATOM   163  C CB    . ARG A 1 30  ? -5.337  -4.542  4.399   1.00 11.57 ? 11   ARG A CB    1 
ATOM   164  C CG    . ARG A 1 30  ? -6.807  -4.693  4.830   1.00 11.92 ? 11   ARG A CG    1 
ATOM   165  C CD    . ARG A 1 30  ? -7.724  -5.308  3.744   1.00 12.42 ? 11   ARG A CD    1 
ATOM   166  N NE    . ARG A 1 30  ? -7.595  -4.590  2.472   1.00 12.82 ? 11   ARG A NE    1 
ATOM   167  C CZ    . ARG A 1 30  ? -8.098  -3.366  2.244   1.00 11.93 ? 11   ARG A CZ    1 
ATOM   168  N NH1   . ARG A 1 30  ? -8.805  -2.761  3.195   1.00 12.60 ? 11   ARG A NH1   1 
ATOM   169  N NH2   . ARG A 1 30  ? -7.906  -2.729  1.089   1.00 12.13 ? 11   ARG A NH2   1 
ATOM   170  N N     . THR A 1 31  ? -3.373  -5.791  2.167   1.00 12.52 ? 12   THR A N     1 
ATOM   171  C CA    . THR A 1 31  ? -2.244  -5.488  1.281   1.00 13.34 ? 12   THR A CA    1 
ATOM   172  C C     . THR A 1 31  ? -2.592  -4.288  0.428   1.00 13.14 ? 12   THR A C     1 
ATOM   173  O O     . THR A 1 31  ? -3.672  -4.242  -0.223  1.00 13.42 ? 12   THR A O     1 
ATOM   174  C CB    . THR A 1 31  ? -1.873  -6.683  0.371   1.00 12.71 ? 12   THR A CB    1 
ATOM   175  O OG1   . THR A 1 31  ? -1.529  -7.802  1.199   1.00 14.48 ? 12   THR A OG1   1 
ATOM   176  C CG2   . THR A 1 31  ? -0.612  -6.322  -0.482  1.00 13.91 ? 12   THR A CG2   1 
ATOM   177  N N     . TYR A 1 32  ? -1.694  -3.302  0.405   1.00 12.30 ? 13   TYR A N     1 
ATOM   178  C CA    . TYR A 1 32  ? -1.899  -2.099  -0.388  1.00 11.29 ? 13   TYR A CA    1 
ATOM   179  C C     . TYR A 1 32  ? -0.750  -1.963  -1.415  1.00 12.25 ? 13   TYR A C     1 
ATOM   180  O O     . TYR A 1 32  ? 0.183   -2.763  -1.401  1.00 13.53 ? 13   TYR A O     1 
ATOM   181  C CB    . TYR A 1 32  ? -1.895  -0.896  0.517   1.00 11.63 ? 13   TYR A CB    1 
ATOM   182  C CG    . TYR A 1 32  ? -2.925  -0.963  1.605   1.00 11.14 ? 13   TYR A CG    1 
ATOM   183  C CD1   . TYR A 1 32  ? -4.248  -0.503  1.381   1.00 11.63 ? 13   TYR A CD1   1 
ATOM   184  C CD2   . TYR A 1 32  ? -2.604  -1.449  2.879   1.00 11.94 ? 13   TYR A CD2   1 
ATOM   185  C CE1   . TYR A 1 32  ? -5.201  -0.560  2.383   1.00 11.26 ? 13   TYR A CE1   1 
ATOM   186  C CE2   . TYR A 1 32  ? -3.574  -1.493  3.900   1.00 10.98 ? 13   TYR A CE2   1 
ATOM   187  C CZ    . TYR A 1 32  ? -4.871  -1.027  3.622   1.00 12.02 ? 13   TYR A CZ    1 
ATOM   188  O OH    . TYR A 1 32  ? -5.823  -1.087  4.607   1.00 13.55 ? 13   TYR A OH    1 
ATOM   189  N N     . LEU A 1 33  ? -0.832  -0.950  -2.269  1.00 12.34 ? 14   LEU A N     1 
ATOM   190  C CA    . LEU A 1 33  ? 0.269   -0.648  -3.217  1.00 12.87 ? 14   LEU A CA    1 
ATOM   191  C C     . LEU A 1 33  ? 0.775   0.720   -2.853  1.00 12.39 ? 14   LEU A C     1 
ATOM   192  O O     . LEU A 1 33  ? 0.000   1.597   -2.485  1.00 12.30 ? 14   LEU A O     1 
ATOM   193  C CB    . LEU A 1 33  ? -0.220  -0.651  -4.684  1.00 12.76 ? 14   LEU A CB    1 
ATOM   194  C CG    . LEU A 1 33  ? -0.598  -2.020  -5.269  1.00 13.38 ? 14   LEU A CG    1 
ATOM   195  C CD1   . LEU A 1 33  ? -1.124  -1.843  -6.699  1.00 15.83 ? 14   LEU A CD1   1 
ATOM   196  C CD2   . LEU A 1 33  ? 0.542   -3.012  -5.284  1.00 14.99 ? 14   LEU A CD2   1 
ATOM   197  N N     . ILE A 1 34  ? 2.087   0.918   -2.921  1.00 12.33 ? 15   ILE A N     1 
ATOM   198  C CA    . ILE A 1 34  ? 2.609   2.253   -2.685  1.00 12.83 ? 15   ILE A CA    1 
ATOM   199  C C     . ILE A 1 34  ? 3.224   2.744   -3.969  1.00 14.25 ? 15   ILE A C     1 
ATOM   200  O O     . ILE A 1 34  ? 4.158   2.092   -4.481  1.00 14.80 ? 15   ILE A O     1 
ATOM   201  C CB    . ILE A 1 34  ? 3.719   2.223   -1.614  1.00 12.39 ? 15   ILE A CB    1 
ATOM   202  C CG1   . ILE A 1 34  ? 3.174   1.651   -0.304  1.00 12.82 ? 15   ILE A CG1   1 
ATOM   203  C CG2   . ILE A 1 34  ? 4.301   3.614   -1.407  1.00 12.98 ? 15   ILE A CG2   1 
ATOM   204  C CD1   . ILE A 1 34  ? 2.129   2.546   0.368   1.00 13.45 ? 15   ILE A CD1   1 
ATOM   205  N N     . VAL A 1 35  ? 2.691   3.851   -4.500  1.00 15.40 ? 16   VAL A N     1 
ATOM   206  C CA    . VAL A 1 35  ? 3.284   4.498   -5.685  1.00 16.39 ? 16   VAL A CA    1 
ATOM   207  C C     . VAL A 1 35  ? 4.275   5.568   -5.213  1.00 16.37 ? 16   VAL A C     1 
ATOM   208  O O     . VAL A 1 35  ? 4.036   6.287   -4.237  1.00 16.99 ? 16   VAL A O     1 
ATOM   209  C CB    . VAL A 1 35  ? 2.199   5.083   -6.628  1.00 15.39 ? 16   VAL A CB    1 
ATOM   210  C CG1   . VAL A 1 35  ? 2.766   5.419   -8.019  1.00 15.35 ? 16   VAL A CG1   1 
ATOM   211  C CG2   . VAL A 1 35  ? 1.064   4.075   -6.775  1.00 16.00 ? 16   VAL A CG2   1 
ATOM   212  N N     . SER A 1 36  ? 5.418   5.658   -5.887  1.00 18.00 ? 17   SER A N     1 
ATOM   213  C CA    . SER A 1 36  ? 6.387   6.723   -5.585  1.00 17.12 ? 17   SER A CA    1 
ATOM   214  C C     . SER A 1 36  ? 7.062   7.188   -6.882  1.00 18.50 ? 17   SER A C     1 
ATOM   215  O O     . SER A 1 36  ? 6.908   6.532   -7.922  1.00 17.13 ? 17   SER A O     1 
ATOM   216  C CB    . SER A 1 36  ? 7.454   6.228   -4.568  1.00 16.20 ? 17   SER A CB    1 
ATOM   217  O OG    . SER A 1 36  ? 8.137   5.057   -5.036  1.00 16.83 ? 17   SER A OG    1 
ATOM   218  N N     . GLY A 1 37  ? 7.785   8.308   -6.804  1.00 19.35 ? 18   GLY A N     1 
ATOM   219  C CA    . GLY A 1 37  ? 8.429   8.923   -7.966  1.00 22.77 ? 18   GLY A CA    1 
ATOM   220  C C     . GLY A 1 37  ? 7.427   9.532   -8.944  1.00 26.71 ? 18   GLY A C     1 
ATOM   221  O O     . GLY A 1 37  ? 6.225   9.559   -8.691  1.00 23.15 ? 18   GLY A O     1 
ATOM   222  N N     . HIS A 1 38  ? 7.927   10.074  -10.063 1.00 32.29 ? 19   HIS A N     1 
ATOM   223  C CA    . HIS A 1 38  ? 7.051   10.468  -11.177 1.00 35.54 ? 19   HIS A CA    1 
ATOM   224  C C     . HIS A 1 38  ? 7.825   10.518  -12.459 1.00 35.90 ? 19   HIS A C     1 
ATOM   225  O O     . HIS A 1 38  ? 9.046   10.369  -12.460 1.00 36.72 ? 19   HIS A O     1 
ATOM   226  C CB    . HIS A 1 38  ? 6.362   11.811  -10.956 1.00 38.01 ? 19   HIS A CB    1 
ATOM   227  C CG    . HIS A 1 38  ? 7.105   12.739  -10.046 1.00 43.73 ? 19   HIS A CG    1 
ATOM   228  N ND1   . HIS A 1 38  ? 8.237   13.424  -10.437 1.00 44.41 ? 19   HIS A ND1   1 
ATOM   229  C CD2   . HIS A 1 38  ? 6.859   13.114  -8.766  1.00 44.81 ? 19   HIS A CD2   1 
ATOM   230  C CE1   . HIS A 1 38  ? 8.649   14.184  -9.439  1.00 49.05 ? 19   HIS A CE1   1 
ATOM   231  N NE2   . HIS A 1 38  ? 7.832   14.014  -8.413  1.00 46.22 ? 19   HIS A NE2   1 
ATOM   232  N N     . GLY A 1 39  ? 7.111   10.738  -13.550 1.00 37.84 ? 20   GLY A N     1 
ATOM   233  C CA    . GLY A 1 39  ? 7.705   10.603  -14.858 1.00 37.96 ? 20   GLY A CA    1 
ATOM   234  C C     . GLY A 1 39  ? 8.248   9.206   -14.983 1.00 36.49 ? 20   GLY A C     1 
ATOM   235  O O     . GLY A 1 39  ? 7.648   8.250   -14.490 1.00 38.78 ? 20   GLY A O     1 
ATOM   236  N N     . GLU A 1 40  ? 9.420   9.096   -15.601 1.00 37.54 ? 21   GLU A N     1 
ATOM   237  C CA    . GLU A 1 40  ? 10.055  7.806   -15.876 1.00 34.09 ? 21   GLU A CA    1 
ATOM   238  C C     . GLU A 1 40  ? 10.568  7.122   -14.601 1.00 32.78 ? 21   GLU A C     1 
ATOM   239  O O     . GLU A 1 40  ? 10.939  5.946   -14.635 1.00 31.15 ? 21   GLU A O     1 
ATOM   240  C CB    . GLU A 1 40  ? 11.203  7.996   -16.886 1.00 38.20 ? 21   GLU A CB    1 
ATOM   241  C CG    . GLU A 1 40  ? 10.722  8.151   -18.331 1.00 43.46 ? 21   GLU A CG    1 
ATOM   242  C CD    . GLU A 1 40  ? 11.815  8.580   -19.309 1.00 48.31 ? 21   GLU A CD    1 
ATOM   243  O OE1   . GLU A 1 40  ? 12.547  9.559   -19.035 1.00 48.12 ? 21   GLU A OE1   1 
ATOM   244  O OE2   . GLU A 1 40  ? 11.934  7.940   -20.375 1.00 49.89 ? 21   GLU A OE2   1 
ATOM   245  N N     . GLU A 1 41  ? 10.580  7.854   -13.487 1.00 30.47 ? 22   GLU A N     1 
ATOM   246  C CA    . GLU A 1 41  ? 10.990  7.264   -12.203 1.00 29.83 ? 22   GLU A CA    1 
ATOM   247  C C     . GLU A 1 41  ? 9.820   6.649   -11.451 1.00 28.29 ? 22   GLU A C     1 
ATOM   248  O O     . GLU A 1 41  ? 10.024  6.152   -10.354 1.00 27.89 ? 22   GLU A O     1 
ATOM   249  C CB    . GLU A 1 41  ? 11.657  8.292   -11.283 1.00 28.67 ? 22   GLU A CB    1 
ATOM   250  C CG    . GLU A 1 41  ? 13.054  8.735   -11.675 1.00 32.77 ? 22   GLU A CG    1 
ATOM   251  C CD    . GLU A 1 41  ? 13.720  9.513   -10.552 1.00 32.99 ? 22   GLU A CD    1 
ATOM   252  O OE1   . GLU A 1 41  ? 13.209  10.578  -10.175 1.00 31.80 ? 22   GLU A OE1   1 
ATOM   253  O OE2   . GLU A 1 41  ? 14.742  9.040   -10.006 1.00 36.23 ? 22   GLU A OE2   1 
ATOM   254  N N     . THR A 1 42  ? 8.607   6.705   -12.005 1.00 26.18 ? 23   THR A N     1 
ATOM   255  C CA    . THR A 1 42  ? 7.439   6.128   -11.287 1.00 24.57 ? 23   THR A CA    1 
ATOM   256  C C     . THR A 1 42  ? 7.673   4.656   -10.897 1.00 21.98 ? 23   THR A C     1 
ATOM   257  O O     . THR A 1 42  ? 8.099   3.855   -11.711 1.00 23.12 ? 23   THR A O     1 
ATOM   258  C CB    . THR A 1 42  ? 6.129   6.294   -12.081 1.00 23.93 ? 23   THR A CB    1 
ATOM   259  O OG1   . THR A 1 42  ? 5.898   7.689   -12.283 1.00 24.61 ? 23   THR A OG1   1 
ATOM   260  C CG2   . THR A 1 42  ? 4.933   5.720   -11.301 1.00 23.46 ? 23   THR A CG2   1 
ATOM   261  N N     . ASN A 1 43  ? 7.423   4.311   -9.629  1.00 19.56 ? 24   ASN A N     1 
ATOM   262  C CA    . ASN A 1 43  ? 7.599   2.964   -9.144  1.00 16.89 ? 24   ASN A CA    1 
ATOM   263  C C     . ASN A 1 43  ? 6.360   2.514   -8.350  1.00 16.31 ? 24   ASN A C     1 
ATOM   264  O O     . ASN A 1 43  ? 5.592   3.360   -7.890  1.00 15.35 ? 24   ASN A O     1 
ATOM   265  C CB    . ASN A 1 43  ? 8.846   2.873   -8.254  1.00 18.41 ? 24   ASN A CB    1 
ATOM   266  C CG    . ASN A 1 43  ? 9.277   1.434   -8.004  1.00 17.48 ? 24   ASN A CG    1 
ATOM   267  O OD1   . ASN A 1 43  ? 9.255   0.602   -8.919  1.00 18.40 ? 24   ASN A OD1   1 
ATOM   268  N ND2   . ASN A 1 43  ? 9.610   1.109   -6.738  1.00 17.30 ? 24   ASN A ND2   1 
ATOM   269  N N     . VAL A 1 44  ? 6.176   1.208   -8.216  1.00 15.41 ? 25   VAL A N     1 
ATOM   270  C CA    . VAL A 1 44  ? 5.072   0.673   -7.387  1.00 15.73 ? 25   VAL A CA    1 
ATOM   271  C C     . VAL A 1 44  ? 5.641   -0.490  -6.601  1.00 15.94 ? 25   VAL A C     1 
ATOM   272  O O     . VAL A 1 44  ? 6.362   -1.301  -7.170  1.00 16.45 ? 25   VAL A O     1 
ATOM   273  C CB    . VAL A 1 44  ? 3.794   0.229   -8.217  1.00 15.98 ? 25   VAL A CB    1 
ATOM   274  C CG1   . VAL A 1 44  ? 2.702   -0.342  -7.289  1.00 15.65 ? 25   VAL A CG1   1 
ATOM   275  C CG2   . VAL A 1 44  ? 3.226   1.378   -9.057  1.00 16.12 ? 25   VAL A CG2   1 
ATOM   276  N N     . MET A 1 45  ? 5.345   -0.582  -5.279  1.00 14.04 ? 26   MET A N     1 
ATOM   277  C CA    . MET A 1 45  ? 5.661   -1.806  -4.510  1.00 13.24 ? 26   MET A CA    1 
ATOM   278  C C     . MET A 1 45  ? 4.440   -2.209  -3.693  1.00 13.21 ? 26   MET A C     1 
ATOM   279  O O     . MET A 1 45  ? 3.506   -1.399  -3.540  1.00 14.69 ? 26   MET A O     1 
ATOM   280  C CB    . MET A 1 45  ? 6.877   -1.608  -3.554  1.00 12.94 ? 26   MET A CB    1 
ATOM   281  C CG    . MET A 1 45  ? 6.575   -0.846  -2.273  1.00 12.61 ? 26   MET A CG    1 
ATOM   282  S SD    . MET A 1 45  ? 7.932   -1.049  -1.081  1.00 13.07 ? 26   MET A SD    1 
ATOM   283  C CE    . MET A 1 45  ? 6.987   -0.904  0.454   1.00 11.57 ? 26   MET A CE    1 
ATOM   284  N N     . ALA A 1 46  ? 4.446   -3.450  -3.218  1.00 13.42 ? 27   ALA A N     1 
ATOM   285  C CA    . ALA A 1 46  ? 3.417   -3.937  -2.302  1.00 12.70 ? 27   ALA A CA    1 
ATOM   286  C C     . ALA A 1 46  ? 3.791   -3.558  -0.884  1.00 13.13 ? 27   ALA A C     1 
ATOM   287  O O     . ALA A 1 46  ? 4.989   -3.607  -0.514  1.00 14.37 ? 27   ALA A O     1 
ATOM   288  C CB    . ALA A 1 46  ? 3.320   -5.451  -2.396  1.00 12.73 ? 27   ALA A CB    1 
ATOM   289  N N     . ALA A 1 47  ? 2.786   -3.188  -0.088  1.00 11.57 ? 28   ALA A N     1 
ATOM   290  C CA    . ALA A 1 47  ? 2.971   -2.891  1.343   1.00 10.76 ? 28   ALA A CA    1 
ATOM   291  C C     . ALA A 1 47  ? 1.807   -3.399  2.151   1.00 10.19 ? 28   ALA A C     1 
ATOM   292  O O     . ALA A 1 47  ? 0.653   -2.992  1.928   1.00 12.06 ? 28   ALA A O     1 
ATOM   293  C CB    . ALA A 1 47  ? 3.094   -1.387  1.566   1.00 10.69 ? 28   ALA A CB    1 
ATOM   294  N N     . ASP A 1 48  ? 2.121   -4.200  3.143   1.00 9.93  ? 29   ASP A N     1 
ATOM   295  C CA    . ASP A 1 48  ? 1.163   -4.622  4.166   1.00 10.02 ? 29   ASP A CA    1 
ATOM   296  C C     . ASP A 1 48  ? 1.182   -3.700  5.377   1.00 10.70 ? 29   ASP A C     1 
ATOM   297  O O     . ASP A 1 48  ? 0.207   -3.597  6.084   1.00 10.87 ? 29   ASP A O     1 
ATOM   298  C CB    . ASP A 1 48  ? 1.570   -5.989  4.726   1.00 11.37 ? 29   ASP A CB    1 
ATOM   299  C CG    . ASP A 1 48  ? 1.225   -7.158  3.828   1.00 13.09 ? 29   ASP A CG    1 
ATOM   300  O OD1   . ASP A 1 48  ? 0.543   -6.986  2.782   1.00 13.08 ? 29   ASP A OD1   1 
ATOM   301  O OD2   . ASP A 1 48  ? 1.688   -8.258  4.221   1.00 14.08 ? 29   ASP A OD2   1 
ATOM   302  N N     . TRP A 1 49  ? 2.325   -3.069  5.670   1.00 10.92 ? 30   TRP A N     1 
ATOM   303  C CA    . TRP A 1 49  ? 2.530   -2.425  6.955   1.00 11.10 ? 30   TRP A CA    1 
ATOM   304  C C     . TRP A 1 49  ? 2.121   -0.964  6.866   1.00 10.68 ? 30   TRP A C     1 
ATOM   305  O O     . TRP A 1 49  ? 2.951   -0.064  6.845   1.00 11.32 ? 30   TRP A O     1 
ATOM   306  C CB    . TRP A 1 49  ? 3.978   -2.651  7.423   1.00 10.86 ? 30   TRP A CB    1 
ATOM   307  C CG    . TRP A 1 49  ? 4.267   -4.086  7.701   1.00 12.31 ? 30   TRP A CG    1 
ATOM   308  C CD1   . TRP A 1 49  ? 3.373   -5.132  7.654   1.00 11.68 ? 30   TRP A CD1   1 
ATOM   309  C CD2   . TRP A 1 49  ? 5.511   -4.645  8.180   1.00 12.58 ? 30   TRP A CD2   1 
ATOM   310  N NE1   . TRP A 1 49  ? 3.999   -6.312  8.000   1.00 11.97 ? 30   TRP A NE1   1 
ATOM   311  C CE2   . TRP A 1 49  ? 5.311   -6.043  8.322   1.00 13.00 ? 30   TRP A CE2   1 
ATOM   312  C CE3   . TRP A 1 49  ? 6.796   -4.111  8.434   1.00 13.79 ? 30   TRP A CE3   1 
ATOM   313  C CZ2   . TRP A 1 49  ? 6.346   -6.923  8.750   1.00 13.26 ? 30   TRP A CZ2   1 
ATOM   314  C CZ3   . TRP A 1 49  ? 7.803   -4.983  8.877   1.00 13.36 ? 30   TRP A CZ3   1 
ATOM   315  C CH2   . TRP A 1 49  ? 7.578   -6.366  9.012   1.00 12.91 ? 30   TRP A CH2   1 
ATOM   316  N N     . VAL A 1 50  ? 0.804   -0.755  6.771   1.00 9.88  ? 31   VAL A N     1 
ATOM   317  C CA    . VAL A 1 50  ? 0.189   0.561   6.532   1.00 10.14 ? 31   VAL A CA    1 
ATOM   318  C C     . VAL A 1 50  ? -0.886  0.729   7.567   1.00 11.45 ? 31   VAL A C     1 
ATOM   319  O O     . VAL A 1 50  ? -1.615  -0.196  7.802   1.00 13.25 ? 31   VAL A O     1 
ATOM   320  C CB    . VAL A 1 50  ? -0.508  0.560   5.118   1.00 10.14 ? 31   VAL A CB    1 
ATOM   321  C CG1   . VAL A 1 50  ? -1.359  1.818   4.839   1.00 10.99 ? 31   VAL A CG1   1 
ATOM   322  C CG2   . VAL A 1 50  ? 0.518   0.319   3.982   1.00 10.32 ? 31   VAL A CG2   1 
ATOM   323  N N     . THR A 1 51  ? -1.007  1.910   8.154   1.00 12.19 ? 32   THR A N     1 
ATOM   324  C CA    . THR A 1 51  ? -2.181  2.191   8.948   1.00 12.08 ? 32   THR A CA    1 
ATOM   325  C C     . THR A 1 51  ? -2.509  3.679   8.965   1.00 12.79 ? 32   THR A C     1 
ATOM   326  O O     . THR A 1 51  ? -1.810  4.508   8.376   1.00 13.26 ? 32   THR A O     1 
ATOM   327  C CB    . THR A 1 51  ? -2.035  1.662   10.380  1.00 12.82 ? 32   THR A CB    1 
ATOM   328  O OG1   . THR A 1 51  ? -3.332  1.622   10.978  1.00 14.24 ? 32   THR A OG1   1 
ATOM   329  C CG2   . THR A 1 51  ? -1.037  2.543   11.212  1.00 11.03 ? 32   THR A CG2   1 
ATOM   330  N N     . VAL A 1 52  ? -3.652  3.964   9.568   1.00 12.92 ? 33   VAL A N     1 
ATOM   331  C CA    . VAL A 1 52  ? -4.128  5.356   9.746   1.00 12.77 ? 33   VAL A CA    1 
ATOM   332  C C     . VAL A 1 52  ? -3.538  5.797   11.072  1.00 13.07 ? 33   VAL A C     1 
ATOM   333  O O     . VAL A 1 52  ? -3.468  4.979   12.018  1.00 13.57 ? 33   VAL A O     1 
ATOM   334  C CB    . VAL A 1 52  ? -5.675  5.423   9.795   1.00 12.91 ? 33   VAL A CB    1 
ATOM   335  C CG1   . VAL A 1 52  ? -6.137  6.870   9.997   1.00 12.72 ? 33   VAL A CG1   1 
ATOM   336  C CG2   . VAL A 1 52  ? -6.274  4.867   8.514   1.00 12.61 ? 33   VAL A CG2   1 
ATOM   337  N N     . VAL A 1 53  ? -3.089  7.064   11.163  1.00 14.48 ? 34   VAL A N     1 
ATOM   338  C CA    . VAL A 1 53  ? -2.539  7.572   12.442  1.00 14.36 ? 34   VAL A CA    1 
ATOM   339  C C     . VAL A 1 53  ? -3.281  8.828   12.945  1.00 16.07 ? 34   VAL A C     1 
ATOM   340  O O     . VAL A 1 53  ? -2.980  9.300   14.020  1.00 16.27 ? 34   VAL A O     1 
ATOM   341  C CB    . VAL A 1 53  ? -0.976  7.768   12.462  1.00 14.38 ? 34   VAL A CB    1 
ATOM   342  C CG1   . VAL A 1 53  ? -0.234  6.474   12.102  1.00 12.85 ? 34   VAL A CG1   1 
ATOM   343  C CG2   . VAL A 1 53  ? -0.505  8.914   11.562  1.00 13.99 ? 34   VAL A CG2   1 
ATOM   344  N N     . SER A 1 54  ? -4.252  9.339   12.183  1.00 15.72 ? 35   SER A N     1 
ATOM   345  C CA    . SER A 1 54  ? -5.004  10.507  12.631  1.00 16.14 ? 35   SER A CA    1 
ATOM   346  C C     . SER A 1 54  ? -6.284  10.662  11.832  1.00 18.71 ? 35   SER A C     1 
ATOM   347  O O     . SER A 1 54  ? -6.308  10.371  10.632  1.00 17.81 ? 35   SER A O     1 
ATOM   348  C CB    . SER A 1 54  ? -4.136  11.761  12.527  1.00 16.51 ? 35   SER A CB    1 
ATOM   349  O OG    . SER A 1 54  ? -4.892  12.910  12.919  1.00 17.98 ? 35   SER A OG    1 
ATOM   350  N N     . PHE A 1 55  ? -7.345  11.093  12.498  1.00 20.00 ? 36   PHE A N     1 
ATOM   351  C CA    . PHE A 1 55  ? -8.625  11.285  11.829  1.00 21.81 ? 36   PHE A CA    1 
ATOM   352  C C     . PHE A 1 55  ? -8.707  12.670  11.192  1.00 22.46 ? 36   PHE A C     1 
ATOM   353  O O     . PHE A 1 55  ? -8.965  12.790  9.984   1.00 22.82 ? 36   PHE A O     1 
ATOM   354  C CB    . PHE A 1 55  ? -9.794  11.056  12.793  1.00 23.88 ? 36   PHE A CB    1 
ATOM   355  C CG    . PHE A 1 55  ? -11.043 11.761  12.375  1.00 23.63 ? 36   PHE A CG    1 
ATOM   356  C CD1   . PHE A 1 55  ? -11.658 11.463  11.152  1.00 25.06 ? 36   PHE A CD1   1 
ATOM   357  C CD2   . PHE A 1 55  ? -11.602 12.754  13.184  1.00 26.63 ? 36   PHE A CD2   1 
ATOM   358  C CE1   . PHE A 1 55  ? -12.807 12.143  10.745  1.00 26.97 ? 36   PHE A CE1   1 
ATOM   359  C CE2   . PHE A 1 55  ? -12.774 13.407  12.795  1.00 26.44 ? 36   PHE A CE2   1 
ATOM   360  C CZ    . PHE A 1 55  ? -13.373 13.111  11.571  1.00 24.69 ? 36   PHE A CZ    1 
ATOM   361  N N     . ASP A 1 56  ? -8.459  13.693  12.011  1.00 24.25 ? 37   ASP A N     1 
ATOM   362  C CA    . ASP A 1 56  ? -8.513  15.095  11.587  1.00 26.61 ? 37   ASP A CA    1 
ATOM   363  C C     . ASP A 1 56  ? -7.299  15.806  12.157  1.00 25.38 ? 37   ASP A C     1 
ATOM   364  O O     . ASP A 1 56  ? -7.233  15.997  13.363  1.00 24.04 ? 37   ASP A O     1 
ATOM   365  C CB    . ASP A 1 56  ? -9.797  15.741  12.105  1.00 30.69 ? 37   ASP A CB    1 
ATOM   366  C CG    . ASP A 1 56  ? -10.057 17.116  11.505  1.00 34.39 ? 37   ASP A CG    1 
ATOM   367  O OD1   . ASP A 1 56  ? -9.272  17.585  10.648  1.00 37.69 ? 37   ASP A OD1   1 
ATOM   368  O OD2   . ASP A 1 56  ? -11.071 17.718  11.890  1.00 37.85 ? 37   ASP A OD2   1 
ATOM   369  N N     . PRO A 1 57  ? -6.317  16.169  11.301  1.00 24.39 ? 38   PRO A N     1 
ATOM   370  C CA    . PRO A 1 57  ? -6.327  15.914  9.868   1.00 23.29 ? 38   PRO A CA    1 
ATOM   371  C C     . PRO A 1 57  ? -6.118  14.433  9.589   1.00 20.47 ? 38   PRO A C     1 
ATOM   372  O O     . PRO A 1 57  ? -5.623  13.721  10.444  1.00 20.50 ? 38   PRO A O     1 
ATOM   373  C CB    . PRO A 1 57  ? -5.082  16.629  9.382   1.00 23.94 ? 38   PRO A CB    1 
ATOM   374  C CG    . PRO A 1 57  ? -4.152  16.611  10.547  1.00 26.94 ? 38   PRO A CG    1 
ATOM   375  C CD    . PRO A 1 57  ? -5.031  16.734  11.758  1.00 25.82 ? 38   PRO A CD    1 
ATOM   376  N N     . PHE A 1 58  ? -6.458  13.993  8.384   1.00 19.24 ? 39   PHE A N     1 
ATOM   377  C CA    . PHE A 1 58  ? -6.244  12.572  7.964   1.00 17.78 ? 39   PHE A CA    1 
ATOM   378  C C     . PHE A 1 58  ? -4.755  12.364  7.680   1.00 17.10 ? 39   PHE A C     1 
ATOM   379  O O     . PHE A 1 58  ? -4.181  12.994  6.791   1.00 16.74 ? 39   PHE A O     1 
ATOM   380  C CB    . PHE A 1 58  ? -7.199  12.340  6.782   1.00 17.80 ? 39   PHE A CB    1 
ATOM   381  C CG    . PHE A 1 58  ? -7.126  10.989  6.097   1.00 17.43 ? 39   PHE A CG    1 
ATOM   382  C CD1   . PHE A 1 58  ? -6.701  9.813   6.735   1.00 17.95 ? 39   PHE A CD1   1 
ATOM   383  C CD2   . PHE A 1 58  ? -7.556  10.903  4.797   1.00 16.70 ? 39   PHE A CD2   1 
ATOM   384  C CE1   . PHE A 1 58  ? -6.669  8.615   6.053   1.00 17.16 ? 39   PHE A CE1   1 
ATOM   385  C CE2   . PHE A 1 58  ? -7.535  9.705   4.109   1.00 16.78 ? 39   PHE A CE2   1 
ATOM   386  C CZ    . PHE A 1 58  ? -7.105  8.558   4.733   1.00 16.82 ? 39   PHE A CZ    1 
ATOM   387  N N     . ILE A 1 59  ? -4.117  11.485  8.468   1.00 15.89 ? 40   ILE A N     1 
ATOM   388  C CA    . ILE A 1 59  ? -2.702  11.174  8.344   1.00 15.06 ? 40   ILE A CA    1 
ATOM   389  C C     . ILE A 1 59  ? -2.548  9.651   8.375   1.00 15.14 ? 40   ILE A C     1 
ATOM   390  O O     . ILE A 1 59  ? -3.307  8.970   9.083   1.00 15.13 ? 40   ILE A O     1 
ATOM   391  C CB    . ILE A 1 59  ? -1.851  11.812  9.461   1.00 16.45 ? 40   ILE A CB    1 
ATOM   392  C CG1   . ILE A 1 59  ? -2.187  13.296  9.625   1.00 15.65 ? 40   ILE A CG1   1 
ATOM   393  C CG2   . ILE A 1 59  ? -0.354  11.653  9.180   1.00 16.05 ? 40   ILE A CG2   1 
ATOM   394  C CD1   . ILE A 1 59  ? -1.470  13.901  10.827  1.00 15.72 ? 40   ILE A CD1   1 
ATOM   395  N N     . VAL A 1 60  ? -1.632  9.137   7.551   1.00 14.37 ? 41   VAL A N     1 
ATOM   396  C CA    . VAL A 1 60  ? -1.402  7.704   7.413   1.00 13.32 ? 41   VAL A CA    1 
ATOM   397  C C     . VAL A 1 60  ? 0.070   7.417   7.626   1.00 13.40 ? 41   VAL A C     1 
ATOM   398  O O     . VAL A 1 60  ? 0.885   8.316   7.626   1.00 14.32 ? 41   VAL A O     1 
ATOM   399  C CB    . VAL A 1 60  ? -1.857  7.189   6.031   1.00 13.73 ? 41   VAL A CB    1 
ATOM   400  C CG1   . VAL A 1 60  ? -3.357  7.303   5.889   1.00 13.03 ? 41   VAL A CG1   1 
ATOM   401  C CG2   . VAL A 1 60  ? -1.124  7.933   4.895   1.00 12.76 ? 41   VAL A CG2   1 
ATOM   402  N N     . GLY A 1 61  ? 0.453   6.156   7.751   1.00 13.00 ? 42   GLY A N     1 
ATOM   403  C CA    . GLY A 1 61  ? 1.868   5.824   7.796   1.00 12.68 ? 42   GLY A CA    1 
ATOM   404  C C     . GLY A 1 61  ? 2.151   4.473   7.169   1.00 13.06 ? 42   GLY A C     1 
ATOM   405  O O     . GLY A 1 61  ? 1.285   3.578   7.187   1.00 12.37 ? 42   GLY A O     1 
ATOM   406  N N     . VAL A 1 62  ? 3.352   4.319   6.621   1.00 12.15 ? 43   VAL A N     1 
ATOM   407  C CA    . VAL A 1 62  ? 3.761   3.049   5.970   1.00 12.69 ? 43   VAL A CA    1 
ATOM   408  C C     . VAL A 1 62  ? 5.200   2.704   6.336   1.00 11.95 ? 43   VAL A C     1 
ATOM   409  O O     . VAL A 1 62  ? 6.090   3.595   6.330   1.00 12.31 ? 43   VAL A O     1 
ATOM   410  C CB    . VAL A 1 62  ? 3.535   3.056   4.411   1.00 12.49 ? 43   VAL A CB    1 
ATOM   411  C CG1   . VAL A 1 62  ? 4.290   4.161   3.712   1.00 14.83 ? 43   VAL A CG1   1 
ATOM   412  C CG2   . VAL A 1 62  ? 3.955   1.718   3.807   1.00 11.85 ? 43   VAL A CG2   1 
ATOM   413  N N     . ALA A 1 63  ? 5.432   1.450   6.762   1.00 11.30 ? 44   ALA A N     1 
ATOM   414  C CA    . ALA A 1 63  ? 6.801   1.012   7.103   1.00 11.88 ? 44   ALA A CA    1 
ATOM   415  C C     . ALA A 1 63  ? 7.525   0.463   5.868   1.00 12.55 ? 44   ALA A C     1 
ATOM   416  O O     . ALA A 1 63  ? 7.067   -0.517  5.257   1.00 11.96 ? 44   ALA A O     1 
ATOM   417  C CB    . ALA A 1 63  ? 6.772   -0.033  8.196   1.00 10.73 ? 44   ALA A CB    1 
ATOM   418  N N     . VAL A 1 64  ? 8.643   1.110   5.476   1.00 13.18 ? 45   VAL A N     1 
ATOM   419  C CA    . VAL A 1 64  ? 9.345   0.783   4.205   1.00 13.50 ? 45   VAL A CA    1 
ATOM   420  C C     . VAL A 1 64  ? 10.818  0.501   4.524   1.00 14.54 ? 45   VAL A C     1 
ATOM   421  O O     . VAL A 1 64  ? 11.461  1.333   5.150   1.00 16.41 ? 45   VAL A O     1 
ATOM   422  C CB    . VAL A 1 64  ? 9.248   1.934   3.163   1.00 13.21 ? 45   VAL A CB    1 
ATOM   423  C CG1   . VAL A 1 64  ? 10.009  1.621   1.870   1.00 12.89 ? 45   VAL A CG1   1 
ATOM   424  C CG2   . VAL A 1 64  ? 7.793   2.276   2.828   1.00 12.77 ? 45   VAL A CG2   1 
ATOM   425  N N     . ALA A 1 65  ? 11.323  -0.669  4.117   1.00 14.63 ? 46   ALA A N     1 
ATOM   426  C CA    . ALA A 1 65  ? 12.738  -1.069  4.351   1.00 14.95 ? 46   ALA A CA    1 
ATOM   427  C C     . ALA A 1 65  ? 13.653  -0.127  3.569   1.00 15.97 ? 46   ALA A C     1 
ATOM   428  O O     . ALA A 1 65  ? 13.339  0.224   2.447   1.00 14.95 ? 46   ALA A O     1 
ATOM   429  C CB    . ALA A 1 65  ? 12.947  -2.513  3.934   1.00 14.29 ? 46   ALA A CB    1 
ATOM   430  N N     . PRO A 1 66  ? 14.791  0.304   4.170   1.00 17.29 ? 47   PRO A N     1 
ATOM   431  C CA    . PRO A 1 66  ? 15.746  1.129   3.408   1.00 18.81 ? 47   PRO A CA    1 
ATOM   432  C C     . PRO A 1 66  ? 16.163  0.508   2.088   1.00 19.88 ? 47   PRO A C     1 
ATOM   433  O O     . PRO A 1 66  ? 16.464  1.250   1.142   1.00 20.99 ? 47   PRO A O     1 
ATOM   434  C CB    . PRO A 1 66  ? 16.950  1.215   4.365   1.00 19.30 ? 47   PRO A CB    1 
ATOM   435  C CG    . PRO A 1 66  ? 16.287  1.301   5.688   1.00 18.75 ? 47   PRO A CG    1 
ATOM   436  C CD    . PRO A 1 66  ? 15.103  0.352   5.619   1.00 18.05 ? 47   PRO A CD    1 
ATOM   437  N N     . LYS A 1 67  ? 16.149  -0.817  1.983   1.00 20.72 ? 48   LYS A N     1 
ATOM   438  C CA    . LYS A 1 67  ? 16.540  -1.450  0.714   1.00 22.36 ? 48   LYS A CA    1 
ATOM   439  C C     . LYS A 1 67  ? 15.531  -1.355  -0.460  1.00 20.10 ? 48   LYS A C     1 
ATOM   440  O O     . LYS A 1 67  ? 15.914  -1.543  -1.619  1.00 20.12 ? 48   LYS A O     1 
ATOM   441  C CB    . LYS A 1 67  ? 17.054  -2.857  0.927   1.00 24.90 ? 48   LYS A CB    1 
ATOM   442  C CG    . LYS A 1 67  ? 16.034  -3.911  1.243   1.00 28.28 ? 48   LYS A CG    1 
ATOM   443  C CD    . LYS A 1 67  ? 16.725  -5.260  1.441   1.00 32.95 ? 48   LYS A CD    1 
ATOM   444  C CE    . LYS A 1 67  ? 17.865  -5.220  2.446   1.00 30.95 ? 48   LYS A CE    1 
ATOM   445  N NZ    . LYS A 1 67  ? 19.177  -5.265  1.737   1.00 34.70 ? 48   LYS A NZ    1 
ATOM   446  N N     . ARG A 1 68  ? 14.280  -0.986  -0.188  1.00 18.86 ? 49   ARG A N     1 
ATOM   447  C CA    . ARG A 1 68  ? 13.347  -0.779  -1.285  1.00 17.52 ? 49   ARG A CA    1 
ATOM   448  C C     . ARG A 1 68  ? 13.731  0.435   -2.132  1.00 17.52 ? 49   ARG A C     1 
ATOM   449  O O     . ARG A 1 68  ? 14.069  1.513   -1.610  1.00 16.56 ? 49   ARG A O     1 
ATOM   450  C CB    . ARG A 1 68  ? 11.886  -0.624  -0.777  1.00 16.05 ? 49   ARG A CB    1 
ATOM   451  C CG    . ARG A 1 68  ? 11.530  -1.563  0.391   1.00 15.32 ? 49   ARG A CG    1 
ATOM   452  C CD    . ARG A 1 68  ? 11.603  -3.030  0.024   1.00 15.93 ? 49   ARG A CD    1 
ATOM   453  N NE    . ARG A 1 68  ? 11.240  -3.874  1.164   1.00 15.82 ? 49   ARG A NE    1 
ATOM   454  C CZ    . ARG A 1 68  ? 11.782  -5.051  1.470   1.00 16.76 ? 49   ARG A CZ    1 
ATOM   455  N NH1   . ARG A 1 68  ? 12.760  -5.597  0.725   1.00 17.29 ? 49   ARG A NH1   1 
ATOM   456  N NH2   . ARG A 1 68  ? 11.375  -5.671  2.555   1.00 16.33 ? 49   ARG A NH2   1 
ATOM   457  N N     . THR A 1 69  ? 13.593  0.288   -3.451  1.00 18.25 ? 50   THR A N     1 
ATOM   458  C CA    . THR A 1 69  ? 13.676  1.428   -4.352  1.00 17.36 ? 50   THR A CA    1 
ATOM   459  C C     . THR A 1 69  ? 12.666  2.497   -3.941  1.00 17.11 ? 50   THR A C     1 
ATOM   460  O O     . THR A 1 69  ? 12.968  3.665   -3.941  1.00 18.16 ? 50   THR A O     1 
ATOM   461  C CB    . THR A 1 69  ? 13.382  1.006   -5.792  1.00 17.15 ? 50   THR A CB    1 
ATOM   462  O OG1   . THR A 1 69  ? 14.157  -0.130  -6.126  1.00 18.08 ? 50   THR A OG1   1 
ATOM   463  C CG2   . THR A 1 69  ? 13.691  2.139   -6.751  1.00 16.92 ? 50   THR A CG2   1 
ATOM   464  N N     . THR A 1 70  ? 11.433  2.084   -3.585  1.00 17.05 ? 51   THR A N     1 
ATOM   465  C CA    . THR A 1 70  ? 10.417  2.960   -3.014  1.00 17.65 ? 51   THR A CA    1 
ATOM   466  C C     . THR A 1 70  ? 10.921  3.877   -1.885  1.00 17.03 ? 51   THR A C     1 
ATOM   467  O O     . THR A 1 70  ? 10.513  5.024   -1.815  1.00 19.13 ? 51   THR A O     1 
ATOM   468  C CB    . THR A 1 70  ? 9.230   2.091   -2.534  1.00 16.01 ? 51   THR A CB    1 
ATOM   469  O OG1   . THR A 1 70  ? 8.769   1.314   -3.648  1.00 15.85 ? 51   THR A OG1   1 
ATOM   470  C CG2   . THR A 1 70  ? 8.036   2.909   -1.950  1.00 16.62 ? 51   THR A CG2   1 
ATOM   471  N N     . HIS A 1 71  ? 11.775  3.362   -0.999  1.00 17.79 ? 52   HIS A N     1 
ATOM   472  C CA    . HIS A 1 71  ? 12.386  4.161   0.086   1.00 17.75 ? 52   HIS A CA    1 
ATOM   473  C C     . HIS A 1 71  ? 13.189  5.347   -0.499  1.00 17.58 ? 52   HIS A C     1 
ATOM   474  O O     . HIS A 1 71  ? 13.044  6.491   -0.054  1.00 18.09 ? 52   HIS A O     1 
ATOM   475  C CB    . HIS A 1 71  ? 13.322  3.288   0.949   1.00 16.67 ? 52   HIS A CB    1 
ATOM   476  C CG    . HIS A 1 71  ? 13.688  3.912   2.271   1.00 17.48 ? 52   HIS A CG    1 
ATOM   477  N ND1   . HIS A 1 71  ? 14.704  4.835   2.393   1.00 17.44 ? 52   HIS A ND1   1 
ATOM   478  C CD2   . HIS A 1 71  ? 13.212  3.713   3.528   1.00 16.27 ? 52   HIS A CD2   1 
ATOM   479  C CE1   . HIS A 1 71  ? 14.804  5.221   3.658   1.00 18.23 ? 52   HIS A CE1   1 
ATOM   480  N NE2   . HIS A 1 71  ? 13.922  4.542   4.371   1.00 18.39 ? 52   HIS A NE2   1 
ATOM   481  N N     . LYS A 1 72  ? 14.009  5.050   -1.508  1.00 18.84 ? 53   LYS A N     1 
ATOM   482  C CA    . LYS A 1 72  ? 14.804  6.087   -2.178  1.00 21.84 ? 53   LYS A CA    1 
ATOM   483  C C     . LYS A 1 72  ? 13.899  7.146   -2.821  1.00 22.38 ? 53   LYS A C     1 
ATOM   484  O O     . LYS A 1 72  ? 14.100  8.350   -2.652  1.00 22.48 ? 53   LYS A O     1 
ATOM   485  C CB    . LYS A 1 72  ? 15.770  5.454   -3.186  1.00 22.77 ? 53   LYS A CB    1 
ATOM   486  C CG    . LYS A 1 72  ? 16.743  4.526   -2.476  1.00 28.06 ? 53   LYS A CG    1 
ATOM   487  C CD    . LYS A 1 72  ? 17.723  3.810   -3.368  1.00 32.73 ? 53   LYS A CD    1 
ATOM   488  C CE    . LYS A 1 72  ? 18.436  2.784   -2.483  1.00 34.64 ? 53   LYS A CE    1 
ATOM   489  N NZ    . LYS A 1 72  ? 17.442  1.836   -1.883  1.00 39.04 ? 53   LYS A NZ    1 
ATOM   490  N N     . LEU A 1 73  ? 12.842  6.687   -3.499  1.00 22.31 ? 54   LEU A N     1 
ATOM   491  C CA    . LEU A 1 73  ? 11.893  7.608   -4.142  1.00 21.52 ? 54   LEU A CA    1 
ATOM   492  C C     . LEU A 1 73  ? 11.055  8.461   -3.191  1.00 19.96 ? 54   LEU A C     1 
ATOM   493  O O     . LEU A 1 73  ? 10.784  9.603   -3.486  1.00 22.25 ? 54   LEU A O     1 
ATOM   494  C CB    . LEU A 1 73  ? 11.015  6.840   -5.138  1.00 22.40 ? 54   LEU A CB    1 
ATOM   495  C CG    . LEU A 1 73  ? 11.806  6.328   -6.338  1.00 23.61 ? 54   LEU A CG    1 
ATOM   496  C CD1   . LEU A 1 73  ? 11.082  5.190   -7.020  1.00 22.65 ? 54   LEU A CD1   1 
ATOM   497  C CD2   . LEU A 1 73  ? 12.113  7.474   -7.315  1.00 24.07 ? 54   LEU A CD2   1 
ATOM   498  N N     . ILE A 1 74  ? 10.634  7.918   -2.048  1.00 18.49 ? 55   ILE A N     1 
ATOM   499  C CA    . ILE A 1 74  ? 9.875   8.736   -1.090  1.00 19.03 ? 55   ILE A CA    1 
ATOM   500  C C     . ILE A 1 74  ? 10.772  9.822   -0.444  1.00 19.97 ? 55   ILE A C     1 
ATOM   501  O O     . ILE A 1 74  ? 10.363  10.951  -0.299  1.00 21.55 ? 55   ILE A O     1 
ATOM   502  C CB    . ILE A 1 74  ? 9.177   7.831   -0.040  1.00 17.88 ? 55   ILE A CB    1 
ATOM   503  C CG1   . ILE A 1 74  ? 8.152   6.935   -0.761  1.00 17.34 ? 55   ILE A CG1   1 
ATOM   504  C CG2   . ILE A 1 74  ? 8.577   8.657   1.096   1.00 17.18 ? 55   ILE A CG2   1 
ATOM   505  C CD1   . ILE A 1 74  ? 7.461   5.883   0.101   1.00 16.03 ? 55   ILE A CD1   1 
ATOM   506  N N     . LYS A 1 75  ? 11.998  9.459   -0.085  1.00 20.74 ? 56   LYS A N     1 
ATOM   507  C CA    . LYS A 1 75  ? 13.006  10.435  0.421   1.00 25.08 ? 56   LYS A CA    1 
ATOM   508  C C     . LYS A 1 75  ? 13.308  11.549  -0.614  1.00 25.02 ? 56   LYS A C     1 
ATOM   509  O O     . LYS A 1 75  ? 13.236  12.728  -0.295  1.00 24.21 ? 56   LYS A O     1 
ATOM   510  C CB    . LYS A 1 75  ? 14.301  9.726   0.837   1.00 26.82 ? 56   LYS A CB    1 
ATOM   511  C CG    . LYS A 1 75  ? 14.231  9.013   2.187   1.00 29.91 ? 56   LYS A CG    1 
ATOM   512  C CD    . LYS A 1 75  ? 14.127  10.020  3.328   1.00 31.75 ? 56   LYS A CD    1 
ATOM   513  C CE    . LYS A 1 75  ? 14.463  9.386   4.667   1.00 35.12 ? 56   LYS A CE    1 
ATOM   514  N NZ    . LYS A 1 75  ? 14.174  10.283  5.814   1.00 35.26 ? 56   LYS A NZ    1 
ATOM   515  N N     . LYS A 1 76  ? 13.568  11.162  -1.862  1.00 27.09 ? 57   LYS A N     1 
ATOM   516  C CA    . LYS A 1 76  ? 13.779  12.143  -2.941  1.00 27.34 ? 57   LYS A CA    1 
ATOM   517  C C     . LYS A 1 76  ? 12.616  13.138  -3.111  1.00 28.89 ? 57   LYS A C     1 
ATOM   518  O O     . LYS A 1 76  ? 12.841  14.354  -3.134  1.00 28.38 ? 57   LYS A O     1 
ATOM   519  C CB    . LYS A 1 76  ? 14.096  11.435  -4.256  1.00 26.53 ? 57   LYS A CB    1 
ATOM   520  C CG    . LYS A 1 76  ? 14.307  12.368  -5.438  1.00 27.70 ? 57   LYS A CG    1 
ATOM   521  C CD    . LYS A 1 76  ? 14.927  11.624  -6.592  1.00 26.95 ? 57   LYS A CD    1 
ATOM   522  C CE    . LYS A 1 76  ? 15.381  12.629  -7.645  1.00 29.96 ? 57   LYS A CE    1 
ATOM   523  N NZ    . LYS A 1 76  ? 15.956  11.881  -8.778  1.00 30.49 ? 57   LYS A NZ    1 
ATOM   524  N N     . TYR A 1 77  ? 11.375  12.654  -3.192  1.00 25.45 ? 58   TYR A N     1 
ATOM   525  C CA    . TYR A 1 77  ? 10.267  13.534  -3.522  1.00 23.91 ? 58   TYR A CA    1 
ATOM   526  C C     . TYR A 1 77  ? 9.340   13.942  -2.409  1.00 23.02 ? 58   TYR A C     1 
ATOM   527  O O     . TYR A 1 77  ? 8.575   14.881  -2.586  1.00 22.79 ? 58   TYR A O     1 
ATOM   528  C CB    . TYR A 1 77  ? 9.468   12.941  -4.674  1.00 24.21 ? 58   TYR A CB    1 
ATOM   529  C CG    . TYR A 1 77  ? 10.260  12.850  -5.961  1.00 26.68 ? 58   TYR A CG    1 
ATOM   530  C CD1   . TYR A 1 77  ? 10.548  14.005  -6.704  1.00 28.93 ? 58   TYR A CD1   1 
ATOM   531  C CD2   . TYR A 1 77  ? 10.716  11.630  -6.441  1.00 25.13 ? 58   TYR A CD2   1 
ATOM   532  C CE1   . TYR A 1 77  ? 11.277  13.939  -7.878  1.00 30.54 ? 58   TYR A CE1   1 
ATOM   533  C CE2   . TYR A 1 77  ? 11.430  11.547  -7.637  1.00 27.99 ? 58   TYR A CE2   1 
ATOM   534  C CZ    . TYR A 1 77  ? 11.703  12.709  -8.349  1.00 30.27 ? 58   TYR A CZ    1 
ATOM   535  O OH    . TYR A 1 77  ? 12.417  12.685  -9.527  1.00 33.28 ? 58   TYR A OH    1 
ATOM   536  N N     . GLY A 1 78  ? 9.362   13.222  -1.292  1.00 21.60 ? 59   GLY A N     1 
ATOM   537  C CA    . GLY A 1 78  ? 8.562   13.611  -0.137  1.00 20.62 ? 59   GLY A CA    1 
ATOM   538  C C     . GLY A 1 78  ? 7.072   13.387  -0.334  1.00 19.66 ? 59   GLY A C     1 
ATOM   539  O O     . GLY A 1 78  ? 6.272   14.000  0.354   1.00 19.78 ? 59   GLY A O     1 
ATOM   540  N N     . GLU A 1 79  ? 6.710   12.488  -1.261  1.00 19.82 ? 60   GLU A N     1 
ATOM   541  C CA    . GLU A 1 79  ? 5.332   12.220  -1.581  1.00 20.38 ? 60   GLU A CA    1 
ATOM   542  C C     . GLU A 1 79  ? 5.165   10.740  -1.909  1.00 18.35 ? 60   GLU A C     1 
ATOM   543  O O     . GLU A 1 79  ? 6.099   10.092  -2.377  1.00 17.93 ? 60   GLU A O     1 
ATOM   544  C CB    . GLU A 1 79  ? 4.893   13.007  -2.821  1.00 22.97 ? 60   GLU A CB    1 
ATOM   545  C CG    . GLU A 1 79  ? 4.948   14.520  -2.727  1.00 25.29 ? 60   GLU A CG    1 
ATOM   546  C CD    . GLU A 1 79  ? 4.380   15.163  -3.979  1.00 27.02 ? 60   GLU A CD    1 
ATOM   547  O OE1   . GLU A 1 79  ? 4.456   14.539  -5.055  1.00 27.60 ? 60   GLU A OE1   1 
ATOM   548  O OE2   . GLU A 1 79  ? 3.809   16.262  -3.893  1.00 29.67 ? 60   GLU A OE2   1 
ATOM   549  N N     . PHE A 1 80  ? 3.966   10.216  -1.669  1.00 17.46 ? 61   PHE A N     1 
ATOM   550  C CA    . PHE A 1 80  ? 3.626   8.866   -2.101  1.00 17.07 ? 61   PHE A CA    1 
ATOM   551  C C     . PHE A 1 80  ? 2.127   8.734   -2.260  1.00 16.24 ? 61   PHE A C     1 
ATOM   552  O O     . PHE A 1 80  ? 1.361   9.558   -1.773  1.00 16.47 ? 61   PHE A O     1 
ATOM   553  C CB    . PHE A 1 80  ? 4.164   7.737   -1.178  1.00 16.70 ? 61   PHE A CB    1 
ATOM   554  C CG    . PHE A 1 80  ? 3.666   7.791   0.258   1.00 16.92 ? 61   PHE A CG    1 
ATOM   555  C CD1   . PHE A 1 80  ? 4.272   8.630   1.186   1.00 16.65 ? 61   PHE A CD1   1 
ATOM   556  C CD2   . PHE A 1 80  ? 2.634   6.979   0.689   1.00 16.07 ? 61   PHE A CD2   1 
ATOM   557  C CE1   . PHE A 1 80  ? 3.839   8.681   2.511   1.00 16.51 ? 61   PHE A CE1   1 
ATOM   558  C CE2   . PHE A 1 80  ? 2.164   7.047   1.998   1.00 15.95 ? 61   PHE A CE2   1 
ATOM   559  C CZ    . PHE A 1 80  ? 2.784   7.888   2.917   1.00 16.33 ? 61   PHE A CZ    1 
ATOM   560  N N     . VAL A 1 81  ? 1.712   7.676   -2.946  1.00 16.90 ? 62   VAL A N     1 
ATOM   561  C CA    . VAL A 1 81  ? 0.276   7.358   -3.059  1.00 16.56 ? 62   VAL A CA    1 
ATOM   562  C C     . VAL A 1 81  ? 0.065   5.931   -2.535  1.00 15.11 ? 62   VAL A C     1 
ATOM   563  O O     . VAL A 1 81  ? 0.788   5.016   -2.915  1.00 14.72 ? 62   VAL A O     1 
ATOM   564  C CB    . VAL A 1 81  ? -0.232  7.488   -4.530  1.00 17.43 ? 62   VAL A CB    1 
ATOM   565  C CG1   . VAL A 1 81  ? -1.700  7.082   -4.662  1.00 17.42 ? 62   VAL A CG1   1 
ATOM   566  C CG2   . VAL A 1 81  ? -0.072  8.923   -5.035  1.00 18.31 ? 62   VAL A CG2   1 
ATOM   567  N N     . ILE A 1 82  ? -0.952  5.754   -1.697  1.00 14.48 ? 63   ILE A N     1 
ATOM   568  C CA    . ILE A 1 82  ? -1.404  4.427   -1.299  1.00 14.09 ? 63   ILE A CA    1 
ATOM   569  C C     . ILE A 1 82  ? -2.581  4.125   -2.228  1.00 14.43 ? 63   ILE A C     1 
ATOM   570  O O     . ILE A 1 82  ? -3.588  4.845   -2.210  1.00 15.31 ? 63   ILE A O     1 
ATOM   571  C CB    . ILE A 1 82  ? -1.939  4.400   0.155   1.00 14.05 ? 63   ILE A CB    1 
ATOM   572  C CG1   . ILE A 1 82  ? -0.869  4.912   1.141   1.00 13.69 ? 63   ILE A CG1   1 
ATOM   573  C CG2   . ILE A 1 82  ? -2.361  2.984   0.523   1.00 13.06 ? 63   ILE A CG2   1 
ATOM   574  C CD1   . ILE A 1 82  ? -1.381  5.049   2.575   1.00 15.18 ? 63   ILE A CD1   1 
ATOM   575  N N     . SER A 1 83  ? -2.399  3.120   -3.062  1.00 13.79 ? 64   SER A N     1 
ATOM   576  C CA    . SER A 1 83  ? -3.418  2.634   -3.984  1.00 14.43 ? 64   SER A CA    1 
ATOM   577  C C     . SER A 1 83  ? -3.939  1.337   -3.421  1.00 14.17 ? 64   SER A C     1 
ATOM   578  O O     . SER A 1 83  ? -3.186  0.441   -2.994  1.00 14.73 ? 64   SER A O     1 
ATOM   579  C CB    . SER A 1 83  ? -2.785  2.338   -5.334  1.00 14.92 ? 64   SER A CB    1 
ATOM   580  O OG    . SER A 1 83  ? -2.246  3.518   -5.863  1.00 17.99 ? 64   SER A OG    1 
ATOM   581  N N     . VAL A 1 84  ? -5.242  1.187   -3.444  1.00 14.48 ? 65   VAL A N     1 
ATOM   582  C CA    . VAL A 1 84  ? -5.880  0.035   -2.873  1.00 14.89 ? 65   VAL A CA    1 
ATOM   583  C C     . VAL A 1 84  ? -6.223  -0.967  -3.978  1.00 16.76 ? 65   VAL A C     1 
ATOM   584  O O     . VAL A 1 84  ? -7.094  -0.683  -4.814  1.00 15.52 ? 65   VAL A O     1 
ATOM   585  C CB    . VAL A 1 84  ? -7.176  0.447   -2.167  1.00 15.19 ? 65   VAL A CB    1 
ATOM   586  C CG1   . VAL A 1 84  ? -7.903  -0.749  -1.582  1.00 15.78 ? 65   VAL A CG1   1 
ATOM   587  C CG2   . VAL A 1 84  ? -6.871  1.457   -1.086  1.00 15.38 ? 65   VAL A CG2   1 
ATOM   588  N N     . PRO A 1 85  ? -5.518  -2.130  -3.997  1.00 15.78 ? 66   PRO A N     1 
ATOM   589  C CA    . PRO A 1 85  ? -5.825  -3.172  -4.981  1.00 16.64 ? 66   PRO A CA    1 
ATOM   590  C C     . PRO A 1 85  ? -6.938  -4.130  -4.574  1.00 18.28 ? 66   PRO A C     1 
ATOM   591  O O     . PRO A 1 85  ? -7.129  -4.458  -3.390  1.00 18.33 ? 66   PRO A O     1 
ATOM   592  C CB    . PRO A 1 85  ? -4.517  -3.996  -5.040  1.00 16.10 ? 66   PRO A CB    1 
ATOM   593  C CG    . PRO A 1 85  ? -3.966  -3.876  -3.609  1.00 15.39 ? 66   PRO A CG    1 
ATOM   594  C CD    . PRO A 1 85  ? -4.360  -2.493  -3.136  1.00 15.49 ? 66   PRO A CD    1 
ATOM   595  N N     . SER A 1 86  ? -7.617  -4.667  -5.580  1.00 18.76 ? 67   SER A N     1 
ATOM   596  C CA    . SER A 1 86  ? -8.522  -5.746  -5.332  1.00 19.33 ? 67   SER A CA    1 
ATOM   597  C C     . SER A 1 86  ? -7.874  -7.078  -5.665  1.00 19.61 ? 67   SER A C     1 
ATOM   598  O O     . SER A 1 86  ? -6.787  -7.140  -6.278  1.00 19.95 ? 67   SER A O     1 
ATOM   599  C CB    . SER A 1 86  ? -9.824  -5.551  -6.147  1.00 21.47 ? 67   SER A CB    1 
ATOM   600  O OG    . SER A 1 86  ? -9.641  -6.050  -7.437  1.00 21.85 ? 67   SER A OG    1 
ATOM   601  N N     . LEU A 1 87  ? -8.555  -8.150  -5.269  1.00 19.98 ? 68   LEU A N     1 
ATOM   602  C CA    . LEU A 1 87  ? -8.119  -9.502  -5.532  1.00 20.22 ? 68   LEU A CA    1 
ATOM   603  C C     . LEU A 1 87  ? -7.887  -9.732  -7.029  1.00 19.91 ? 68   LEU A C     1 
ATOM   604  O O     . LEU A 1 87  ? -7.046  -10.562 -7.424  1.00 20.27 ? 68   LEU A O     1 
ATOM   605  C CB    . LEU A 1 87  ? -9.173  -10.455 -5.033  1.00 21.33 ? 68   LEU A CB    1 
ATOM   606  C CG    . LEU A 1 87  ? -8.790  -11.926 -4.965  1.00 24.29 ? 68   LEU A CG    1 
ATOM   607  C CD1   . LEU A 1 87  ? -7.453  -12.196 -4.296  1.00 22.91 ? 68   LEU A CD1   1 
ATOM   608  C CD2   . LEU A 1 87  ? -9.912  -12.609 -4.203  1.00 25.90 ? 68   LEU A CD2   1 
ATOM   609  N N     . ASP A 1 88  ? -8.607  -8.978  -7.849  1.00 19.87 ? 69   ASP A N     1 
ATOM   610  C CA    . ASP A 1 88  ? -8.559  -9.189  -9.298  1.00 20.08 ? 69   ASP A CA    1 
ATOM   611  C C     . ASP A 1 88  ? -7.236  -8.784  -9.915  1.00 19.98 ? 69   ASP A C     1 
ATOM   612  O O     . ASP A 1 88  ? -6.889  -9.305  -10.983 1.00 19.20 ? 69   ASP A O     1 
ATOM   613  C CB    . ASP A 1 88  ? -9.679  -8.463  -9.993  1.00 21.88 ? 69   ASP A CB    1 
ATOM   614  C CG    . ASP A 1 88  ? -11.004 -9.152  -9.824  1.00 22.65 ? 69   ASP A CG    1 
ATOM   615  O OD1   . ASP A 1 88  ? -11.066 -10.353 -9.502  1.00 25.11 ? 69   ASP A OD1   1 
ATOM   616  O OD2   . ASP A 1 88  ? -11.988 -8.472  -10.070 1.00 25.83 ? 69   ASP A OD2   1 
ATOM   617  N N     . VAL A 1 89  ? -6.483  -7.889  -9.251  1.00 18.70 ? 70   VAL A N     1 
ATOM   618  C CA    . VAL A 1 89  ? -5.170  -7.476  -9.749  1.00 17.84 ? 70   VAL A CA    1 
ATOM   619  C C     . VAL A 1 89  ? -4.013  -8.094  -8.947  1.00 18.86 ? 70   VAL A C     1 
ATOM   620  O O     . VAL A 1 89  ? -2.889  -7.503  -8.885  1.00 18.22 ? 70   VAL A O     1 
ATOM   621  C CB    . VAL A 1 89  ? -5.048  -5.940  -9.814  1.00 19.13 ? 70   VAL A CB    1 
ATOM   622  C CG1   . VAL A 1 89  ? -6.080  -5.333  -10.744 1.00 18.81 ? 70   VAL A CG1   1 
ATOM   623  C CG2   . VAL A 1 89  ? -5.170  -5.313  -8.414  1.00 17.86 ? 70   VAL A CG2   1 
ATOM   624  N N     . LEU A 1 90  ? -4.267  -9.273  -8.372  1.00 17.56 ? 71   LEU A N     1 
ATOM   625  C CA    . LEU A 1 90  ? -3.260  -10.007 -7.558  1.00 17.72 ? 71   LEU A CA    1 
ATOM   626  C C     . LEU A 1 90  ? -1.946  -10.199 -8.308  1.00 20.57 ? 71   LEU A C     1 
ATOM   627  O O     . LEU A 1 90  ? -0.859  -10.095 -7.710  1.00 18.64 ? 71   LEU A O     1 
ATOM   628  C CB    . LEU A 1 90  ? -3.756  -11.363 -7.075  1.00 19.23 ? 71   LEU A CB    1 
ATOM   629  C CG    . LEU A 1 90  ? -2.823  -12.115 -6.117  1.00 18.98 ? 71   LEU A CG    1 
ATOM   630  C CD1   . LEU A 1 90  ? -2.467  -11.228 -4.913  1.00 19.24 ? 71   LEU A CD1   1 
ATOM   631  C CD2   . LEU A 1 90  ? -3.352  -13.454 -5.664  1.00 19.94 ? 71   LEU A CD2   1 
ATOM   632  N N     . ARG A 1 91  ? -2.035  -10.496 -9.609  1.00 20.84 ? 72   ARG A N     1 
ATOM   633  C CA    . ARG A 1 91  ? -0.812  -10.749 -10.358 1.00 22.84 ? 72   ARG A CA    1 
ATOM   634  C C     . ARG A 1 91  ? 0.074   -9.517  -10.347 1.00 21.57 ? 72   ARG A C     1 
ATOM   635  O O     . ARG A 1 91  ? 1.281   -9.667  -10.170 1.00 21.98 ? 72   ARG A O     1 
ATOM   636  C CB    . ARG A 1 91  ? -1.088  -11.229 -11.804 1.00 24.86 ? 72   ARG A CB    1 
ATOM   637  C CG    . ARG A 1 91  ? -1.589  -12.663 -11.916 1.00 28.13 ? 72   ARG A CG    1 
ATOM   638  C CD    . ARG A 1 91  ? -2.083  -12.923 -13.353 1.00 33.57 ? 72   ARG A CD    1 
ATOM   639  N NE    . ARG A 1 91  ? -2.953  -14.110 -13.483 1.00 36.24 ? 72   ARG A NE    1 
ATOM   640  C CZ    . ARG A 1 91  ? -4.291  -14.097 -13.470 1.00 36.16 ? 72   ARG A CZ    1 
ATOM   641  N NH1   . ARG A 1 91  ? -4.962  -12.955 -13.322 1.00 35.21 ? 72   ARG A NH1   1 
ATOM   642  N NH2   . ARG A 1 91  ? -4.964  -15.240 -13.600 1.00 37.90 ? 72   ARG A NH2   1 
ATOM   643  N N     . ASP A 1 92  ? -0.524  -8.318  -10.546 1.00 21.04 ? 73   ASP A N     1 
ATOM   644  C CA    . ASP A 1 92  ? 0.198   -7.043  -10.492 1.00 20.29 ? 73   ASP A CA    1 
ATOM   645  C C     . ASP A 1 92  ? 0.727   -6.753  -9.077  1.00 19.55 ? 73   ASP A C     1 
ATOM   646  O O     . ASP A 1 92  ? 1.848   -6.237  -8.925  1.00 20.20 ? 73   ASP A O     1 
ATOM   647  C CB    . ASP A 1 92  ? -0.684  -5.875  -10.912 1.00 21.72 ? 73   ASP A CB    1 
ATOM   648  C CG    . ASP A 1 92  ? -1.051  -5.909  -12.393 1.00 25.11 ? 73   ASP A CG    1 
ATOM   649  O OD1   . ASP A 1 92  ? -0.250  -6.430  -13.197 1.00 26.65 ? 73   ASP A OD1   1 
ATOM   650  O OD2   . ASP A 1 92  ? -2.131  -5.398  -12.751 1.00 26.32 ? 73   ASP A OD2   1 
ATOM   651  N N     . VAL A 1 93  ? -0.062  -7.091  -8.051  1.00 16.98 ? 74   VAL A N     1 
ATOM   652  C CA    . VAL A 1 93  ? 0.409   -6.903  -6.658  1.00 16.57 ? 74   VAL A CA    1 
ATOM   653  C C     . VAL A 1 93  ? 1.655   -7.753  -6.402  1.00 18.07 ? 74   VAL A C     1 
ATOM   654  O O     . VAL A 1 93  ? 2.632   -7.261  -5.815  1.00 18.68 ? 74   VAL A O     1 
ATOM   655  C CB    . VAL A 1 93  ? -0.666  -7.257  -5.607  1.00 16.37 ? 74   VAL A CB    1 
ATOM   656  C CG1   . VAL A 1 93  ? -0.062  -7.169  -4.203  1.00 15.44 ? 74   VAL A CG1   1 
ATOM   657  C CG2   . VAL A 1 93  ? -1.891  -6.366  -5.763  1.00 15.71 ? 74   VAL A CG2   1 
ATOM   658  N N     . TRP A 1 94  ? 1.639   -9.010  -6.842  1.00 18.58 ? 75   TRP A N     1 
ATOM   659  C CA    . TRP A 1 94  ? 2.769   -9.933  -6.648  1.00 19.02 ? 75   TRP A CA    1 
ATOM   660  C C     . TRP A 1 94  ? 4.020   -9.458  -7.383  1.00 19.51 ? 75   TRP A C     1 
ATOM   661  O O     . TRP A 1 94  ? 5.115   -9.518  -6.836  1.00 18.93 ? 75   TRP A O     1 
ATOM   662  C CB    . TRP A 1 94  ? 2.400   -11.364 -7.074  1.00 21.60 ? 75   TRP A CB    1 
ATOM   663  C CG    . TRP A 1 94  ? 3.411   -12.385 -6.632  1.00 20.77 ? 75   TRP A CG    1 
ATOM   664  C CD1   . TRP A 1 94  ? 4.225   -13.138 -7.439  1.00 21.69 ? 75   TRP A CD1   1 
ATOM   665  C CD2   . TRP A 1 94  ? 3.760   -12.716 -5.282  1.00 22.70 ? 75   TRP A CD2   1 
ATOM   666  N NE1   . TRP A 1 94  ? 5.032   -13.939 -6.669  1.00 22.17 ? 75   TRP A NE1   1 
ATOM   667  C CE2   . TRP A 1 94  ? 4.763   -13.717 -5.344  1.00 22.05 ? 75   TRP A CE2   1 
ATOM   668  C CE3   . TRP A 1 94  ? 3.290   -12.301 -4.027  1.00 20.64 ? 75   TRP A CE3   1 
ATOM   669  C CZ2   . TRP A 1 94  ? 5.321   -14.289 -4.202  1.00 23.11 ? 75   TRP A CZ2   1 
ATOM   670  C CZ3   . TRP A 1 94  ? 3.847   -12.848 -2.892  1.00 21.86 ? 75   TRP A CZ3   1 
ATOM   671  C CH2   . TRP A 1 94  ? 4.859   -13.838 -2.975  1.00 22.40 ? 75   TRP A CH2   1 
ATOM   672  N N     . ILE A 1 95  ? 3.851   -8.958  -8.606  1.00 19.50 ? 76   ILE A N     1 
ATOM   673  C CA    . ILE A 1 95  ? 4.952   -8.276  -9.301  1.00 18.86 ? 76   ILE A CA    1 
ATOM   674  C C     . ILE A 1 95  ? 5.476   -7.062  -8.498  1.00 18.49 ? 76   ILE A C     1 
ATOM   675  O O     . ILE A 1 95  ? 6.667   -6.912  -8.285  1.00 16.47 ? 76   ILE A O     1 
ATOM   676  C CB    . ILE A 1 95  ? 4.561   -7.828  -10.728 1.00 21.41 ? 76   ILE A CB    1 
ATOM   677  C CG1   . ILE A 1 95  ? 4.381   -9.071  -11.626 1.00 23.40 ? 76   ILE A CG1   1 
ATOM   678  C CG2   . ILE A 1 95  ? 5.618   -6.883  -11.288 1.00 22.02 ? 76   ILE A CG2   1 
ATOM   679  C CD1   . ILE A 1 95  ? 3.765   -8.732  -12.960 1.00 25.87 ? 76   ILE A CD1   1 
ATOM   680  N N     . ALA A 1 96  ? 4.578   -6.199  -8.035  1.00 17.48 ? 77   ALA A N     1 
ATOM   681  C CA    . ALA A 1 96  ? 5.009   -5.040  -7.247  1.00 16.34 ? 77   ALA A CA    1 
ATOM   682  C C     . ALA A 1 96  ? 5.765   -5.468  -6.005  1.00 15.45 ? 77   ALA A C     1 
ATOM   683  O O     . ALA A 1 96  ? 6.615   -4.722  -5.538  1.00 16.37 ? 77   ALA A O     1 
ATOM   684  C CB    . ALA A 1 96  ? 3.799   -4.203  -6.848  1.00 15.22 ? 77   ALA A CB    1 
ATOM   685  N N     . GLY A 1 97  ? 5.424   -6.626  -5.440  1.00 15.23 ? 78   GLY A N     1 
ATOM   686  C CA    . GLY A 1 97  ? 6.037   -7.078  -4.177  1.00 16.23 ? 78   GLY A CA    1 
ATOM   687  C C     . GLY A 1 97  ? 7.226   -8.016  -4.317  1.00 18.19 ? 78   GLY A C     1 
ATOM   688  O O     . GLY A 1 97  ? 7.773   -8.485  -3.294  1.00 17.84 ? 78   GLY A O     1 
ATOM   689  N N     . THR A 1 98  ? 7.596   -8.324  -5.572  1.00 19.55 ? 79   THR A N     1 
ATOM   690  C CA    . THR A 1 98  ? 8.722   -9.246  -5.870  1.00 21.47 ? 79   THR A CA    1 
ATOM   691  C C     . THR A 1 98  ? 9.775   -8.659  -6.815  1.00 21.41 ? 79   THR A C     1 
ATOM   692  O O     . THR A 1 98  ? 10.967  -8.956  -6.653  1.00 25.43 ? 79   THR A O     1 
ATOM   693  C CB    . THR A 1 98  ? 8.275   -10.638 -6.389  1.00 20.40 ? 79   THR A CB    1 
ATOM   694  O OG1   . THR A 1 98  ? 7.527   -10.476 -7.597  1.00 22.49 ? 79   THR A OG1   1 
ATOM   695  C CG2   . THR A 1 98  ? 7.465   -11.374 -5.350  1.00 19.91 ? 79   THR A CG2   1 
ATOM   696  N N     . LYS A 1 99  ? 9.384   -7.843  -7.794  1.00 21.20 ? 80   LYS A N     1 
ATOM   697  C CA    . LYS A 1 99  ? 10.392  -7.232  -8.693  1.00 21.73 ? 80   LYS A CA    1 
ATOM   698  C C     . LYS A 1 99  ? 10.818  -5.905  -8.120  1.00 21.50 ? 80   LYS A C     1 
ATOM   699  O O     . LYS A 1 99  ? 10.146  -5.387  -7.225  1.00 18.47 ? 80   LYS A O     1 
ATOM   700  C CB    . LYS A 1 99  ? 9.856   -7.095  -10.125 1.00 23.31 ? 80   LYS A CB    1 
ATOM   701  C CG    . LYS A 1 99  ? 9.232   -8.361  -10.738 1.00 27.23 ? 80   LYS A CG    1 
ATOM   702  C CD    . LYS A 1 99  ? 10.238  -9.483  -10.948 1.00 28.16 ? 80   LYS A CD    1 
ATOM   703  C CE    . LYS A 1 99  ? 9.819   -10.458 -12.048 1.00 30.21 ? 80   LYS A CE    1 
ATOM   704  N NZ    . LYS A 1 99  ? 10.365  -10.088 -13.396 1.00 32.51 ? 80   LYS A NZ    1 
ATOM   705  N N     . LYS A 1 100 ? 11.918  -5.337  -8.638  1.00 21.93 ? 81   LYS A N     1 
ATOM   706  C CA    . LYS A 1 100 ? 12.539  -4.126  -8.082  1.00 21.32 ? 81   LYS A CA    1 
ATOM   707  C C     . LYS A 1 100 ? 12.618  -2.993  -9.073  1.00 21.70 ? 81   LYS A C     1 
ATOM   708  O O     . LYS A 1 100 ? 13.096  -3.193  -10.199 1.00 24.93 ? 81   LYS A O     1 
ATOM   709  C CB    . LYS A 1 100 ? 13.984  -4.458  -7.635  1.00 23.10 ? 81   LYS A CB    1 
ATOM   710  C CG    . LYS A 1 100 ? 14.142  -5.788  -6.913  1.00 26.28 ? 81   LYS A CG    1 
ATOM   711  C CD    . LYS A 1 100 ? 13.368  -5.733  -5.604  1.00 26.68 ? 81   LYS A CD    1 
ATOM   712  C CE    . LYS A 1 100 ? 13.509  -6.990  -4.800  1.00 27.99 ? 81   LYS A CE    1 
ATOM   713  N NZ    . LYS A 1 100 ? 12.581  -6.821  -3.634  1.00 28.86 ? 81   LYS A NZ    1 
ATOM   714  N N     . GLY A 1 101 ? 12.212  -1.795  -8.659  1.00 19.85 ? 82   GLY A N     1 
ATOM   715  C CA    . GLY A 1 101 ? 12.413  -0.578  -9.435  1.00 20.17 ? 82   GLY A CA    1 
ATOM   716  C C     . GLY A 1 101 ? 11.411  -0.398  -10.573 1.00 19.13 ? 82   GLY A C     1 
ATOM   717  O O     . GLY A 1 101 ? 10.684  -1.355  -10.910 1.00 21.08 ? 82   GLY A O     1 
ATOM   718  N N     . PRO A 1 102 ? 11.377  0.824   -11.168 1.00 21.24 ? 83   PRO A N     1 
ATOM   719  C CA    . PRO A 1 102 ? 10.435  1.235   -12.214 1.00 20.32 ? 83   PRO A CA    1 
ATOM   720  C C     . PRO A 1 102 ? 10.318  0.351   -13.458 1.00 21.59 ? 83   PRO A C     1 
ATOM   721  O O     . PRO A 1 102 ? 9.231   0.373   -14.065 1.00 21.48 ? 83   PRO A O     1 
ATOM   722  C CB    . PRO A 1 102 ? 10.886  2.639   -12.609 1.00 20.22 ? 83   PRO A CB    1 
ATOM   723  C CG    . PRO A 1 102 ? 11.691  3.147   -11.460 1.00 20.99 ? 83   PRO A CG    1 
ATOM   724  C CD    . PRO A 1 102 ? 12.283  1.926   -10.794 1.00 20.95 ? 83   PRO A CD    1 
ATOM   725  N N     . SER A 1 103 ? 11.343  -0.435  -13.817 1.00 21.85 ? 84   SER A N     1 
ATOM   726  C CA    . SER A 1 103 ? 11.203  -1.366  -14.967 1.00 23.15 ? 84   SER A CA    1 
ATOM   727  C C     . SER A 1 103 ? 10.099  -2.433  -14.824 1.00 24.18 ? 84   SER A C     1 
ATOM   728  O O     . SER A 1 103 ? 9.591   -2.952  -15.843 1.00 23.06 ? 84   SER A O     1 
ATOM   729  C CB    . SER A 1 103 ? 12.518  -2.034  -15.318 1.00 23.24 ? 84   SER A CB    1 
ATOM   730  O OG    . SER A 1 103 ? 12.851  -2.966  -14.341 1.00 25.53 ? 84   SER A OG    1 
ATOM   731  N N     . LYS A 1 104 ? 9.691   -2.738  -13.578 1.00 19.86 ? 85   LYS A N     1 
ATOM   732  C CA    . LYS A 1 104 ? 8.625   -3.713  -13.331 1.00 18.42 ? 85   LYS A CA    1 
ATOM   733  C C     . LYS A 1 104 ? 7.279   -3.271  -13.913 1.00 19.50 ? 85   LYS A C     1 
ATOM   734  O O     . LYS A 1 104 ? 6.390   -4.118  -14.154 1.00 20.88 ? 85   LYS A O     1 
ATOM   735  C CB    . LYS A 1 104 ? 8.489   -4.027  -11.811 1.00 17.35 ? 85   LYS A CB    1 
ATOM   736  C CG    . LYS A 1 104 ? 7.682   -3.002  -11.004 1.00 17.22 ? 85   LYS A CG    1 
ATOM   737  C CD    . LYS A 1 104 ? 7.566   -3.383  -9.522  1.00 16.00 ? 85   LYS A CD    1 
ATOM   738  C CE    . LYS A 1 104 ? 8.690   -2.685  -8.742  1.00 16.44 ? 85   LYS A CE    1 
ATOM   739  N NZ    . LYS A 1 104 ? 8.564   -2.949  -7.273  1.00 14.24 ? 85   LYS A NZ    1 
ATOM   740  N N     . LEU A 1 105 ? 7.125   -1.963  -14.130 1.00 20.65 ? 86   LEU A N     1 
ATOM   741  C CA    . LEU A 1 105 ? 5.835   -1.384  -14.565 1.00 22.54 ? 86   LEU A CA    1 
ATOM   742  C C     . LEU A 1 105 ? 5.476   -1.879  -15.953 1.00 24.75 ? 86   LEU A C     1 
ATOM   743  O O     . LEU A 1 105 ? 4.281   -2.034  -16.276 1.00 23.25 ? 86   LEU A O     1 
ATOM   744  C CB    . LEU A 1 105 ? 5.864   0.143   -14.548 1.00 24.00 ? 86   LEU A CB    1 
ATOM   745  C CG    . LEU A 1 105 ? 5.865   0.943   -13.229 1.00 27.13 ? 86   LEU A CG    1 
ATOM   746  C CD1   . LEU A 1 105 ? 5.202   2.309   -13.399 1.00 29.83 ? 86   LEU A CD1   1 
ATOM   747  C CD2   . LEU A 1 105 ? 5.212   0.171   -12.096 1.00 29.01 ? 86   LEU A CD2   1 
ATOM   748  N N     . LYS A 1 106 ? 6.504   -2.134  -16.763 1.00 25.36 ? 87   LYS A N     1 
ATOM   749  C CA    . LYS A 1 106 ? 6.318   -2.710  -18.109 1.00 28.62 ? 87   LYS A CA    1 
ATOM   750  C C     . LYS A 1 106 ? 5.658   -4.090  -18.042 1.00 28.22 ? 87   LYS A C     1 
ATOM   751  O O     . LYS A 1 106 ? 5.089   -4.567  -19.017 1.00 28.07 ? 87   LYS A O     1 
ATOM   752  C CB    . LYS A 1 106 ? 7.672   -2.827  -18.811 1.00 30.75 ? 87   LYS A CB    1 
ATOM   753  C CG    . LYS A 1 106 ? 8.350   -1.493  -19.106 1.00 34.19 ? 87   LYS A CG    1 
ATOM   754  C CD    . LYS A 1 106 ? 9.763   -1.727  -19.646 1.00 38.79 ? 87   LYS A CD    1 
ATOM   755  C CE    . LYS A 1 106 ? 10.641  -0.484  -19.550 1.00 42.56 ? 87   LYS A CE    1 
ATOM   756  N NZ    . LYS A 1 106 ? 10.184  0.656   -20.407 1.00 46.72 ? 87   LYS A NZ    1 
ATOM   757  N N     . GLU A 1 107 ? 5.726   -4.728  -16.885 1.00 26.90 ? 88   GLU A N     1 
ATOM   758  C CA    . GLU A 1 107 ? 5.185   -6.060  -16.717 1.00 27.85 ? 88   GLU A CA    1 
ATOM   759  C C     . GLU A 1 107 ? 3.798   -6.051  -16.055 1.00 25.08 ? 88   GLU A C     1 
ATOM   760  O O     . GLU A 1 107 ? 3.198   -7.104  -15.882 1.00 27.49 ? 88   GLU A O     1 
ATOM   761  C CB    . GLU A 1 107 ? 6.160   -6.855  -15.853 1.00 31.57 ? 88   GLU A CB    1 
ATOM   762  C CG    . GLU A 1 107 ? 6.309   -8.308  -16.209 1.00 37.05 ? 88   GLU A CG    1 
ATOM   763  C CD    . GLU A 1 107 ? 7.151   -9.023  -15.175 1.00 43.42 ? 88   GLU A CD    1 
ATOM   764  O OE1   . GLU A 1 107 ? 8.146   -8.416  -14.711 1.00 41.90 ? 88   GLU A OE1   1 
ATOM   765  O OE2   . GLU A 1 107 ? 6.789   -10.169 -14.802 1.00 49.34 ? 88   GLU A OE2   1 
ATOM   766  N N     . MET A 1 108 ? 3.310   -4.872  -15.675 1.00 25.90 ? 89   MET A N     1 
ATOM   767  C CA    . MET A 1 108 ? 2.093   -4.747  -14.850 1.00 24.57 ? 89   MET A CA    1 
ATOM   768  C C     . MET A 1 108 ? 0.907   -4.214  -15.654 1.00 23.82 ? 89   MET A C     1 
ATOM   769  O O     . MET A 1 108 ? 1.083   -3.275  -16.428 1.00 28.08 ? 89   MET A O     1 
ATOM   770  C CB    . MET A 1 108 ? 2.364   -3.831  -13.651 1.00 23.03 ? 89   MET A CB    1 
ATOM   771  C CG    . MET A 1 108 ? 3.288   -4.465  -12.627 1.00 24.33 ? 89   MET A CG    1 
ATOM   772  S SD    . MET A 1 108 ? 3.760   -3.315  -11.333 1.00 22.81 ? 89   MET A SD    1 
ATOM   773  C CE    . MET A 1 108 ? 2.205   -3.116  -10.473 1.00 22.43 ? 89   MET A CE    1 
ATOM   774  N N     . SER A 1 109 ? -0.293  -4.768  -15.444 1.00 26.51 ? 90   SER A N     1 
ATOM   775  C CA    . SER A 1 109 ? -1.467  -4.378  -16.245 1.00 29.32 ? 90   SER A CA    1 
ATOM   776  C C     . SER A 1 109 ? -2.055  -3.050  -15.834 1.00 31.01 ? 90   SER A C     1 
ATOM   777  O O     . SER A 1 109 ? -3.056  -2.638  -16.383 1.00 36.20 ? 90   SER A O     1 
ATOM   778  C CB    . SER A 1 109 ? -2.562  -5.446  -16.234 1.00 31.24 ? 90   SER A CB    1 
ATOM   779  O OG    . SER A 1 109 ? -3.451  -5.254  -15.153 1.00 37.99 ? 90   SER A OG    1 
ATOM   780  N N     . VAL A 1 110 ? -1.393  -2.362  -14.920 1.00 32.45 ? 91   VAL A N     1 
ATOM   781  C CA    . VAL A 1 110 ? -1.910  -1.143  -14.287 1.00 34.56 ? 91   VAL A CA    1 
ATOM   782  C C     . VAL A 1 110 ? -1.705  0.115   -15.146 1.00 34.17 ? 91   VAL A C     1 
ATOM   783  O O     . VAL A 1 110 ? -0.701  0.234   -15.841 1.00 35.28 ? 91   VAL A O     1 
ATOM   784  C CB    . VAL A 1 110 ? -1.264  -0.913  -12.869 1.00 34.95 ? 91   VAL A CB    1 
ATOM   785  C CG1   . VAL A 1 110 ? -1.407  -2.134  -11.972 1.00 34.89 ? 91   VAL A CG1   1 
ATOM   786  C CG2   . VAL A 1 110 ? 0.209   -0.505  -12.983 1.00 35.59 ? 91   VAL A CG2   1 
ATOM   787  N N     . THR A 1 111 ? -2.653  1.054   -15.089 1.00 31.51 ? 92   THR A N     1 
ATOM   788  C CA    . THR A 1 111 ? -2.556  2.308   -15.817 1.00 30.74 ? 92   THR A CA    1 
ATOM   789  C C     . THR A 1 111 ? -2.336  3.456   -14.840 1.00 31.49 ? 92   THR A C     1 
ATOM   790  O O     . THR A 1 111 ? -3.117  3.633   -13.890 1.00 31.64 ? 92   THR A O     1 
ATOM   791  C CB    . THR A 1 111 ? -3.858  2.634   -16.597 1.00 31.23 ? 92   THR A CB    1 
ATOM   792  O OG1   . THR A 1 111 ? -4.282  1.500   -17.359 1.00 31.00 ? 92   THR A OG1   1 
ATOM   793  C CG2   . THR A 1 111 ? -3.654  3.817   -17.529 1.00 30.57 ? 92   THR A CG2   1 
ATOM   794  N N     . LEU A 1 112 ? -1.287  4.235   -15.094 1.00 30.30 ? 93   LEU A N     1 
ATOM   795  C CA    . LEU A 1 112 ? -0.974  5.420   -14.326 1.00 30.53 ? 93   LEU A CA    1 
ATOM   796  C C     . LEU A 1 112 ? -1.765  6.608   -14.832 1.00 31.65 ? 93   LEU A C     1 
ATOM   797  O O     . LEU A 1 112 ? -1.813  6.860   -16.029 1.00 32.60 ? 93   LEU A O     1 
ATOM   798  C CB    . LEU A 1 112 ? 0.505   5.739   -14.434 1.00 29.51 ? 93   LEU A CB    1 
ATOM   799  C CG    . LEU A 1 112 ? 1.499   4.702   -13.924 1.00 31.66 ? 93   LEU A CG    1 
ATOM   800  C CD1   . LEU A 1 112 ? 2.884   5.247   -14.246 1.00 30.23 ? 93   LEU A CD1   1 
ATOM   801  C CD2   . LEU A 1 112 ? 1.309   4.388   -12.435 1.00 27.55 ? 93   LEU A CD2   1 
ATOM   802  N N     . ILE A 1 113 ? -2.375  7.339   -13.908 1.00 29.56 ? 94   ILE A N     1 
ATOM   803  C CA    . ILE A 1 113 ? -3.129  8.559   -14.218 1.00 29.73 ? 94   ILE A CA    1 
ATOM   804  C C     . ILE A 1 113 ? -2.640  9.658   -13.284 1.00 29.87 ? 94   ILE A C     1 
ATOM   805  O O     . ILE A 1 113 ? -1.985  9.365   -12.266 1.00 29.06 ? 94   ILE A O     1 
ATOM   806  C CB    . ILE A 1 113 ? -4.662  8.330   -14.120 1.00 29.73 ? 94   ILE A CB    1 
ATOM   807  C CG1   . ILE A 1 113 ? -5.079  7.707   -12.763 1.00 27.41 ? 94   ILE A CG1   1 
ATOM   808  C CG2   . ILE A 1 113 ? -5.119  7.429   -15.254 1.00 30.85 ? 94   ILE A CG2   1 
ATOM   809  C CD1   . ILE A 1 113 ? -6.572  7.713   -12.483 1.00 25.84 ? 94   ILE A CD1   1 
ATOM   810  N N     . PRO A 1 114 ? -2.911  10.925  -13.624 1.00 29.29 ? 95   PRO A N     1 
ATOM   811  C CA    . PRO A 1 114 ? -2.382  11.996  -12.768 1.00 25.68 ? 95   PRO A CA    1 
ATOM   812  C C     . PRO A 1 114 ? -3.075  12.014  -11.417 1.00 26.83 ? 95   PRO A C     1 
ATOM   813  O O     . PRO A 1 114 ? -4.253  11.707  -11.338 1.00 25.71 ? 95   PRO A O     1 
ATOM   814  C CB    . PRO A 1 114 ? -2.688  13.286  -13.536 1.00 25.56 ? 95   PRO A CB    1 
ATOM   815  C CG    . PRO A 1 114 ? -3.421  12.899  -14.771 1.00 27.11 ? 95   PRO A CG    1 
ATOM   816  C CD    . PRO A 1 114 ? -3.586  11.418  -14.840 1.00 27.61 ? 95   PRO A CD    1 
ATOM   817  N N     . SER A 1 115 ? -2.346  12.349  -10.362 1.00 26.30 ? 96   SER A N     1 
ATOM   818  C CA    . SER A 1 115 ? -3.007  12.572  -9.068  1.00 27.02 ? 96   SER A CA    1 
ATOM   819  C C     . SER A 1 115 ? -3.551  13.987  -9.054  1.00 28.01 ? 96   SER A C     1 
ATOM   820  O O     . SER A 1 115 ? -3.226  14.790  -9.930  1.00 29.27 ? 96   SER A O     1 
ATOM   821  C CB    . SER A 1 115 ? -2.056  12.325  -7.894  1.00 23.00 ? 96   SER A CB    1 
ATOM   822  O OG    . SER A 1 115 ? -1.706  10.968  -7.873  1.00 21.59 ? 96   SER A OG    1 
ATOM   823  N N     . LYS A 1 116 ? -4.384  14.289  -8.067  1.00 31.62 ? 97   LYS A N     1 
ATOM   824  C CA    . LYS A 1 116 ? -5.015  15.604  -7.933  1.00 35.91 ? 97   LYS A CA    1 
ATOM   825  C C     . LYS A 1 116 ? -4.116  16.676  -7.331  1.00 34.93 ? 97   LYS A C     1 
ATOM   826  O O     . LYS A 1 116 ? -4.198  17.827  -7.725  1.00 36.26 ? 97   LYS A O     1 
ATOM   827  C CB    . LYS A 1 116 ? -6.260  15.471  -7.057  1.00 36.86 ? 97   LYS A CB    1 
ATOM   828  C CG    . LYS A 1 116 ? -7.566  15.632  -7.781  1.00 41.28 ? 97   LYS A CG    1 
ATOM   829  C CD    . LYS A 1 116 ? -7.908  14.438  -8.624  1.00 41.00 ? 97   LYS A CD    1 
ATOM   830  C CE    . LYS A 1 116 ? -8.961  14.868  -9.607  1.00 43.06 ? 97   LYS A CE    1 
ATOM   831  N NZ    . LYS A 1 116 ? -9.244  13.771  -10.569 1.00 49.24 ? 97   LYS A NZ    1 
ATOM   832  N N     . LYS A 1 117 ? -3.290  16.290  -6.349  1.00 32.86 ? 98   LYS A N     1 
ATOM   833  C CA    . LYS A 1 117 ? -2.486  17.212  -5.568  1.00 32.49 ? 98   LYS A CA    1 
ATOM   834  C C     . LYS A 1 117 ? -1.029  16.805  -5.575  1.00 32.19 ? 98   LYS A C     1 
ATOM   835  O O     . LYS A 1 117 ? -0.164  17.664  -5.602  1.00 38.52 ? 98   LYS A O     1 
ATOM   836  C CB    . LYS A 1 117 ? -2.985  17.323  -4.110  1.00 34.71 ? 98   LYS A CB    1 
ATOM   837  C CG    . LYS A 1 117 ? -3.710  18.612  -3.752  1.00 37.15 ? 98   LYS A CG    1 
ATOM   838  C CD    . LYS A 1 117 ? -2.754  19.670  -3.218  1.00 41.22 ? 98   LYS A CD    1 
ATOM   839  C CE    . LYS A 1 117 ? -3.409  21.048  -3.147  1.00 42.82 ? 98   LYS A CE    1 
ATOM   840  N NZ    . LYS A 1 117 ? -3.483  21.739  -4.474  1.00 46.39 ? 98   LYS A NZ    1 
ATOM   841  N N     . VAL A 1 118 ? -0.736  15.510  -5.544  1.00 28.11 ? 99   VAL A N     1 
ATOM   842  C CA    . VAL A 1 118 ? 0.667   15.113  -5.514  1.00 27.38 ? 99   VAL A CA    1 
ATOM   843  C C     . VAL A 1 118 ? 1.133   14.918  -6.935  1.00 26.29 ? 99   VAL A C     1 
ATOM   844  O O     . VAL A 1 118 ? 0.312   14.743  -7.851  1.00 25.20 ? 99   VAL A O     1 
ATOM   845  C CB    . VAL A 1 118 ? 0.995   13.883  -4.589  1.00 25.86 ? 99   VAL A CB    1 
ATOM   846  C CG1   . VAL A 1 118 ? 0.724   14.224  -3.130  1.00 23.62 ? 99   VAL A CG1   1 
ATOM   847  C CG2   . VAL A 1 118 ? 0.264   12.605  -5.024  1.00 25.07 ? 99   VAL A CG2   1 
ATOM   848  N N     . LYS A 1 119 ? 2.444   14.969  -7.104  1.00 27.49 ? 100  LYS A N     1 
ATOM   849  C CA    . LYS A 1 119 ? 3.065   14.748  -8.395  1.00 27.58 ? 100  LYS A CA    1 
ATOM   850  C C     . LYS A 1 119 ? 3.161   13.259  -8.689  1.00 27.11 ? 100  LYS A C     1 
ATOM   851  O O     . LYS A 1 119 ? 3.179   12.866  -9.845  1.00 26.48 ? 100  LYS A O     1 
ATOM   852  C CB    . LYS A 1 119 ? 4.430   15.432  -8.468  1.00 29.46 ? 100  LYS A CB    1 
ATOM   853  C CG    . LYS A 1 119 ? 4.405   16.935  -8.211  1.00 34.67 ? 100  LYS A CG    1 
ATOM   854  C CD    . LYS A 1 119 ? 5.813   17.459  -7.922  1.00 38.26 ? 100  LYS A CD    1 
ATOM   855  C CE    . LYS A 1 119 ? 5.842   18.980  -7.793  1.00 40.83 ? 100  LYS A CE    1 
ATOM   856  N NZ    . LYS A 1 119 ? 7.227   19.449  -7.514  1.00 40.97 ? 100  LYS A NZ    1 
ATOM   857  N N     . VAL A 1 120 ? 3.190   12.430  -7.642  1.00 23.67 ? 101  VAL A N     1 
ATOM   858  C CA    . VAL A 1 120 ? 3.220   10.972  -7.809  1.00 21.99 ? 101  VAL A CA    1 
ATOM   859  C C     . VAL A 1 120 ? 1.900   10.529  -8.461  1.00 22.26 ? 101  VAL A C     1 
ATOM   860  O O     . VAL A 1 120 ? 0.841   10.994  -8.056  1.00 21.75 ? 101  VAL A O     1 
ATOM   861  C CB    . VAL A 1 120 ? 3.407   10.256  -6.441  1.00 21.17 ? 101  VAL A CB    1 
ATOM   862  C CG1   . VAL A 1 120 ? 3.299   8.747   -6.591  1.00 18.32 ? 101  VAL A CG1   1 
ATOM   863  C CG2   . VAL A 1 120 ? 4.740   10.613  -5.821  1.00 21.69 ? 101  VAL A CG2   1 
ATOM   864  N N     . PRO A 1 121 ? 1.966   9.668   -9.510  1.00 23.52 ? 102  PRO A N     1 
ATOM   865  C CA    . PRO A 1 121 ? 0.719   9.183   -10.130 1.00 22.97 ? 102  PRO A CA    1 
ATOM   866  C C     . PRO A 1 121 ? -0.145  8.260   -9.271  1.00 21.98 ? 102  PRO A C     1 
ATOM   867  O O     . PRO A 1 121 ? 0.333   7.644   -8.293  1.00 21.82 ? 102  PRO A O     1 
ATOM   868  C CB    . PRO A 1 121 ? 1.202   8.405   -11.356 1.00 21.51 ? 102  PRO A CB    1 
ATOM   869  C CG    . PRO A 1 121 ? 2.673   8.231   -11.189 1.00 22.38 ? 102  PRO A CG    1 
ATOM   870  C CD    . PRO A 1 121 ? 3.147   9.362   -10.342 1.00 23.20 ? 102  PRO A CD    1 
ATOM   871  N N     . SER A 1 122 ? -1.423  8.180   -9.656  1.00 20.84 ? 103  SER A N     1 
ATOM   872  C CA    . SER A 1 122 ? -2.385  7.244   -9.111  1.00 19.84 ? 103  SER A CA    1 
ATOM   873  C C     . SER A 1 122 ? -2.558  6.053   -10.056 1.00 20.18 ? 103  SER A C     1 
ATOM   874  O O     . SER A 1 122 ? -2.119  6.101   -11.205 1.00 23.04 ? 103  SER A O     1 
ATOM   875  C CB    . SER A 1 122 ? -3.734  7.961   -8.902  1.00 20.08 ? 103  SER A CB    1 
ATOM   876  O OG    . SER A 1 122 ? -3.580  8.989   -7.931  1.00 21.80 ? 103  SER A OG    1 
ATOM   877  N N     . ILE A 1 123 ? -3.199  4.989   -9.596  1.00 19.81 ? 104  ILE A N     1 
ATOM   878  C CA    . ILE A 1 123 ? -3.424  3.810   -10.445 1.00 21.22 ? 104  ILE A CA    1 
ATOM   879  C C     . ILE A 1 123 ? -4.913  3.738   -10.736 1.00 22.50 ? 104  ILE A C     1 
ATOM   880  O O     . ILE A 1 123 ? -5.728  3.673   -9.808  1.00 22.12 ? 104  ILE A O     1 
ATOM   881  C CB    . ILE A 1 123 ? -2.912  2.499   -9.796  1.00 20.58 ? 104  ILE A CB    1 
ATOM   882  C CG1   . ILE A 1 123 ? -1.378  2.565   -9.618  1.00 20.56 ? 104  ILE A CG1   1 
ATOM   883  C CG2   . ILE A 1 123 ? -3.382  1.273   -10.575 1.00 19.27 ? 104  ILE A CG2   1 
ATOM   884  C CD1   . ILE A 1 123 ? -0.852  1.441   -8.767  1.00 19.62 ? 104  ILE A CD1   1 
ATOM   885  N N     . GLU A 1 124 ? -5.260  3.778   -12.029 1.00 24.34 ? 105  GLU A N     1 
ATOM   886  C CA    . GLU A 1 124 ? -6.679  3.830   -12.468 1.00 26.30 ? 105  GLU A CA    1 
ATOM   887  C C     . GLU A 1 124 ? -7.490  2.621   -12.002 1.00 25.58 ? 105  GLU A C     1 
ATOM   888  O O     . GLU A 1 124 ? -8.653  2.740   -11.631 1.00 25.45 ? 105  GLU A O     1 
ATOM   889  C CB    . GLU A 1 124 ? -6.751  3.939   -14.000 1.00 30.27 ? 105  GLU A CB    1 
ATOM   890  C CG    . GLU A 1 124 ? -8.127  4.288   -14.565 1.00 34.05 ? 105  GLU A CG    1 
ATOM   891  C CD    . GLU A 1 124 ? -8.041  4.778   -16.008 1.00 40.14 ? 105  GLU A CD    1 
ATOM   892  O OE1   . GLU A 1 124 ? -7.700  3.965   -16.900 1.00 39.40 ? 105  GLU A OE1   1 
ATOM   893  O OE2   . GLU A 1 124 ? -8.298  5.984   -16.259 1.00 41.07 ? 105  GLU A OE2   1 
ATOM   894  N N     . GLU A 1 125 ? -6.876  1.445   -12.050 1.00 25.88 ? 106  GLU A N     1 
ATOM   895  C CA    . GLU A 1 125 ? -7.550  0.221   -11.660 1.00 25.03 ? 106  GLU A CA    1 
ATOM   896  C C     . GLU A 1 125 ? -7.725  0.078   -10.137 1.00 24.12 ? 106  GLU A C     1 
ATOM   897  O O     . GLU A 1 125 ? -8.444  -0.819  -9.687  1.00 22.91 ? 106  GLU A O     1 
ATOM   898  C CB    . GLU A 1 125 ? -6.801  -1.007  -12.207 1.00 27.34 ? 106  GLU A CB    1 
ATOM   899  C CG    . GLU A 1 125 ? -6.711  -1.099  -13.732 1.00 29.35 ? 106  GLU A CG    1 
ATOM   900  C CD    . GLU A 1 125 ? -5.639  -0.206  -14.323 1.00 31.19 ? 106  GLU A CD    1 
ATOM   901  O OE1   . GLU A 1 125 ? -4.957  0.507   -13.568 1.00 31.50 ? 106  GLU A OE1   1 
ATOM   902  O OE2   . GLU A 1 125 ? -5.462  -0.203  -15.567 1.00 35.39 ? 106  GLU A OE2   1 
ATOM   903  N N     . ALA A 1 126 ? -7.047  0.919   -9.346  1.00 22.56 ? 107  ALA A N     1 
ATOM   904  C CA    . ALA A 1 126 ? -7.108  0.763   -7.872  1.00 19.90 ? 107  ALA A CA    1 
ATOM   905  C C     . ALA A 1 126 ? -8.519  1.115   -7.363  1.00 20.18 ? 107  ALA A C     1 
ATOM   906  O O     . ALA A 1 126 ? -9.208  1.936   -7.981  1.00 21.06 ? 107  ALA A O     1 
ATOM   907  C CB    . ALA A 1 126 ? -6.041  1.627   -7.177  1.00 20.43 ? 107  ALA A CB    1 
ATOM   908  N N     . LEU A 1 127 ? -8.958  0.501   -6.260  1.00 18.60 ? 108  LEU A N     1 
ATOM   909  C CA    . LEU A 1 127 ? -10.269 0.853   -5.679  1.00 18.14 ? 108  LEU A CA    1 
ATOM   910  C C     . LEU A 1 127 ? -10.273 2.261   -5.065  1.00 19.23 ? 108  LEU A C     1 
ATOM   911  O O     . LEU A 1 127 ? -11.323 2.887   -4.903  1.00 17.05 ? 108  LEU A O     1 
ATOM   912  C CB    . LEU A 1 127 ? -10.749 -0.195  -4.661  1.00 17.57 ? 108  LEU A CB    1 
ATOM   913  C CG    . LEU A 1 127 ? -10.726 -1.672  -5.089  1.00 17.55 ? 108  LEU A CG    1 
ATOM   914  C CD1   . LEU A 1 127 ? -10.958 -2.593  -3.909  1.00 17.69 ? 108  LEU A CD1   1 
ATOM   915  C CD2   . LEU A 1 127 ? -11.728 -1.978  -6.218  1.00 17.78 ? 108  LEU A CD2   1 
ATOM   916  N N     . ALA A 1 128 ? -9.089  2.729   -4.682  1.00 17.68 ? 109  ALA A N     1 
ATOM   917  C CA    . ALA A 1 128 ? -8.898  4.032   -4.082  1.00 16.30 ? 109  ALA A CA    1 
ATOM   918  C C     . ALA A 1 128 ? -7.443  4.395   -4.263  1.00 16.01 ? 109  ALA A C     1 
ATOM   919  O O     . ALA A 1 128 ? -6.584  3.520   -4.341  1.00 17.89 ? 109  ALA A O     1 
ATOM   920  C CB    . ALA A 1 128 ? -9.261  4.006   -2.594  1.00 16.20 ? 109  ALA A CB    1 
ATOM   921  N N     . ASN A 1 129 ? -7.180  5.693   -4.304  1.00 17.50 ? 110  ASN A N     1 
ATOM   922  C CA    . ASN A 1 129 ? -5.824  6.250   -4.383  1.00 18.30 ? 110  ASN A CA    1 
ATOM   923  C C     . ASN A 1 129 ? -5.721  7.373   -3.357  1.00 18.50 ? 110  ASN A C     1 
ATOM   924  O O     . ASN A 1 129 ? -6.505  8.335   -3.391  1.00 17.10 ? 110  ASN A O     1 
ATOM   925  C CB    . ASN A 1 129 ? -5.571  6.784   -5.788  1.00 17.94 ? 110  ASN A CB    1 
ATOM   926  C CG    . ASN A 1 129 ? -5.302  5.672   -6.796  1.00 18.53 ? 110  ASN A CG    1 
ATOM   927  O OD1   . ASN A 1 129 ? -4.190  5.134   -6.883  1.00 18.25 ? 110  ASN A OD1   1 
ATOM   928  N ND2   . ASN A 1 129 ? -6.323  5.348   -7.595  1.00 19.23 ? 110  ASN A ND2   1 
ATOM   929  N N     . ILE A 1 130 ? -4.779  7.254   -2.411  1.00 16.12 ? 111  ILE A N     1 
ATOM   930  C CA    . ILE A 1 130 ? -4.721  8.213   -1.282  1.00 15.71 ? 111  ILE A CA    1 
ATOM   931  C C     . ILE A 1 130 ? -3.406  8.959   -1.388  1.00 16.53 ? 111  ILE A C     1 
ATOM   932  O O     . ILE A 1 130 ? -2.309  8.361   -1.268  1.00 16.63 ? 111  ILE A O     1 
ATOM   933  C CB    . ILE A 1 130 ? -4.847  7.493   0.067   1.00 14.66 ? 111  ILE A CB    1 
ATOM   934  C CG1   . ILE A 1 130 ? -6.173  6.699   0.124   1.00 15.23 ? 111  ILE A CG1   1 
ATOM   935  C CG2   . ILE A 1 130 ? -4.692  8.474   1.222   1.00 14.56 ? 111  ILE A CG2   1 
ATOM   936  C CD1   . ILE A 1 130 ? -6.130  5.484   1.030   1.00 16.80 ? 111  ILE A CD1   1 
ATOM   937  N N     . GLU A 1 131 ? -3.506  10.268  -1.637  1.00 16.27 ? 112  GLU A N     1 
ATOM   938  C CA    . GLU A 1 131 ? -2.342  11.076  -2.000  1.00 16.69 ? 112  GLU A CA    1 
ATOM   939  C C     . GLU A 1 131 ? -1.709  11.674  -0.772  1.00 16.70 ? 112  GLU A C     1 
ATOM   940  O O     . GLU A 1 131 ? -2.393  12.328  -0.010  1.00 16.61 ? 112  GLU A O     1 
ATOM   941  C CB    . GLU A 1 131 ? -2.781  12.215  -2.943  1.00 17.54 ? 112  GLU A CB    1 
ATOM   942  C CG    . GLU A 1 131 ? -3.456  11.701  -4.193  1.00 20.77 ? 112  GLU A CG    1 
ATOM   943  C CD    . GLU A 1 131 ? -3.931  12.842  -5.089  1.00 21.72 ? 112  GLU A CD    1 
ATOM   944  O OE1   . GLU A 1 131 ? -3.392  13.957  -4.965  1.00 24.32 ? 112  GLU A OE1   1 
ATOM   945  O OE2   . GLU A 1 131 ? -4.835  12.587  -5.907  1.00 23.84 ? 112  GLU A OE2   1 
ATOM   946  N N     . CYS A 1 132 ? -0.396  11.470  -0.595  1.00 17.60 ? 113  CYS A N     1 
ATOM   947  C CA    . CYS A 1 132 ? 0.276   11.776  0.687   1.00 17.52 ? 113  CYS A CA    1 
ATOM   948  C C     . CYS A 1 132 ? 1.555   12.621  0.558   1.00 18.63 ? 113  CYS A C     1 
ATOM   949  O O     . CYS A 1 132 ? 2.403   12.390  -0.304  1.00 17.34 ? 113  CYS A O     1 
ATOM   950  C CB    . CYS A 1 132 ? 0.626   10.482  1.460   1.00 18.62 ? 113  CYS A CB    1 
ATOM   951  S SG    . CYS A 1 132 ? -0.755  9.322   1.713   1.00 16.81 ? 113  CYS A SG    1 
ATOM   952  N N     . ARG A 1 133 ? 1.693   13.581  1.466   1.00 19.98 ? 114  ARG A N     1 
ATOM   953  C CA    A ARG A 1 133 ? 2.947   14.325  1.600   0.70 20.69 ? 114  ARG A CA    1 
ATOM   954  C CA    B ARG A 1 133 ? 2.918   14.349  1.610   0.30 19.82 ? 114  ARG A CA    1 
ATOM   955  C C     . ARG A 1 133 ? 3.603   13.901  2.891   1.00 19.82 ? 114  ARG A C     1 
ATOM   956  O O     . ARG A 1 133 ? 2.973   13.921  3.961   1.00 20.09 ? 114  ARG A O     1 
ATOM   957  C CB    A ARG A 1 133 ? 2.713   15.835  1.622   0.70 25.16 ? 114  ARG A CB    1 
ATOM   958  C CB    B ARG A 1 133 ? 2.573   15.826  1.712   0.30 20.91 ? 114  ARG A CB    1 
ATOM   959  C CG    A ARG A 1 133 ? 2.477   16.464  0.253   0.70 27.43 ? 114  ARG A CG    1 
ATOM   960  C CG    B ARG A 1 133 ? 3.702   16.769  1.357   0.30 21.08 ? 114  ARG A CG    1 
ATOM   961  C CD    A ARG A 1 133 ? 2.448   17.985  0.365   0.70 30.00 ? 114  ARG A CD    1 
ATOM   962  C CD    B ARG A 1 133 ? 3.236   18.191  1.605   0.30 20.52 ? 114  ARG A CD    1 
ATOM   963  N NE    A ARG A 1 133 ? 1.896   18.619  -0.837  0.70 33.78 ? 114  ARG A NE    1 
ATOM   964  N NE    B ARG A 1 133 ? 3.127   18.437  3.031   0.30 20.85 ? 114  ARG A NE    1 
ATOM   965  C CZ    A ARG A 1 133 ? 0.844   19.439  -0.854  0.70 33.04 ? 114  ARG A CZ    1 
ATOM   966  C CZ    B ARG A 1 133 ? 2.030   18.839  3.655   0.30 21.23 ? 114  ARG A CZ    1 
ATOM   967  N NH1   A ARG A 1 133 ? 0.195   19.746  0.266   0.70 34.58 ? 114  ARG A NH1   1 
ATOM   968  N NH1   B ARG A 1 133 ? 0.920   19.079  2.981   0.30 21.76 ? 114  ARG A NH1   1 
ATOM   969  N NH2   A ARG A 1 133 ? 0.444   19.958  -2.004  0.70 35.41 ? 114  ARG A NH2   1 
ATOM   970  N NH2   B ARG A 1 133 ? 2.061   19.025  4.958   0.30 21.85 ? 114  ARG A NH2   1 
ATOM   971  N N     . VAL A 1 134 ? 4.866   13.522  2.786   1.00 19.86 ? 115  VAL A N     1 
ATOM   972  C CA    . VAL A 1 134 ? 5.657   13.071  3.935   1.00 19.90 ? 115  VAL A CA    1 
ATOM   973  C C     . VAL A 1 134 ? 5.797   14.193  4.973   1.00 22.00 ? 115  VAL A C     1 
ATOM   974  O O     . VAL A 1 134 ? 6.227   15.313  4.647   1.00 22.82 ? 115  VAL A O     1 
ATOM   975  C CB    . VAL A 1 134 ? 7.030   12.520  3.469   1.00 19.72 ? 115  VAL A CB    1 
ATOM   976  C CG1   . VAL A 1 134 ? 7.909   12.135  4.634   1.00 18.99 ? 115  VAL A CG1   1 
ATOM   977  C CG2   . VAL A 1 134 ? 6.850   11.301  2.562   1.00 18.87 ? 115  VAL A CG2   1 
ATOM   978  N N     . ILE A 1 135 ? 5.398   13.909  6.211   1.00 21.42 ? 116  ILE A N     1 
ATOM   979  C CA    . ILE A 1 135 ? 5.636   14.833  7.343   1.00 20.99 ? 116  ILE A CA    1 
ATOM   980  C C     . ILE A 1 135 ? 6.595   14.301  8.436   1.00 22.79 ? 116  ILE A C     1 
ATOM   981  O O     . ILE A 1 135 ? 6.994   15.040  9.335   1.00 24.07 ? 116  ILE A O     1 
ATOM   982  C CB    . ILE A 1 135 ? 4.308   15.304  7.974   1.00 21.30 ? 116  ILE A CB    1 
ATOM   983  C CG1   . ILE A 1 135 ? 3.531   14.109  8.561   1.00 21.20 ? 116  ILE A CG1   1 
ATOM   984  C CG2   . ILE A 1 135 ? 3.473   16.115  6.972   1.00 20.53 ? 116  ILE A CG2   1 
ATOM   985  C CD1   . ILE A 1 135 ? 2.579   14.492  9.671   1.00 22.95 ? 116  ILE A CD1   1 
ATOM   986  N N     . ASP A 1 136 ? 6.959   13.021  8.375   1.00 21.07 ? 117  ASP A N     1 
ATOM   987  C CA    . ASP A 1 136 ? 7.874   12.456  9.342   1.00 20.44 ? 117  ASP A CA    1 
ATOM   988  C C     . ASP A 1 136 ? 8.408   11.152  8.763   1.00 20.97 ? 117  ASP A C     1 
ATOM   989  O O     . ASP A 1 136 ? 7.735   10.535  7.897   1.00 20.13 ? 117  ASP A O     1 
ATOM   990  C CB    . ASP A 1 136 ? 7.175   12.251  10.694  1.00 20.37 ? 117  ASP A CB    1 
ATOM   991  C CG    . ASP A 1 136 ? 8.151   12.314  11.875  1.00 21.04 ? 117  ASP A CG    1 
ATOM   992  O OD1   . ASP A 1 136 ? 9.291   12.807  11.695  1.00 23.46 ? 117  ASP A OD1   1 
ATOM   993  O OD2   . ASP A 1 136 ? 7.806   11.884  12.992  1.00 19.77 ? 117  ASP A OD2   1 
ATOM   994  N N     A ALA A 1 137 ? 9.622   10.789  9.181   0.50 20.55 ? 118  ALA A N     1 
ATOM   995  N N     B ALA A 1 137 ? 9.585   10.701  9.208   0.50 20.16 ? 118  ALA A N     1 
ATOM   996  C CA    A ALA A 1 137 ? 10.286  9.575   8.757   0.50 21.45 ? 118  ALA A CA    1 
ATOM   997  C CA    B ALA A 1 137 ? 10.164  9.477   8.655   0.50 20.91 ? 118  ALA A CA    1 
ATOM   998  C C     A ALA A 1 137 ? 11.192  9.111   9.879   0.50 23.09 ? 118  ALA A C     1 
ATOM   999  C C     B ALA A 1 137 ? 11.070  8.710   9.596   0.50 22.55 ? 118  ALA A C     1 
ATOM   1000 O O     A ALA A 1 137 ? 12.374  9.433   9.910   0.50 26.30 ? 118  ALA A O     1 
ATOM   1001 O O     B ALA A 1 137 ? 12.203  8.403   9.205   0.50 23.09 ? 118  ALA A O     1 
ATOM   1002 C CB    A ALA A 1 137 ? 11.085  9.796   7.484   0.50 21.23 ? 118  ALA A CB    1 
ATOM   1003 C CB    B ALA A 1 137 ? 10.921  9.777   7.370   0.50 20.70 ? 118  ALA A CB    1 
ATOM   1004 N N     . ARG A 1 138 ? 10.614  8.353   10.794  1.00 23.36 ? 119  ARG A N     1 
ATOM   1005 C CA    A ARG A 1 138 ? 11.335  7.709   11.906  0.50 23.60 ? 119  ARG A CA    1 
ATOM   1006 C CA    B ARG A 1 138 ? 11.595  7.777   11.710  0.50 25.21 ? 119  ARG A CA    1 
ATOM   1007 C C     . ARG A 1 138 ? 11.896  6.302   11.587  1.00 23.43 ? 119  ARG A C     1 
ATOM   1008 O O     . ARG A 1 138 ? 11.208  5.513   10.952  1.00 25.18 ? 119  ARG A O     1 
ATOM   1009 C CB    A ARG A 1 138 ? 10.374  7.599   13.090  0.50 23.28 ? 119  ARG A CB    1 
ATOM   1010 C CB    B ARG A 1 138 ? 11.645  8.258   13.192  0.50 28.23 ? 119  ARG A CB    1 
ATOM   1011 C CG    A ARG A 1 138 ? 9.613   8.877   13.403  0.50 25.62 ? 119  ARG A CG    1 
ATOM   1012 C CG    B ARG A 1 138 ? 10.643  9.178   13.856  0.50 31.41 ? 119  ARG A CG    1 
ATOM   1013 C CD    A ARG A 1 138 ? 10.337  9.687   14.472  0.50 26.91 ? 119  ARG A CD    1 
ATOM   1014 C CD    B ARG A 1 138 ? 10.571  8.622   15.282  0.50 34.40 ? 119  ARG A CD    1 
ATOM   1015 N NE    A ARG A 1 138 ? 9.979   11.098  14.468  0.50 29.38 ? 119  ARG A NE    1 
ATOM   1016 N NE    B ARG A 1 138 ? 10.786  9.509   16.433  0.50 36.71 ? 119  ARG A NE    1 
ATOM   1017 C CZ    A ARG A 1 138 ? 10.868  12.085  14.523  0.50 31.75 ? 119  ARG A CZ    1 
ATOM   1018 C CZ    B ARG A 1 138 ? 11.454  10.657  16.430  0.50 37.84 ? 119  ARG A CZ    1 
ATOM   1019 N NH1   A ARG A 1 138 ? 12.164  11.803  14.596  0.50 34.66 ? 119  ARG A NH1   1 
ATOM   1020 N NH1   B ARG A 1 138 ? 12.015  11.111  15.321  0.50 37.64 ? 119  ARG A NH1   1 
ATOM   1021 N NH2   A ARG A 1 138 ? 10.470  13.350  14.516  0.50 31.63 ? 119  ARG A NH2   1 
ATOM   1022 N NH2   B ARG A 1 138 ? 11.572  11.339  17.561  0.50 36.65 ? 119  ARG A NH2   1 
ATOM   1023 N N     . SER A 1 139 ? 13.066  5.971   12.106  1.00 23.05 ? 120  SER A N     1 
ATOM   1024 C CA    A SER A 1 139 ? 13.637  4.645   11.959  0.50 22.63 ? 120  SER A CA    1 
ATOM   1025 C CA    B SER A 1 139 ? 13.624  4.643   11.947  0.50 22.43 ? 120  SER A CA    1 
ATOM   1026 C C     . SER A 1 139 ? 13.302  3.778   13.154  1.00 22.42 ? 120  SER A C     1 
ATOM   1027 O O     . SER A 1 139 ? 13.660  4.107   14.287  1.00 24.06 ? 120  SER A O     1 
ATOM   1028 C CB    A SER A 1 139 ? 15.154  4.730   11.836  0.50 22.56 ? 120  SER A CB    1 
ATOM   1029 C CB    B SER A 1 139 ? 15.141  4.724   11.741  0.50 22.15 ? 120  SER A CB    1 
ATOM   1030 O OG    A SER A 1 139 ? 15.537  4.720   10.484  0.50 22.24 ? 120  SER A OG    1 
ATOM   1031 O OG    B SER A 1 139 ? 15.678  3.478   11.327  0.50 21.17 ? 120  SER A OG    1 
ATOM   1032 N N     . TYR A 1 140 ? 12.615  2.665   12.906  1.00 20.74 ? 121  TYR A N     1 
ATOM   1033 C CA    . TYR A 1 140 ? 12.355  1.694   13.961  1.00 20.23 ? 121  TYR A CA    1 
ATOM   1034 C C     . TYR A 1 140 ? 12.850  0.362   13.468  1.00 20.16 ? 121  TYR A C     1 
ATOM   1035 O O     . TYR A 1 140 ? 12.324  -0.208  12.495  1.00 20.21 ? 121  TYR A O     1 
ATOM   1036 C CB    . TYR A 1 140 ? 10.866  1.623   14.352  1.00 19.47 ? 121  TYR A CB    1 
ATOM   1037 C CG    . TYR A 1 140 ? 10.258  2.923   14.777  1.00 18.51 ? 121  TYR A CG    1 
ATOM   1038 C CD1   . TYR A 1 140 ? 10.661  3.566   15.967  1.00 17.31 ? 121  TYR A CD1   1 
ATOM   1039 C CD2   . TYR A 1 140 ? 9.270   3.519   14.010  1.00 17.74 ? 121  TYR A CD2   1 
ATOM   1040 C CE1   . TYR A 1 140 ? 10.088  4.759   16.373  1.00 17.28 ? 121  TYR A CE1   1 
ATOM   1041 C CE2   . TYR A 1 140 ? 8.702   4.722   14.386  1.00 16.95 ? 121  TYR A CE2   1 
ATOM   1042 C CZ    . TYR A 1 140 ? 9.110   5.341   15.583  1.00 16.81 ? 121  TYR A CZ    1 
ATOM   1043 O OH    . TYR A 1 140 ? 8.545   6.545   15.946  1.00 17.54 ? 121  TYR A OH    1 
ATOM   1044 N N     . GLY A 1 141 ? 13.884  -0.148  14.139  1.00 19.30 ? 122  GLY A N     1 
ATOM   1045 C CA    . GLY A 1 141 ? 14.529  -1.366  13.720  1.00 20.06 ? 122  GLY A CA    1 
ATOM   1046 C C     . GLY A 1 141 ? 14.862  -1.265  12.251  1.00 19.94 ? 122  GLY A C     1 
ATOM   1047 O O     . GLY A 1 141 ? 15.423  -0.247  11.814  1.00 21.38 ? 122  GLY A O     1 
ATOM   1048 N N     . ASP A 1 142 ? 14.450  -2.288  11.491  1.00 19.22 ? 123  ASP A N     1 
ATOM   1049 C CA    . ASP A 1 142 ? 14.845  -2.440  10.087  1.00 18.68 ? 123  ASP A CA    1 
ATOM   1050 C C     . ASP A 1 142 ? 13.915  -1.789  9.033   1.00 16.87 ? 123  ASP A C     1 
ATOM   1051 O O     . ASP A 1 142 ? 14.079  -2.060  7.846   1.00 17.16 ? 123  ASP A O     1 
ATOM   1052 C CB    . ASP A 1 142 ? 15.083  -3.924  9.762   1.00 19.51 ? 123  ASP A CB    1 
ATOM   1053 C CG    . ASP A 1 142 ? 13.861  -4.797  9.971   1.00 20.72 ? 123  ASP A CG    1 
ATOM   1054 O OD1   . ASP A 1 142 ? 12.709  -4.288  10.026  1.00 19.03 ? 123  ASP A OD1   1 
ATOM   1055 O OD2   . ASP A 1 142 ? 14.037  -6.037  10.045  1.00 20.58 ? 123  ASP A OD2   1 
ATOM   1056 N N     . HIS A 1 143 ? 12.973  -0.955  9.450   1.00 15.88 ? 124  HIS A N     1 
ATOM   1057 C CA    . HIS A 1 143 ? 12.173  -0.135  8.500   1.00 15.63 ? 124  HIS A CA    1 
ATOM   1058 C C     . HIS A 1 143 ? 12.134  1.355   8.869   1.00 15.61 ? 124  HIS A C     1 
ATOM   1059 O O     . HIS A 1 143 ? 12.222  1.714   10.047  1.00 15.93 ? 124  HIS A O     1 
ATOM   1060 C CB    . HIS A 1 143 ? 10.706  -0.623  8.436   1.00 16.04 ? 124  HIS A CB    1 
ATOM   1061 C CG    . HIS A 1 143 ? 10.516  -1.932  7.725   1.00 14.83 ? 124  HIS A CG    1 
ATOM   1062 N ND1   . HIS A 1 143 ? 11.126  -3.101  8.124   1.00 14.16 ? 124  HIS A ND1   1 
ATOM   1063 C CD2   . HIS A 1 143 ? 9.785   -2.243  6.627   1.00 14.49 ? 124  HIS A CD2   1 
ATOM   1064 C CE1   . HIS A 1 143 ? 10.780  -4.072  7.301   1.00 15.03 ? 124  HIS A CE1   1 
ATOM   1065 N NE2   . HIS A 1 143 ? 9.948   -3.579  6.401   1.00 14.87 ? 124  HIS A NE2   1 
ATOM   1066 N N     . THR A 1 144 ? 11.896  2.217   7.872   1.00 15.12 ? 125  THR A N     1 
ATOM   1067 C CA    . THR A 1 144 ? 11.530  3.604   8.093   1.00 15.68 ? 125  THR A CA    1 
ATOM   1068 C C     . THR A 1 144 ? 10.007  3.690   8.094   1.00 15.42 ? 125  THR A C     1 
ATOM   1069 O O     . THR A 1 144 ? 9.359   3.081   7.208   1.00 15.37 ? 125  THR A O     1 
ATOM   1070 C CB    . THR A 1 144 ? 12.059  4.505   6.964   1.00 17.19 ? 125  THR A CB    1 
ATOM   1071 O OG1   . THR A 1 144 ? 13.487  4.462   6.960   1.00 18.64 ? 125  THR A OG1   1 
ATOM   1072 C CG2   . THR A 1 144 ? 11.588  5.924   7.135   1.00 18.48 ? 125  THR A CG2   1 
ATOM   1073 N N     . PHE A 1 145 ? 9.448   4.348   9.101   1.00 14.74 ? 126  PHE A N     1 
ATOM   1074 C CA    . PHE A 1 145 ? 8.005   4.592   9.151   1.00 12.99 ? 126  PHE A CA    1 
ATOM   1075 C C     . PHE A 1 145 ? 7.767   5.971   8.548   1.00 13.95 ? 126  PHE A C     1 
ATOM   1076 O O     . PHE A 1 145 ? 8.035   6.972   9.186   1.00 15.24 ? 126  PHE A O     1 
ATOM   1077 C CB    . PHE A 1 145 ? 7.453   4.462   10.600  1.00 13.09 ? 126  PHE A CB    1 
ATOM   1078 C CG    . PHE A 1 145 ? 5.935   4.387   10.687  1.00 12.75 ? 126  PHE A CG    1 
ATOM   1079 C CD1   . PHE A 1 145 ? 5.219   3.359   10.080  1.00 13.85 ? 126  PHE A CD1   1 
ATOM   1080 C CD2   . PHE A 1 145 ? 5.213   5.358   11.367  1.00 13.24 ? 126  PHE A CD2   1 
ATOM   1081 C CE1   . PHE A 1 145 ? 3.816   3.318   10.159  1.00 12.85 ? 126  PHE A CE1   1 
ATOM   1082 C CE2   . PHE A 1 145 ? 3.832   5.331   11.449  1.00 13.19 ? 126  PHE A CE2   1 
ATOM   1083 C CZ    . PHE A 1 145 ? 3.123   4.298   10.852  1.00 13.89 ? 126  PHE A CZ    1 
ATOM   1084 N N     . PHE A 1 146 ? 7.287   6.011   7.305   1.00 14.22 ? 127  PHE A N     1 
ATOM   1085 C CA    . PHE A 1 146 ? 7.003   7.266   6.630   1.00 14.53 ? 127  PHE A CA    1 
ATOM   1086 C C     . PHE A 1 146 ? 5.577   7.630   6.989   1.00 15.69 ? 127  PHE A C     1 
ATOM   1087 O O     . PHE A 1 146 ? 4.630   6.836   6.737   1.00 15.25 ? 127  PHE A O     1 
ATOM   1088 C CB    . PHE A 1 146 ? 7.081   7.073   5.115   1.00 14.63 ? 127  PHE A CB    1 
ATOM   1089 C CG    . PHE A 1 146 ? 8.491   6.952   4.572   1.00 14.95 ? 127  PHE A CG    1 
ATOM   1090 C CD1   . PHE A 1 146 ? 9.328   8.074   4.499   1.00 16.02 ? 127  PHE A CD1   1 
ATOM   1091 C CD2   . PHE A 1 146 ? 8.945   5.732   4.071   1.00 15.16 ? 127  PHE A CD2   1 
ATOM   1092 C CE1   . PHE A 1 146 ? 10.604  7.964   3.966   1.00 16.61 ? 127  PHE A CE1   1 
ATOM   1093 C CE2   . PHE A 1 146 ? 10.212  5.601   3.537   1.00 16.21 ? 127  PHE A CE2   1 
ATOM   1094 C CZ    . PHE A 1 146 ? 11.058  6.723   3.504   1.00 15.70 ? 127  PHE A CZ    1 
ATOM   1095 N N     . VAL A 1 147 ? 5.429   8.810   7.582   1.00 14.60 ? 128  VAL A N     1 
ATOM   1096 C CA    . VAL A 1 147 ? 4.113   9.359   7.953   1.00 15.90 ? 128  VAL A CA    1 
ATOM   1097 C C     . VAL A 1 147 ? 3.716   10.433  6.919   1.00 17.00 ? 128  VAL A C     1 
ATOM   1098 O O     . VAL A 1 147 ? 4.516   11.360  6.643   1.00 18.73 ? 128  VAL A O     1 
ATOM   1099 C CB    . VAL A 1 147 ? 4.196   9.971   9.372   1.00 15.46 ? 128  VAL A CB    1 
ATOM   1100 C CG1   . VAL A 1 147 ? 2.868   10.514  9.808   1.00 13.61 ? 128  VAL A CG1   1 
ATOM   1101 C CG2   . VAL A 1 147 ? 4.713   8.910   10.340  1.00 15.92 ? 128  VAL A CG2   1 
ATOM   1102 N N     . GLY A 1 148 ? 2.523   10.282  6.334   1.00 17.19 ? 129  GLY A N     1 
ATOM   1103 C CA    . GLY A 1 148 ? 2.055   11.141  5.246   1.00 17.43 ? 129  GLY A CA    1 
ATOM   1104 C C     . GLY A 1 148 ? 0.724   11.785  5.571   1.00 17.36 ? 129  GLY A C     1 
ATOM   1105 O O     . GLY A 1 148 ? -0.208  11.077  5.938   1.00 17.40 ? 129  GLY A O     1 
ATOM   1106 N N     . GLU A 1 149 ? 0.655   13.131  5.514   1.00 17.62 ? 130  GLU A N     1 
ATOM   1107 C CA    . GLU A 1 149 ? -0.597  13.848  5.597   1.00 17.93 ? 130  GLU A CA    1 
ATOM   1108 C C     . GLU A 1 149 ? -1.310  13.646  4.287   1.00 16.91 ? 130  GLU A C     1 
ATOM   1109 O O     . GLU A 1 149 ? -0.715  13.795  3.216   1.00 17.67 ? 130  GLU A O     1 
ATOM   1110 C CB    . GLU A 1 149 ? -0.420  15.372  5.846   1.00 18.40 ? 130  GLU A CB    1 
ATOM   1111 C CG    . GLU A 1 149 ? -1.768  16.103  5.833   1.00 21.46 ? 130  GLU A CG    1 
ATOM   1112 C CD    . GLU A 1 149 ? -1.793  17.446  6.539   0.50 22.09 ? 130  GLU A CD    1 
ATOM   1113 O OE1   . GLU A 1 149 ? -0.730  17.904  7.007   0.50 22.85 ? 130  GLU A OE1   1 
ATOM   1114 O OE2   . GLU A 1 149 ? -2.890  18.040  6.622   0.50 21.71 ? 130  GLU A OE2   1 
ATOM   1115 N N     . VAL A 1 150 ? -2.583  13.296  4.363   1.00 15.78 ? 131  VAL A N     1 
ATOM   1116 C CA    . VAL A 1 150 ? -3.340  13.068  3.156   1.00 16.70 ? 131  VAL A CA    1 
ATOM   1117 C C     . VAL A 1 150 ? -3.837  14.399  2.551   1.00 17.67 ? 131  VAL A C     1 
ATOM   1118 O O     . VAL A 1 150 ? -4.615  15.182  3.173   1.00 18.53 ? 131  VAL A O     1 
ATOM   1119 C CB    . VAL A 1 150 ? -4.486  12.092  3.412   1.00 15.99 ? 131  VAL A CB    1 
ATOM   1120 C CG1   . VAL A 1 150 ? -5.269  11.896  2.107   1.00 14.52 ? 131  VAL A CG1   1 
ATOM   1121 C CG2   . VAL A 1 150 ? -3.971  10.758  3.980   1.00 15.40 ? 131  VAL A CG2   1 
ATOM   1122 N N     . VAL A 1 151 ? -3.370  14.667  1.338   1.00 19.34 ? 132  VAL A N     1 
ATOM   1123 C CA    . VAL A 1 151 ? -3.683  15.936  0.651   1.00 20.75 ? 132  VAL A CA    1 
ATOM   1124 C C     . VAL A 1 151 ? -4.665  15.816  -0.533  1.00 22.10 ? 132  VAL A C     1 
ATOM   1125 O O     . VAL A 1 151 ? -5.101  16.805  -1.102  1.00 23.59 ? 132  VAL A O     1 
ATOM   1126 C CB    . VAL A 1 151 ? -2.396  16.676  0.227   1.00 20.77 ? 132  VAL A CB    1 
ATOM   1127 C CG1   . VAL A 1 151 ? -1.641  17.084  1.459   1.00 23.58 ? 132  VAL A CG1   1 
ATOM   1128 C CG2   . VAL A 1 151 ? -1.511  15.803  -0.642  1.00 22.58 ? 132  VAL A CG2   1 
ATOM   1129 N N     . GLY A 1 152 ? -5.050  14.599  -0.860  1.00 20.04 ? 133  GLY A N     1 
ATOM   1130 C CA    . GLY A 1 152 ? -6.134  14.355  -1.770  1.00 19.61 ? 133  GLY A CA    1 
ATOM   1131 C C     . GLY A 1 152 ? -6.400  12.862  -1.827  1.00 19.37 ? 133  GLY A C     1 
ATOM   1132 O O     . GLY A 1 152 ? -5.627  12.030  -1.290  1.00 17.31 ? 133  GLY A O     1 
ATOM   1133 N N     . TYR A 1 153 ? -7.522  12.517  -2.442  1.00 18.69 ? 134  TYR A N     1 
ATOM   1134 C CA    . TYR A 1 153 ? -7.867  11.141  -2.724  1.00 18.76 ? 134  TYR A CA    1 
ATOM   1135 C C     . TYR A 1 153 ? -8.922  11.015  -3.803  1.00 20.69 ? 134  TYR A C     1 
ATOM   1136 O O     . TYR A 1 153 ? -9.724  11.914  -4.017  1.00 22.43 ? 134  TYR A O     1 
ATOM   1137 C CB    . TYR A 1 153 ? -8.339  10.383  -1.478  1.00 18.38 ? 134  TYR A CB    1 
ATOM   1138 C CG    . TYR A 1 153 ? -9.418  10.997  -0.592  1.00 18.64 ? 134  TYR A CG    1 
ATOM   1139 C CD1   . TYR A 1 153 ? -10.762 10.957  -0.957  1.00 19.83 ? 134  TYR A CD1   1 
ATOM   1140 C CD2   . TYR A 1 153 ? -9.088  11.504  0.664   1.00 19.05 ? 134  TYR A CD2   1 
ATOM   1141 C CE1   . TYR A 1 153 ? -11.752 11.456  -0.111  1.00 19.43 ? 134  TYR A CE1   1 
ATOM   1142 C CE2   . TYR A 1 153 ? -10.057 12.018  1.511   1.00 18.58 ? 134  TYR A CE2   1 
ATOM   1143 C CZ    . TYR A 1 153 ? -11.378 11.988  1.127   1.00 19.72 ? 134  TYR A CZ    1 
ATOM   1144 O OH    . TYR A 1 153 ? -12.314 12.504  1.990   1.00 19.81 ? 134  TYR A OH    1 
ATOM   1145 N N     . THR A 1 154 ? -8.902  9.868   -4.474  1.00 20.87 ? 135  THR A N     1 
ATOM   1146 C CA    . THR A 1 154 ? -9.935  9.507   -5.404  1.00 19.48 ? 135  THR A CA    1 
ATOM   1147 C C     . THR A 1 154 ? -10.264 8.060   -5.115  1.00 19.65 ? 135  THR A C     1 
ATOM   1148 O O     . THR A 1 154 ? -9.452  7.316   -4.480  1.00 18.80 ? 135  THR A O     1 
ATOM   1149 C CB    . THR A 1 154 ? -9.454  9.655   -6.859  1.00 20.10 ? 135  THR A CB    1 
ATOM   1150 O OG1   . THR A 1 154 ? -8.220  8.953   -7.037  1.00 19.98 ? 135  THR A OG1   1 
ATOM   1151 C CG2   . THR A 1 154 ? -9.230  11.085  -7.203  1.00 21.38 ? 135  THR A CG2   1 
ATOM   1152 N N     . TYR A 1 155 ? -11.448 7.630   -5.551  1.00 19.07 ? 136  TYR A N     1 
ATOM   1153 C CA    . TYR A 1 155 ? -11.820 6.243   -5.383  1.00 19.72 ? 136  TYR A CA    1 
ATOM   1154 C C     . TYR A 1 155 ? -12.887 5.801   -6.364  1.00 21.76 ? 136  TYR A C     1 
ATOM   1155 O O     . TYR A 1 155 ? -13.581 6.630   -6.967  1.00 24.01 ? 136  TYR A O     1 
ATOM   1156 C CB    . TYR A 1 155 ? -12.283 5.973   -3.958  1.00 19.91 ? 136  TYR A CB    1 
ATOM   1157 C CG    . TYR A 1 155 ? -13.435 6.808   -3.475  1.00 20.29 ? 136  TYR A CG    1 
ATOM   1158 C CD1   . TYR A 1 155 ? -13.202 8.031   -2.867  1.00 19.32 ? 136  TYR A CD1   1 
ATOM   1159 C CD2   . TYR A 1 155 ? -14.766 6.358   -3.589  1.00 20.61 ? 136  TYR A CD2   1 
ATOM   1160 C CE1   . TYR A 1 155 ? -14.249 8.806   -2.393  1.00 20.72 ? 136  TYR A CE1   1 
ATOM   1161 C CE2   . TYR A 1 155 ? -15.835 7.142   -3.115  1.00 20.70 ? 136  TYR A CE2   1 
ATOM   1162 C CZ    . TYR A 1 155 ? -15.549 8.357   -2.513  1.00 20.88 ? 136  TYR A CZ    1 
ATOM   1163 O OH    . TYR A 1 155 ? -16.534 9.168   -2.023  1.00 24.96 ? 136  TYR A OH    1 
ATOM   1164 N N     . LYS A 1 156 ? -13.040 4.490   -6.511  1.00 21.55 ? 137  LYS A N     1 
ATOM   1165 C CA    . LYS A 1 156 ? -14.135 3.997   -7.359  1.00 24.91 ? 137  LYS A CA    1 
ATOM   1166 C C     . LYS A 1 156 ? -15.435 4.096   -6.610  1.00 24.77 ? 137  LYS A C     1 
ATOM   1167 O O     . LYS A 1 156 ? -15.550 3.548   -5.516  1.00 24.84 ? 137  LYS A O     1 
ATOM   1168 C CB    . LYS A 1 156 ? -13.842 2.582   -7.849  1.00 24.14 ? 137  LYS A CB    1 
ATOM   1169 C CG    . LYS A 1 156 ? -12.807 2.650   -8.971  1.00 25.73 ? 137  LYS A CG    1 
ATOM   1170 C CD    . LYS A 1 156 ? -12.427 1.314   -9.528  1.00 29.46 ? 137  LYS A CD    1 
ATOM   1171 C CE    . LYS A 1 156 ? -11.274 1.495   -10.508 1.00 32.04 ? 137  LYS A CE    1 
ATOM   1172 N NZ    . LYS A 1 156 ? -11.636 2.304   -11.709 1.00 32.40 ? 137  LYS A NZ    1 
ATOM   1173 N N     . ASP A 1 157 ? -16.420 4.792   -7.200  1.00 27.78 ? 138  ASP A N     1 
ATOM   1174 C CA    . ASP A 1 157 ? -17.672 5.084   -6.470  1.00 28.61 ? 138  ASP A CA    1 
ATOM   1175 C C     . ASP A 1 157 ? -18.264 3.793   -5.932  1.00 25.89 ? 138  ASP A C     1 
ATOM   1176 O O     . ASP A 1 157 ? -18.683 3.735   -4.777  1.00 25.47 ? 138  ASP A O     1 
ATOM   1177 C CB    . ASP A 1 157 ? -18.739 5.797   -7.329  1.00 32.62 ? 138  ASP A CB    1 
ATOM   1178 C CG    . ASP A 1 157 ? -18.276 7.123   -7.916  1.00 36.67 ? 138  ASP A CG    1 
ATOM   1179 O OD1   . ASP A 1 157 ? -17.512 7.882   -7.280  1.00 39.14 ? 138  ASP A OD1   1 
ATOM   1180 O OD2   . ASP A 1 157 ? -18.715 7.416   -9.049  1.00 40.24 ? 138  ASP A OD2   1 
ATOM   1181 N N     . TYR A 1 158 ? -18.310 2.754   -6.768  1.00 26.78 ? 139  TYR A N     1 
ATOM   1182 C CA    . TYR A 1 158 ? -18.939 1.490   -6.359  1.00 25.11 ? 139  TYR A CA    1 
ATOM   1183 C C     . TYR A 1 158 ? -18.248 0.782   -5.182  1.00 25.33 ? 139  TYR A C     1 
ATOM   1184 O O     . TYR A 1 158 ? -18.917 0.108   -4.397  1.00 24.46 ? 139  TYR A O     1 
ATOM   1185 C CB    . TYR A 1 158 ? -19.091 0.522   -7.538  1.00 27.93 ? 139  TYR A CB    1 
ATOM   1186 C CG    . TYR A 1 158 ? -17.865 -0.313  -7.802  1.00 28.31 ? 139  TYR A CG    1 
ATOM   1187 C CD1   . TYR A 1 158 ? -16.836 0.166   -8.633  1.00 28.75 ? 139  TYR A CD1   1 
ATOM   1188 C CD2   . TYR A 1 158 ? -17.724 -1.590  -7.226  1.00 30.14 ? 139  TYR A CD2   1 
ATOM   1189 C CE1   . TYR A 1 158 ? -15.693 -0.589  -8.860  1.00 29.44 ? 139  TYR A CE1   1 
ATOM   1190 C CE2   . TYR A 1 158 ? -16.582 -2.355  -7.461  1.00 30.81 ? 139  TYR A CE2   1 
ATOM   1191 C CZ    . TYR A 1 158 ? -15.572 -1.835  -8.272  1.00 29.48 ? 139  TYR A CZ    1 
ATOM   1192 O OH    . TYR A 1 158 ? -14.447 -2.562  -8.510  1.00 32.19 ? 139  TYR A OH    1 
ATOM   1193 N N     . ALA A 1 159 ? -16.915 0.910   -5.060  1.00 22.48 ? 140  ALA A N     1 
ATOM   1194 C CA    . ALA A 1 159 ? -16.188 0.194   -3.983  1.00 21.77 ? 140  ALA A CA    1 
ATOM   1195 C C     . ALA A 1 159 ? -16.514 0.790   -2.594  1.00 21.94 ? 140  ALA A C     1 
ATOM   1196 O O     . ALA A 1 159 ? -16.302 0.134   -1.551  1.00 22.21 ? 140  ALA A O     1 
ATOM   1197 C CB    . ALA A 1 159 ? -14.681 0.187   -4.256  1.00 21.72 ? 140  ALA A CB    1 
ATOM   1198 N N     . PHE A 1 160 ? -17.067 2.012   -2.592  1.00 21.35 ? 141  PHE A N     1 
ATOM   1199 C CA    . PHE A 1 160 ? -17.461 2.708   -1.354  1.00 21.77 ? 141  PHE A CA    1 
ATOM   1200 C C     . PHE A 1 160 ? -18.909 3.288   -1.349  1.00 25.32 ? 141  PHE A C     1 
ATOM   1201 O O     . PHE A 1 160 ? -19.206 4.251   -0.635  1.00 23.10 ? 141  PHE A O     1 
ATOM   1202 C CB    . PHE A 1 160 ? -16.392 3.751   -1.000  1.00 20.23 ? 141  PHE A CB    1 
ATOM   1203 C CG    . PHE A 1 160 ? -15.002 3.146   -0.817  1.00 19.37 ? 141  PHE A CG    1 
ATOM   1204 C CD1   . PHE A 1 160 ? -14.586 2.621   0.435   1.00 19.34 ? 141  PHE A CD1   1 
ATOM   1205 C CD2   . PHE A 1 160 ? -14.112 3.072   -1.890  1.00 18.68 ? 141  PHE A CD2   1 
ATOM   1206 C CE1   . PHE A 1 160 ? -13.328 2.033   0.584   1.00 17.58 ? 141  PHE A CE1   1 
ATOM   1207 C CE2   . PHE A 1 160 ? -12.833 2.498   -1.722  1.00 16.78 ? 141  PHE A CE2   1 
ATOM   1208 C CZ    . PHE A 1 160 ? -12.463 1.974   -0.488  1.00 16.68 ? 141  PHE A CZ    1 
ATOM   1209 N N     . GLU A 1 161 ? -19.798 2.677   -2.125  1.00 29.11 ? 142  GLU A N     1 
ATOM   1210 C CA    . GLU A 1 161 ? -21.214 3.097   -2.179  1.00 34.59 ? 142  GLU A CA    1 
ATOM   1211 C C     . GLU A 1 161 ? -21.840 3.154   -0.781  1.00 34.98 ? 142  GLU A C     1 
ATOM   1212 O O     . GLU A 1 161 ? -21.666 2.238   0.036   1.00 37.27 ? 142  GLU A O     1 
ATOM   1213 C CB    . GLU A 1 161 ? -22.046 2.210   -3.146  1.00 35.80 ? 142  GLU A CB    1 
ATOM   1214 C CG    . GLU A 1 161 ? -22.125 0.727   -2.800  1.00 38.59 ? 142  GLU A CG    1 
ATOM   1215 C CD    . GLU A 1 161 ? -23.379 0.026   -3.352  1.00 41.71 ? 142  GLU A CD    1 
ATOM   1216 O OE1   . GLU A 1 161 ? -23.979 0.539   -4.323  1.00 42.72 ? 142  GLU A OE1   1 
ATOM   1217 O OE2   . GLU A 1 161 ? -23.784 -1.026  -2.798  1.00 39.80 ? 142  GLU A OE2   1 
ATOM   1218 N N     . LYS A 1 162 ? -22.543 4.244   -0.498  1.00 38.94 ? 143  LYS A N     1 
ATOM   1219 C CA    . LYS A 1 162 ? -23.172 4.456   0.819   1.00 39.40 ? 143  LYS A CA    1 
ATOM   1220 C C     . LYS A 1 162 ? -22.135 4.745   1.907   1.00 37.07 ? 143  LYS A C     1 
ATOM   1221 O O     . LYS A 1 162 ? -22.367 4.443   3.074   1.00 39.82 ? 143  LYS A O     1 
ATOM   1222 C CB    . LYS A 1 162 ? -24.041 3.251   1.260   1.00 44.63 ? 143  LYS A CB    1 
ATOM   1223 C CG    . LYS A 1 162 ? -25.217 2.875   0.360   1.00 47.27 ? 143  LYS A CG    1 
ATOM   1224 C CD    . LYS A 1 162 ? -25.858 1.566   0.823   1.00 50.62 ? 143  LYS A CD    1 
ATOM   1225 C CE    . LYS A 1 162 ? -24.965 0.357   0.553   1.00 52.18 ? 143  LYS A CE    1 
ATOM   1226 N NZ    . LYS A 1 162 ? -25.169 -0.770  1.519   1.00 53.31 ? 143  LYS A NZ    1 
ATOM   1227 N N     . GLY A 1 163 ? -20.975 5.272   1.508   1.00 35.24 ? 144  GLY A N     1 
ATOM   1228 C CA    . GLY A 1 163 ? -19.983 5.784   2.443   1.00 29.32 ? 144  GLY A CA    1 
ATOM   1229 C C     . GLY A 1 163 ? -19.274 4.747   3.288   1.00 27.71 ? 144  GLY A C     1 
ATOM   1230 O O     . GLY A 1 163 ? -18.747 5.091   4.333   1.00 26.98 ? 144  GLY A O     1 
ATOM   1231 N N     . LYS A 1 164 ? -19.284 3.479   2.870   1.00 26.71 ? 145  LYS A N     1 
ATOM   1232 C CA    . LYS A 1 164 ? -18.508 2.461   3.569   1.00 25.35 ? 145  LYS A CA    1 
ATOM   1233 C C     . LYS A 1 164 ? -17.995 1.492   2.524   1.00 22.48 ? 145  LYS A C     1 
ATOM   1234 O O     . LYS A 1 164 ? -18.510 1.466   1.399   1.00 22.57 ? 145  LYS A O     1 
ATOM   1235 C CB    . LYS A 1 164 ? -19.360 1.755   4.624   1.00 28.12 ? 145  LYS A CB    1 
ATOM   1236 C CG    . LYS A 1 164 ? -20.574 1.052   4.053   1.00 30.29 ? 145  LYS A CG    1 
ATOM   1237 C CD    . LYS A 1 164 ? -21.464 0.472   5.125   1.00 32.45 ? 145  LYS A CD    1 
ATOM   1238 C CE    . LYS A 1 164 ? -22.630 -0.268  4.473   1.00 36.95 ? 145  LYS A CE    1 
ATOM   1239 N NZ    . LYS A 1 164 ? -23.804 -0.433  5.392   1.00 39.06 ? 145  LYS A NZ    1 
ATOM   1240 N N     . PRO A 1 165 ? -17.002 0.676   2.861   1.00 22.16 ? 146  PRO A N     1 
ATOM   1241 C CA    . PRO A 1 165 ? -16.516 -0.279  1.846   1.00 21.62 ? 146  PRO A CA    1 
ATOM   1242 C C     . PRO A 1 165 ? -17.616 -1.243  1.372   1.00 22.21 ? 146  PRO A C     1 
ATOM   1243 O O     . PRO A 1 165 ? -18.411 -1.704  2.183   1.00 23.73 ? 146  PRO A O     1 
ATOM   1244 C CB    . PRO A 1 165 ? -15.435 -1.059  2.608   1.00 20.21 ? 146  PRO A CB    1 
ATOM   1245 C CG    . PRO A 1 165 ? -15.030 -0.134  3.715   1.00 20.68 ? 146  PRO A CG    1 
ATOM   1246 C CD    . PRO A 1 165 ? -16.301 0.513   4.148   1.00 21.77 ? 146  PRO A CD    1 
ATOM   1247 N N     . ASN A 1 166 ? -17.655 -1.510  0.065   1.00 21.62 ? 147  ASN A N     1 
ATOM   1248 C CA    . ASN A 1 166 ? -18.524 -2.532  -0.542  1.00 22.34 ? 147  ASN A CA    1 
ATOM   1249 C C     . ASN A 1 166 ? -17.734 -3.819  -0.717  1.00 22.47 ? 147  ASN A C     1 
ATOM   1250 O O     . ASN A 1 166 ? -16.790 -3.885  -1.525  1.00 22.07 ? 147  ASN A O     1 
ATOM   1251 C CB    . ASN A 1 166 ? -19.076 -1.945  -1.858  1.00 23.40 ? 147  ASN A CB    1 
ATOM   1252 C CG    . ASN A 1 166 ? -19.843 -2.952  -2.721  1.00 22.95 ? 147  ASN A CG    1 
ATOM   1253 O OD1   . ASN A 1 166 ? -20.113 -4.084  -2.324  1.00 24.03 ? 147  ASN A OD1   1 
ATOM   1254 N ND2   . ASN A 1 166 ? -20.143 -2.537  -3.952  1.00 23.68 ? 147  ASN A ND2   1 
ATOM   1255 N N     . LEU A 1 167 ? -18.141 -4.847  0.030   1.00 21.99 ? 148  LEU A N     1 
ATOM   1256 C CA    . LEU A 1 167 ? -17.367 -6.068  0.200   1.00 22.70 ? 148  LEU A CA    1 
ATOM   1257 C C     . LEU A 1 167 ? -17.318 -6.840  -1.097  1.00 24.55 ? 148  LEU A C     1 
ATOM   1258 O O     . LEU A 1 167 ? -16.440 -7.675  -1.288  1.00 24.02 ? 148  LEU A O     1 
ATOM   1259 C CB    . LEU A 1 167 ? -17.918 -6.912  1.341   1.00 22.39 ? 148  LEU A CB    1 
ATOM   1260 C CG    . LEU A 1 167 ? -17.797 -6.327  2.760   1.00 22.89 ? 148  LEU A CG    1 
ATOM   1261 C CD1   . LEU A 1 167 ? -18.542 -7.225  3.745   1.00 24.41 ? 148  LEU A CD1   1 
ATOM   1262 C CD2   . LEU A 1 167 ? -16.330 -6.251  3.143   1.00 22.10 ? 148  LEU A CD2   1 
ATOM   1263 N N     . LYS A 1 168 ? -18.232 -6.494  -2.005  1.00 25.42 ? 149  LYS A N     1 
ATOM   1264 C CA    . LYS A 1 168 ? -18.248 -7.105  -3.321  1.00 27.93 ? 149  LYS A CA    1 
ATOM   1265 C C     . LYS A 1 168 ? -17.004 -6.727  -4.105  1.00 27.45 ? 149  LYS A C     1 
ATOM   1266 O O     . LYS A 1 168 ? -16.618 -7.459  -5.020  1.00 26.20 ? 149  LYS A O     1 
ATOM   1267 C CB    . LYS A 1 168 ? -19.535 -6.750  -4.084  1.00 30.06 ? 149  LYS A CB    1 
ATOM   1268 C CG    . LYS A 1 168 ? -20.725 -7.575  -3.606  1.00 32.72 ? 149  LYS A CG    1 
ATOM   1269 C CD    . LYS A 1 168 ? -22.076 -6.944  -3.947  1.00 38.33 ? 149  LYS A CD    1 
ATOM   1270 C CE    . LYS A 1 168 ? -22.419 -7.045  -5.436  1.00 38.44 ? 149  LYS A CE    1 
ATOM   1271 N NZ    . LYS A 1 168 ? -23.887 -6.947  -5.739  1.00 36.13 ? 149  LYS A NZ    1 
ATOM   1272 N N     . ALA A 1 169 ? -16.359 -5.611  -3.726  1.00 26.29 ? 150  ALA A N     1 
ATOM   1273 C CA    . ALA A 1 169 ? -15.157 -5.135  -4.440  1.00 24.02 ? 150  ALA A CA    1 
ATOM   1274 C C     . ALA A 1 169 ? -13.888 -6.003  -4.263  1.00 22.05 ? 150  ALA A C     1 
ATOM   1275 O O     . ALA A 1 169 ? -12.891 -5.746  -4.920  1.00 22.47 ? 150  ALA A O     1 
ATOM   1276 C CB    . ALA A 1 169 ? -14.852 -3.674  -4.100  1.00 24.79 ? 150  ALA A CB    1 
ATOM   1277 N N     . LYS A 1 170 ? -13.933 -7.008  -3.391  1.00 20.74 ? 151  LYS A N     1 
ATOM   1278 C CA    . LYS A 1 170 ? -12.811 -7.937  -3.189  1.00 20.80 ? 151  LYS A CA    1 
ATOM   1279 C C     . LYS A 1 170 ? -11.533 -7.232  -2.720  1.00 19.82 ? 151  LYS A C     1 
ATOM   1280 O O     . LYS A 1 170 ? -10.469 -7.330  -3.357  1.00 18.96 ? 151  LYS A O     1 
ATOM   1281 C CB    . LYS A 1 170 ? -12.518 -8.769  -4.471  1.00 22.83 ? 151  LYS A CB    1 
ATOM   1282 C CG    . LYS A 1 170 ? -13.726 -9.566  -4.981  1.00 25.81 ? 151  LYS A CG    1 
ATOM   1283 C CD    . LYS A 1 170 ? -13.295 -10.608 -6.004  1.00 29.26 ? 151  LYS A CD    1 
ATOM   1284 C CE    . LYS A 1 170 ? -14.466 -11.023 -6.885  1.00 34.03 ? 151  LYS A CE    1 
ATOM   1285 N NZ    . LYS A 1 170 ? -13.931 -11.511 -8.199  1.00 40.22 ? 151  LYS A NZ    1 
ATOM   1286 N N     . PHE A 1 171 ? -11.619 -6.559  -1.578  1.00 18.18 ? 152  PHE A N     1 
ATOM   1287 C CA    . PHE A 1 171 ? -10.443 -5.927  -0.988  1.00 15.84 ? 152  PHE A CA    1 
ATOM   1288 C C     . PHE A 1 171 ? -9.429  -6.992  -0.637  1.00 15.76 ? 152  PHE A C     1 
ATOM   1289 O O     . PHE A 1 171 ? -9.792  -8.054  -0.175  1.00 15.10 ? 152  PHE A O     1 
ATOM   1290 C CB    . PHE A 1 171 ? -10.850 -5.184  0.271   1.00 15.81 ? 152  PHE A CB    1 
ATOM   1291 C CG    . PHE A 1 171 ? -11.752 -4.026  0.004   1.00 15.76 ? 152  PHE A CG    1 
ATOM   1292 C CD1   . PHE A 1 171 ? -11.236 -2.783  -0.343  1.00 15.42 ? 152  PHE A CD1   1 
ATOM   1293 C CD2   . PHE A 1 171 ? -13.131 -4.184  0.063   1.00 15.94 ? 152  PHE A CD2   1 
ATOM   1294 C CE1   . PHE A 1 171 ? -12.064 -1.707  -0.617  1.00 17.24 ? 152  PHE A CE1   1 
ATOM   1295 C CE2   . PHE A 1 171 ? -13.961 -3.113  -0.195  1.00 15.92 ? 152  PHE A CE2   1 
ATOM   1296 C CZ    . PHE A 1 171 ? -13.439 -1.895  -0.571  1.00 17.28 ? 152  PHE A CZ    1 
ATOM   1297 N N     . LEU A 1 172 ? -8.148  -6.699  -0.861  1.00 14.83 ? 153  LEU A N     1 
ATOM   1298 C CA    . LEU A 1 172 ? -7.124  -7.743  -0.739  1.00 15.20 ? 153  LEU A CA    1 
ATOM   1299 C C     . LEU A 1 172 ? -6.476  -7.839  0.661   1.00 15.58 ? 153  LEU A C     1 
ATOM   1300 O O     . LEU A 1 172 ? -6.149  -6.826  1.268   1.00 14.13 ? 153  LEU A O     1 
ATOM   1301 C CB    . LEU A 1 172 ? -6.034  -7.457  -1.775  1.00 15.57 ? 153  LEU A CB    1 
ATOM   1302 C CG    . LEU A 1 172 ? -4.910  -8.475  -1.881  1.00 14.75 ? 153  LEU A CG    1 
ATOM   1303 C CD1   . LEU A 1 172 ? -5.474  -9.866  -2.248  1.00 15.02 ? 153  LEU A CD1   1 
ATOM   1304 C CD2   . LEU A 1 172 ? -3.890  -7.915  -2.878  1.00 15.87 ? 153  LEU A CD2   1 
ATOM   1305 N N     . ALA A 1 173 ? -6.266  -9.060  1.135   1.00 16.01 ? 154  ALA A N     1 
ATOM   1306 C CA    . ALA A 1 173 ? -5.505  -9.316  2.347   1.00 17.17 ? 154  ALA A CA    1 
ATOM   1307 C C     . ALA A 1 173 ? -4.481  -10.420 2.151   1.00 18.58 ? 154  ALA A C     1 
ATOM   1308 O O     . ALA A 1 173 ? -4.579  -11.242 1.217   1.00 19.06 ? 154  ALA A O     1 
ATOM   1309 C CB    . ALA A 1 173 ? -6.428  -9.623  3.511   1.00 18.11 ? 154  ALA A CB    1 
ATOM   1310 N N     . HIS A 1 174 ? -3.497  -10.431 3.031   1.00 17.58 ? 155  HIS A N     1 
ATOM   1311 C CA    . HIS A 1 174 ? -2.318  -11.281 2.915   1.00 18.06 ? 155  HIS A CA    1 
ATOM   1312 C C     . HIS A 1 174 ? -2.280  -12.285 4.065   1.00 18.05 ? 155  HIS A C     1 
ATOM   1313 O O     . HIS A 1 174 ? -2.386  -11.918 5.224   1.00 16.51 ? 155  HIS A O     1 
ATOM   1314 C CB    . HIS A 1 174 ? -1.094  -10.346 2.963   1.00 17.59 ? 155  HIS A CB    1 
ATOM   1315 C CG    . HIS A 1 174 ? 0.191   -10.968 2.517   1.00 17.50 ? 155  HIS A CG    1 
ATOM   1316 N ND1   . HIS A 1 174 ? 1.425   -10.468 2.880   1.00 15.53 ? 155  HIS A ND1   1 
ATOM   1317 C CD2   . HIS A 1 174 ? 0.440   -12.058 1.753   1.00 17.65 ? 155  HIS A CD2   1 
ATOM   1318 C CE1   . HIS A 1 174 ? 2.374   -11.201 2.325   1.00 16.76 ? 155  HIS A CE1   1 
ATOM   1319 N NE2   . HIS A 1 174 ? 1.800   -12.177 1.648   1.00 17.56 ? 155  HIS A NE2   1 
ATOM   1320 N N     . VAL A 1 175 ? -2.135  -13.577 3.764   1.00 19.25 ? 156  VAL A N     1 
ATOM   1321 C CA    . VAL A 1 175 ? -2.139  -14.568 4.820   1.00 21.09 ? 156  VAL A CA    1 
ATOM   1322 C C     . VAL A 1 175 ? -0.712  -14.932 5.220   1.00 23.16 ? 156  VAL A C     1 
ATOM   1323 O O     . VAL A 1 175 ? -0.335  -14.818 6.391   1.00 24.89 ? 156  VAL A O     1 
ATOM   1324 C CB    . VAL A 1 175 ? -2.985  -15.837 4.431   1.00 21.88 ? 156  VAL A CB    1 
ATOM   1325 C CG1   . VAL A 1 175 ? -3.041  -16.812 5.585   1.00 22.96 ? 156  VAL A CG1   1 
ATOM   1326 C CG2   . VAL A 1 175 ? -4.381  -15.426 4.037   1.00 21.51 ? 156  VAL A CG2   1 
ATOM   1327 N N     A SER A 1 176 ? 0.060   -15.388 4.232   0.50 22.56 ? 157  SER A N     1 
ATOM   1328 N N     B SER A 1 176 ? 0.091   -15.351 4.250   0.50 24.12 ? 157  SER A N     1 
ATOM   1329 C CA    A SER A 1 176 ? 1.450   -15.808 4.410   0.50 22.21 ? 157  SER A CA    1 
ATOM   1330 C CA    B SER A 1 176 ? 1.489   -15.690 4.493   0.50 25.04 ? 157  SER A CA    1 
ATOM   1331 C C     A SER A 1 176 ? 2.098   -15.526 3.081   0.50 22.30 ? 157  SER A C     1 
ATOM   1332 C C     B SER A 1 176 ? 2.119   -15.736 3.132   0.50 26.12 ? 157  SER A C     1 
ATOM   1333 O O     A SER A 1 176 ? 1.439   -15.072 2.150   0.50 20.58 ? 157  SER A O     1 
ATOM   1334 O O     B SER A 1 176 ? 1.444   -16.022 2.141   0.50 26.00 ? 157  SER A O     1 
ATOM   1335 C CB    A SER A 1 176 ? 1.582   -17.308 4.752   0.50 22.66 ? 157  SER A CB    1 
ATOM   1336 C CB    B SER A 1 176 ? 1.660   -17.035 5.226   0.50 25.67 ? 157  SER A CB    1 
ATOM   1337 O OG    A SER A 1 176 ? 1.401   -18.143 3.610   0.50 21.80 ? 157  SER A OG    1 
ATOM   1338 O OG    B SER A 1 176 ? 0.707   -18.005 4.810   0.50 24.56 ? 157  SER A OG    1 
ATOM   1339 N N     A TRP A 1 177 ? 3.389   -15.812 2.999   0.50 22.93 ? 158  TRP A N     1 
ATOM   1340 N N     B TRP A 1 177 ? 3.404   -15.416 3.083   0.50 27.69 ? 158  TRP A N     1 
ATOM   1341 C CA    A TRP A 1 177 ? 4.209   -15.427 1.856   0.50 25.98 ? 158  TRP A CA    1 
ATOM   1342 C CA    B TRP A 1 177 ? 4.122   -15.355 1.832   0.50 30.57 ? 158  TRP A CA    1 
ATOM   1343 C C     A TRP A 1 177 ? 3.458   -15.277 0.526   0.50 24.90 ? 158  TRP A C     1 
ATOM   1344 C C     B TRP A 1 177 ? 3.117   -15.288 0.680   0.50 30.13 ? 158  TRP A C     1 
ATOM   1345 O O     A TRP A 1 177 ? 3.309   -14.162 0.022   0.50 23.08 ? 158  TRP A O     1 
ATOM   1346 O O     B TRP A 1 177 ? 2.426   -14.279 0.480   0.50 33.80 ? 158  TRP A O     1 
ATOM   1347 C CB    A TRP A 1 177 ? 5.405   -16.384 1.721   0.50 26.79 ? 158  TRP A CB    1 
ATOM   1348 C CB    B TRP A 1 177 ? 5.090   -16.560 1.740   0.50 31.27 ? 158  TRP A CB    1 
ATOM   1349 C CG    A TRP A 1 177 ? 6.389   -15.980 0.644   0.50 29.59 ? 158  TRP A CG    1 
ATOM   1350 C CG    B TRP A 1 177 ? 5.788   -16.788 0.398   0.50 34.24 ? 158  TRP A CG    1 
ATOM   1351 C CD1   A TRP A 1 177 ? 7.058   -14.789 0.546   0.50 30.15 ? 158  TRP A CD1   1 
ATOM   1352 C CD1   B TRP A 1 177 ? 5.748   -17.935 -0.355  0.50 34.70 ? 158  TRP A CD1   1 
ATOM   1353 C CD2   A TRP A 1 177 ? 6.825   -16.778 -0.468  0.50 31.45 ? 158  TRP A CD2   1 
ATOM   1354 C CD2   B TRP A 1 177 ? 6.635   -15.870 -0.323  0.50 35.06 ? 158  TRP A CD2   1 
ATOM   1355 N NE1   A TRP A 1 177 ? 7.870   -14.793 -0.566  0.50 30.65 ? 158  TRP A NE1   1 
ATOM   1356 N NE1   B TRP A 1 177 ? 6.500   -17.782 -1.495  0.50 36.31 ? 158  TRP A NE1   1 
ATOM   1357 C CE2   A TRP A 1 177 ? 7.748   -16.002 -1.203  0.50 31.84 ? 158  TRP A CE2   1 
ATOM   1358 C CE2   B TRP A 1 177 ? 7.054   -16.528 -1.504  0.50 35.52 ? 158  TRP A CE2   1 
ATOM   1359 C CE3   A TRP A 1 177 ? 6.522   -18.071 -0.914  0.50 32.55 ? 158  TRP A CE3   1 
ATOM   1360 C CE3   B TRP A 1 177 ? 7.077   -14.560 -0.089  0.50 35.85 ? 158  TRP A CE3   1 
ATOM   1361 C CZ2   A TRP A 1 177 ? 8.367   -16.476 -2.365  0.50 32.32 ? 158  TRP A CZ2   1 
ATOM   1362 C CZ2   B TRP A 1 177 ? 7.894   -15.920 -2.447  0.50 36.02 ? 158  TRP A CZ2   1 
ATOM   1363 C CZ3   A TRP A 1 177 ? 7.136   -18.538 -2.065  0.50 33.83 ? 158  TRP A CZ3   1 
ATOM   1364 C CZ3   B TRP A 1 177 ? 7.911   -13.955 -1.033  0.50 35.62 ? 158  TRP A CZ3   1 
ATOM   1365 C CH2   A TRP A 1 177 ? 8.053   -17.741 -2.772  0.50 33.90 ? 158  TRP A CH2   1 
ATOM   1366 C CH2   B TRP A 1 177 ? 8.307   -14.637 -2.194  0.50 36.60 ? 158  TRP A CH2   1 
ATOM   1367 N N     . SER A 1 178 ? 2.983   -16.396 -0.023  1.00 28.70 ? 159  SER A N     1 
ATOM   1368 C CA    . SER A 1 178 ? 2.377   -16.441 -1.335  1.00 28.14 ? 159  SER A CA    1 
ATOM   1369 C C     . SER A 1 178 ? 0.833   -16.419 -1.360  1.00 27.22 ? 159  SER A C     1 
ATOM   1370 O O     . SER A 1 178 ? 0.230   -16.359 -2.436  1.00 25.03 ? 159  SER A O     1 
ATOM   1371 C CB    . SER A 1 178 ? 2.944   -17.723 -2.007  1.00 32.82 ? 159  SER A CB    1 
ATOM   1372 O OG    . SER A 1 178 ? 2.102   -18.282 -2.992  1.00 43.30 ? 159  SER A OG    1 
ATOM   1373 N N     . GLU A 1 179 ? 0.199   -16.430 -0.184  1.00 23.07 ? 160  GLU A N     1 
ATOM   1374 C CA    . GLU A 1 179 ? -1.230  -16.709 -0.072  1.00 21.48 ? 160  GLU A CA    1 
ATOM   1375 C C     . GLU A 1 179 ? -1.998  -15.464 0.333   1.00 21.29 ? 160  GLU A C     1 
ATOM   1376 O O     . GLU A 1 179 ? -1.611  -14.793 1.274   1.00 20.16 ? 160  GLU A O     1 
ATOM   1377 C CB    . GLU A 1 179 ? -1.461  -17.772 1.002   1.00 27.11 ? 160  GLU A CB    1 
ATOM   1378 C CG    . GLU A 1 179 ? -0.825  -19.118 0.693   1.00 31.37 ? 160  GLU A CG    1 
ATOM   1379 C CD    . GLU A 1 179 ? -1.224  -20.167 1.700   1.00 37.69 ? 160  GLU A CD    1 
ATOM   1380 O OE1   . GLU A 1 179 ? -1.206  -19.870 2.909   1.00 42.48 ? 160  GLU A OE1   1 
ATOM   1381 O OE2   . GLU A 1 179 ? -1.572  -21.285 1.269   1.00 44.11 ? 160  GLU A OE2   1 
ATOM   1382 N N     . PHE A 1 180 ? -3.105  -15.193 -0.364  1.00 19.26 ? 161  PHE A N     1 
ATOM   1383 C CA    . PHE A 1 180 ? -3.918  -14.010 -0.129  1.00 19.28 ? 161  PHE A CA    1 
ATOM   1384 C C     . PHE A 1 180 ? -5.380  -14.442 -0.044  1.00 20.61 ? 161  PHE A C     1 
ATOM   1385 O O     . PHE A 1 180 ? -5.746  -15.514 -0.560  1.00 21.97 ? 161  PHE A O     1 
ATOM   1386 C CB    . PHE A 1 180 ? -3.737  -13.047 -1.305  1.00 19.46 ? 161  PHE A CB    1 
ATOM   1387 C CG    . PHE A 1 180 ? -2.341  -12.487 -1.418  1.00 19.31 ? 161  PHE A CG    1 
ATOM   1388 C CD1   . PHE A 1 180 ? -1.282  -13.256 -1.914  1.00 18.60 ? 161  PHE A CD1   1 
ATOM   1389 C CD2   . PHE A 1 180 ? -2.073  -11.158 -1.031  1.00 17.89 ? 161  PHE A CD2   1 
ATOM   1390 C CE1   . PHE A 1 180 ? 0.016   -12.717 -1.998  1.00 19.20 ? 161  PHE A CE1   1 
ATOM   1391 C CE2   . PHE A 1 180 ? -0.789  -10.621 -1.130  1.00 17.13 ? 161  PHE A CE2   1 
ATOM   1392 C CZ    . PHE A 1 180 ? 0.260   -11.401 -1.604  1.00 17.24 ? 161  PHE A CZ    1 
ATOM   1393 N N     . VAL A 1 181 ? -6.204  -13.605 0.585   1.00 18.84 ? 162  VAL A N     1 
ATOM   1394 C CA    . VAL A 1 181 ? -7.674  -13.796 0.677   1.00 20.54 ? 162  VAL A CA    1 
ATOM   1395 C C     . VAL A 1 181 ? -8.450  -12.476 0.481   1.00 21.49 ? 162  VAL A C     1 
ATOM   1396 O O     . VAL A 1 181 ? -7.867  -11.397 0.481   1.00 20.22 ? 162  VAL A O     1 
ATOM   1397 C CB    . VAL A 1 181 ? -8.103  -14.346 2.058   1.00 22.20 ? 162  VAL A CB    1 
ATOM   1398 C CG1   . VAL A 1 181 ? -7.762  -15.811 2.186   1.00 23.90 ? 162  VAL A CG1   1 
ATOM   1399 C CG2   . VAL A 1 181 ? -7.461  -13.538 3.199   1.00 21.08 ? 162  VAL A CG2   1 
ATOM   1400 N N     . THR A 1 182 ? -9.783  -12.559 0.364   1.00 21.80 ? 163  THR A N     1 
ATOM   1401 C CA    . THR A 1 182 ? -10.614 -11.378 0.561   1.00 20.72 ? 163  THR A CA    1 
ATOM   1402 C C     . THR A 1 182 ? -11.572 -11.659 1.732   1.00 19.10 ? 163  THR A C     1 
ATOM   1403 O O     . THR A 1 182 ? -11.420 -12.653 2.465   1.00 19.78 ? 163  THR A O     1 
ATOM   1404 C CB    . THR A 1 182 ? -11.317 -10.915 -0.746  1.00 20.05 ? 163  THR A CB    1 
ATOM   1405 O OG1   . THR A 1 182 ? -11.934 -9.638  -0.551  1.00 21.78 ? 163  THR A OG1   1 
ATOM   1406 C CG2   . THR A 1 182 ? -12.353 -11.941 -1.251  1.00 21.40 ? 163  THR A CG2   1 
ATOM   1407 N N     . PHE A 1 183 ? -12.541 -10.776 1.915   1.00 20.90 ? 164  PHE A N     1 
ATOM   1408 C CA    . PHE A 1 183 ? -13.438 -10.873 3.067   1.00 21.47 ? 164  PHE A CA    1 
ATOM   1409 C C     . PHE A 1 183 ? -14.670 -11.681 2.723   1.00 23.19 ? 164  PHE A C     1 
ATOM   1410 O O     . PHE A 1 183 ? -15.031 -11.795 1.570   1.00 24.86 ? 164  PHE A O     1 
ATOM   1411 C CB    . PHE A 1 183 ? -13.840 -9.475  3.533   1.00 19.82 ? 164  PHE A CB    1 
ATOM   1412 C CG    . PHE A 1 183 ? -12.685 -8.695  4.078   1.00 18.27 ? 164  PHE A CG    1 
ATOM   1413 C CD1   . PHE A 1 183 ? -12.243 -8.913  5.376   1.00 16.45 ? 164  PHE A CD1   1 
ATOM   1414 C CD2   . PHE A 1 183 ? -11.998 -7.794  3.255   1.00 18.33 ? 164  PHE A CD2   1 
ATOM   1415 C CE1   . PHE A 1 183 ? -11.147 -8.220  5.889   1.00 15.54 ? 164  PHE A CE1   1 
ATOM   1416 C CE2   . PHE A 1 183 ? -10.884 -7.114  3.751   1.00 16.36 ? 164  PHE A CE2   1 
ATOM   1417 C CZ    . PHE A 1 183 ? -10.474 -7.320  5.064   1.00 16.55 ? 164  PHE A CZ    1 
ATOM   1418 N N     . SER A 1 184 ? -15.271 -12.272 3.744   1.00 25.02 ? 165  SER A N     1 
ATOM   1419 C CA    . SER A 1 184 ? -16.626 -12.821 3.626   1.00 26.77 ? 165  SER A CA    1 
ATOM   1420 C C     . SER A 1 184 ? -17.579 -11.660 3.379   1.00 29.71 ? 165  SER A C     1 
ATOM   1421 O O     . SER A 1 184 ? -17.308 -10.523 3.834   1.00 29.38 ? 165  SER A O     1 
ATOM   1422 C CB    . SER A 1 184 ? -16.986 -13.570 4.911   1.00 27.21 ? 165  SER A CB    1 
ATOM   1423 O OG    . SER A 1 184 ? -18.365 -13.880 4.934   1.00 29.41 ? 165  SER A OG    1 
ATOM   1424 N N     . GLU A 1 185 ? -18.662 -11.891 2.625   1.00 28.93 ? 166  GLU A N     1 
ATOM   1425 C CA    A GLU A 1 185 ? -19.679 -10.852 2.400   0.50 30.26 ? 166  GLU A CA    1 
ATOM   1426 C CA    B GLU A 1 185 ? -19.662 -10.829 2.426   0.50 30.93 ? 166  GLU A CA    1 
ATOM   1427 C C     . GLU A 1 185 ? -20.691 -10.823 3.549   1.00 30.80 ? 166  GLU A C     1 
ATOM   1428 O O     . GLU A 1 185 ? -21.545 -9.942  3.613   1.00 31.49 ? 166  GLU A O     1 
ATOM   1429 C CB    A GLU A 1 185 ? -20.377 -11.056 1.051   0.50 29.42 ? 166  GLU A CB    1 
ATOM   1430 C CB    B GLU A 1 185 ? -20.334 -10.919 1.054   0.50 31.26 ? 166  GLU A CB    1 
ATOM   1431 C CG    A GLU A 1 185 ? -19.455 -10.859 -0.145  0.50 28.33 ? 166  GLU A CG    1 
ATOM   1432 C CG    B GLU A 1 185 ? -19.504 -10.293 -0.054  0.50 31.62 ? 166  GLU A CG    1 
ATOM   1433 C CD    A GLU A 1 185 ? -19.889 -11.645 -1.368  0.50 28.55 ? 166  GLU A CD    1 
ATOM   1434 C CD    B GLU A 1 185 ? -20.242 -10.208 -1.370  0.50 33.88 ? 166  GLU A CD    1 
ATOM   1435 O OE1   A GLU A 1 185 ? -20.860 -11.235 -2.031  0.50 27.88 ? 166  GLU A OE1   1 
ATOM   1436 O OE1   B GLU A 1 185 ? -21.460 -9.910  -1.361  0.50 34.36 ? 166  GLU A OE1   1 
ATOM   1437 O OE2   A GLU A 1 185 ? -19.244 -12.665 -1.679  0.50 28.81 ? 166  GLU A OE2   1 
ATOM   1438 O OE2   B GLU A 1 185 ? -19.597 -10.431 -2.416  0.50 33.31 ? 166  GLU A OE2   1 
ATOM   1439 N N     . LYS A 1 186 ? -20.558 -11.802 4.442   1.00 30.72 ? 167  LYS A N     1 
ATOM   1440 C CA    . LYS A 1 186 ? -21.434 -12.023 5.581   1.00 34.08 ? 167  LYS A CA    1 
ATOM   1441 C C     . LYS A 1 186 ? -21.096 -11.055 6.740   1.00 31.09 ? 167  LYS A C     1 
ATOM   1442 O O     . LYS A 1 186 ? -20.132 -11.261 7.485   1.00 31.56 ? 167  LYS A O     1 
ATOM   1443 C CB    . LYS A 1 186 ? -21.335 -13.524 5.961   1.00 35.34 ? 167  LYS A CB    1 
ATOM   1444 C CG    . LYS A 1 186 ? -21.769 -13.952 7.349   1.00 42.92 ? 167  LYS A CG    1 
ATOM   1445 C CD    . LYS A 1 186 ? -23.262 -13.794 7.583   1.00 44.91 ? 167  LYS A CD    1 
ATOM   1446 C CE    . LYS A 1 186 ? -23.655 -14.335 8.954   1.00 48.45 ? 167  LYS A CE    1 
ATOM   1447 N NZ    . LYS A 1 186 ? -23.213 -15.748 9.132   1.00 45.44 ? 167  LYS A NZ    1 
ATOM   1448 N N     . VAL A 1 187 ? -21.900 -9.998  6.860   1.00 28.29 ? 168  VAL A N     1 
ATOM   1449 C CA    . VAL A 1 187 ? -21.719 -8.917  7.863   1.00 28.36 ? 168  VAL A CA    1 
ATOM   1450 C C     . VAL A 1 187 ? -22.264 -9.235  9.273   1.00 28.87 ? 168  VAL A C     1 
ATOM   1451 O O     . VAL A 1 187 ? -23.432 -9.560  9.416   1.00 30.07 ? 168  VAL A O     1 
ATOM   1452 C CB    . VAL A 1 187 ? -22.340 -7.579  7.377   1.00 28.83 ? 168  VAL A CB    1 
ATOM   1453 C CG1   . VAL A 1 187 ? -22.187 -6.492  8.434   1.00 29.65 ? 168  VAL A CG1   1 
ATOM   1454 C CG2   . VAL A 1 187 ? -21.720 -7.108  6.067   1.00 29.95 ? 168  VAL A CG2   1 
ATOM   1455 N N     . HIS A 1 188 ? -21.430 -9.117  10.307  1.00 26.50 ? 169  HIS A N     1 
ATOM   1456 C CA    . HIS A 1 188 ? -21.884 -9.286  11.690  1.00 26.66 ? 169  HIS A CA    1 
ATOM   1457 C C     . HIS A 1 188 ? -22.076 -7.923  12.372  1.00 29.49 ? 169  HIS A C     1 
ATOM   1458 O O     . HIS A 1 188 ? -21.115 -7.142  12.496  1.00 28.26 ? 169  HIS A O     1 
ATOM   1459 C CB    . HIS A 1 188 ? -20.908 -10.152 12.485  1.00 26.78 ? 169  HIS A CB    1 
ATOM   1460 C CG    . HIS A 1 188 ? -20.756 -11.538 11.934  1.00 30.95 ? 169  HIS A CG    1 
ATOM   1461 N ND1   . HIS A 1 188 ? -21.172 -12.658 12.615  1.00 31.65 ? 169  HIS A ND1   1 
ATOM   1462 C CD2   . HIS A 1 188 ? -20.242 -11.980 10.758  1.00 30.93 ? 169  HIS A CD2   1 
ATOM   1463 C CE1   . HIS A 1 188 ? -20.928 -13.729 11.882  1.00 31.56 ? 169  HIS A CE1   1 
ATOM   1464 N NE2   . HIS A 1 188 ? -20.376 -13.343 10.747  1.00 32.05 ? 169  HIS A NE2   1 
ATOM   1465 N N     . LYS A 1 189 ? -23.306 -7.641  12.812  1.00 29.25 ? 170  LYS A N     1 
ATOM   1466 C CA    . LYS A 1 189 ? -23.669 -6.357  13.440  1.00 32.54 ? 170  LYS A CA    1 
ATOM   1467 C C     . LYS A 1 189 ? -23.390 -6.377  14.941  1.00 32.47 ? 170  LYS A C     1 
ATOM   1468 O O     . LYS A 1 189 ? -23.754 -7.329  15.626  1.00 33.01 ? 170  LYS A O     1 
ATOM   1469 C CB    . LYS A 1 189 ? -25.148 -6.026  13.190  1.00 33.29 ? 170  LYS A CB    1 
ATOM   1470 C CG    . LYS A 1 189 ? -25.437 -5.410  11.837  1.00 37.33 ? 170  LYS A CG    1 
ATOM   1471 C CD    . LYS A 1 189 ? -25.423 -3.893  11.914  1.00 42.97 ? 170  LYS A CD    1 
ATOM   1472 C CE    . LYS A 1 189 ? -26.272 -3.276  10.802  1.00 46.67 ? 170  LYS A CE    1 
ATOM   1473 N NZ    . LYS A 1 189 ? -27.697 -3.733  10.827  1.00 45.92 ? 170  LYS A NZ    1 
ATOM   1474 N N     . ALA A 1 190 ? -22.732 -5.333  15.447  1.00 30.31 ? 171  ALA A N     1 
ATOM   1475 C CA    . ALA A 1 190 ? -22.337 -5.285  16.853  1.00 31.80 ? 171  ALA A CA    1 
ATOM   1476 C C     . ALA A 1 190 ? -23.437 -4.681  17.713  1.00 34.06 ? 171  ALA A C     1 
ATOM   1477 O O     . ALA A 1 190 ? -23.566 -5.007  18.907  1.00 33.04 ? 171  ALA A O     1 
ATOM   1478 C CB    . ALA A 1 190 ? -21.034 -4.505  17.024  1.00 31.96 ? 171  ALA A CB    1 
ATOM   1479 N N     . GLU A 1 191 ? -24.205 -3.776  17.111  1.00 34.65 ? 172  GLU A N     1 
ATOM   1480 C CA    . GLU A 1 191 ? -25.438 -3.291  17.737  1.00 42.35 ? 172  GLU A CA    1 
ATOM   1481 C C     . GLU A 1 191 ? -26.556 -3.045  16.717  1.00 45.84 ? 172  GLU A C     1 
ATOM   1482 O O     . GLU A 1 191 ? -26.331 -3.063  15.501  1.00 51.12 ? 172  GLU A O     1 
ATOM   1483 C CB    . GLU A 1 191 ? -25.194 -2.087  18.655  1.00 41.52 ? 172  GLU A CB    1 
ATOM   1484 C CG    . GLU A 1 191 ? -24.914 -0.743  17.996  1.00 41.92 ? 172  GLU A CG    1 
ATOM   1485 C CD    . GLU A 1 191 ? -24.620 0.338   19.037  1.00 44.90 ? 172  GLU A CD    1 
ATOM   1486 O OE1   . GLU A 1 191 ? -24.289 0.000   20.205  1.00 41.27 ? 172  GLU A OE1   1 
ATOM   1487 O OE2   . GLU A 1 191 ? -24.722 1.534   18.695  1.00 45.17 ? 172  GLU A OE2   1 
ATOM   1488 O OXT   . GLU A 1 191 ? -27.712 -2.845  17.093  1.00 45.43 ? 172  GLU A OXT   1 
HETATM 1489 N N1    . FMN B 2 .   ? 8.161   -4.101  1.964   1.00 12.16 ? 173  FMN A N1    1 
HETATM 1490 C C2    . FMN B 2 .   ? 8.165   -3.148  2.908   1.00 13.14 ? 173  FMN A C2    1 
HETATM 1491 O O2    . FMN B 2 .   ? 9.195   -2.450  3.072   1.00 13.48 ? 173  FMN A O2    1 
HETATM 1492 N N3    . FMN B 2 .   ? 7.058   -2.868  3.622   1.00 13.02 ? 173  FMN A N3    1 
HETATM 1493 C C4    . FMN B 2 .   ? 5.929   -3.557  3.499   1.00 12.68 ? 173  FMN A C4    1 
HETATM 1494 O O4    . FMN B 2 .   ? 4.933   -3.269  4.217   1.00 12.82 ? 173  FMN A O4    1 
HETATM 1495 C C4A   . FMN B 2 .   ? 5.872   -4.625  2.500   1.00 12.01 ? 173  FMN A C4A   1 
HETATM 1496 N N5    . FMN B 2 .   ? 4.750   -5.343  2.324   1.00 12.55 ? 173  FMN A N5    1 
HETATM 1497 C C5A   . FMN B 2 .   ? 4.700   -6.285  1.364   1.00 12.14 ? 173  FMN A C5A   1 
HETATM 1498 C C6    . FMN B 2 .   ? 3.534   -7.022  1.181   1.00 12.73 ? 173  FMN A C6    1 
HETATM 1499 C C7    . FMN B 2 .   ? 3.474   -8.034  0.216   1.00 12.02 ? 173  FMN A C7    1 
HETATM 1500 C C7M   . FMN B 2 .   ? 2.177   -8.782  0.001   1.00 11.94 ? 173  FMN A C7M   1 
HETATM 1501 C C8    . FMN B 2 .   ? 4.669   -8.331  -0.585  1.00 12.24 ? 173  FMN A C8    1 
HETATM 1502 C C8M   . FMN B 2 .   ? 4.565   -9.409  -1.620  1.00 12.39 ? 173  FMN A C8M   1 
HETATM 1503 C C9    . FMN B 2 .   ? 5.848   -7.606  -0.417  1.00 12.26 ? 173  FMN A C9    1 
HETATM 1504 C C9A   . FMN B 2 .   ? 5.902   -6.590  0.532   1.00 12.43 ? 173  FMN A C9A   1 
HETATM 1505 N N10   . FMN B 2 .   ? 7.095   -5.863  0.778   1.00 12.66 ? 173  FMN A N10   1 
HETATM 1506 C C10   . FMN B 2 .   ? 7.076   -4.860  1.709   1.00 12.58 ? 173  FMN A C10   1 
HETATM 1507 C "C1'" . FMN B 2 .   ? 8.303   -6.085  -0.023  1.00 13.47 ? 173  FMN A "C1'" 1 
HETATM 1508 C "C2'" . FMN B 2 .   ? 8.344   -5.158  -1.195  1.00 13.38 ? 173  FMN A "C2'" 1 
HETATM 1509 O "O2'" . FMN B 2 .   ? 7.058   -5.002  -1.840  1.00 12.23 ? 173  FMN A "O2'" 1 
HETATM 1510 C "C3'" . FMN B 2 .   ? 9.329   -5.785  -2.186  1.00 14.25 ? 173  FMN A "C3'" 1 
HETATM 1511 O "O3'" . FMN B 2 .   ? 10.623  -5.759  -1.561  1.00 14.96 ? 173  FMN A "O3'" 1 
HETATM 1512 C "C4'" . FMN B 2 .   ? 9.363   -5.055  -3.522  1.00 15.52 ? 173  FMN A "C4'" 1 
HETATM 1513 O "O4'" . FMN B 2 .   ? 10.085  -5.892  -4.451  1.00 17.03 ? 173  FMN A "O4'" 1 
HETATM 1514 C "C5'" . FMN B 2 .   ? 10.103  -3.715  -3.414  1.00 15.68 ? 173  FMN A "C5'" 1 
HETATM 1515 O "O5'" . FMN B 2 .   ? 10.189  -3.040  -4.661  1.00 16.33 ? 173  FMN A "O5'" 1 
HETATM 1516 P P     . FMN B 2 .   ? 11.015  -1.673  -4.879  1.00 17.28 ? 173  FMN A P     1 
HETATM 1517 O O1P   . FMN B 2 .   ? 12.492  -2.032  -4.674  1.00 18.01 ? 173  FMN A O1P   1 
HETATM 1518 O O2P   . FMN B 2 .   ? 10.509  -0.600  -3.953  1.00 17.74 ? 173  FMN A O2P   1 
HETATM 1519 O O3P   . FMN B 2 .   ? 10.689  -1.319  -6.321  1.00 17.85 ? 173  FMN A O3P   1 
HETATM 1520 C C1    . HQE C 3 .   ? 7.156   -5.975  5.206   1.00 20.09 ? 1173 HQE A C1    1 
HETATM 1521 C C2    . HQE C 3 .   ? 6.029   -6.794  5.016   1.00 19.04 ? 1173 HQE A C2    1 
HETATM 1522 C C3    . HQE C 3 .   ? 6.069   -7.867  4.127   1.00 20.38 ? 1173 HQE A C3    1 
HETATM 1523 O O3    . HQE C 3 .   ? 4.968   -8.645  3.975   1.00 20.36 ? 1173 HQE A O3    1 
HETATM 1524 C C4    . HQE C 3 .   ? 7.231   -8.152  3.405   1.00 20.05 ? 1173 HQE A C4    1 
HETATM 1525 C C5    . HQE C 3 .   ? 8.361   -7.344  3.602   1.00 20.25 ? 1173 HQE A C5    1 
HETATM 1526 C C6    . HQE C 3 .   ? 8.308   -6.275  4.488   1.00 19.20 ? 1173 HQE A C6    1 
HETATM 1527 O O6    . HQE C 3 .   ? 9.388   -5.520  4.618   1.00 19.37 ? 1173 HQE A O6    1 
HETATM 1528 O O     . HOH D 4 .   ? 11.260  -23.159 15.295  1.00 21.44 ? 2001 HOH A O     1 
HETATM 1529 O O     . HOH D 4 .   ? 0.832   11.232  -13.814 1.00 44.52 ? 2002 HOH A O     1 
HETATM 1530 O O     . HOH D 4 .   ? 5.739   4.720   -15.980 1.00 38.83 ? 2003 HOH A O     1 
HETATM 1531 O O     . HOH D 4 .   ? 11.890  -18.129 15.243  1.00 43.21 ? 2004 HOH A O     1 
HETATM 1532 O O     . HOH D 4 .   ? 10.660  -15.758 14.677  1.00 38.99 ? 2005 HOH A O     1 
HETATM 1533 O O     . HOH D 4 .   ? 10.346  -12.904 13.940  1.00 37.32 ? 2006 HOH A O     1 
HETATM 1534 O O     . HOH D 4 .   ? 4.544   -11.114 5.016   1.00 37.51 ? 2007 HOH A O     1 
HETATM 1535 O O     . HOH D 4 .   ? 5.367   -13.134 3.868   1.00 26.87 ? 2008 HOH A O     1 
HETATM 1536 O O     . HOH D 4 .   ? -3.928  -11.765 13.809  1.00 13.91 ? 2009 HOH A O     1 
HETATM 1537 O O     . HOH D 4 .   ? -2.423  -3.881  6.587   1.00 17.46 ? 2010 HOH A O     1 
HETATM 1538 O O     . HOH D 4 .   ? -5.221  -5.225  8.047   1.00 38.69 ? 2011 HOH A O     1 
HETATM 1539 O O     . HOH D 4 .   ? -6.440  -4.096  -0.774  1.00 14.44 ? 2012 HOH A O     1 
HETATM 1540 O O     . HOH D 4 .   ? 10.109  16.563  0.355   1.00 45.31 ? 2013 HOH A O     1 
HETATM 1541 O O     . HOH D 4 .   ? -5.216  -2.269  7.257   1.00 27.46 ? 2014 HOH A O     1 
HETATM 1542 O O     . HOH D 4 .   ? 6.906   2.702   -5.154  1.00 16.71 ? 2015 HOH A O     1 
HETATM 1543 O O     . HOH D 4 .   ? 8.040   9.709   -4.353  1.00 16.88 ? 2016 HOH A O     1 
HETATM 1544 O O     . HOH D 4 .   ? 10.695  -12.072 -2.950  1.00 36.34 ? 2017 HOH A O     1 
HETATM 1545 O O     . HOH D 4 .   ? 7.536   -10.951 -0.123  1.00 41.23 ? 2018 HOH A O     1 
HETATM 1546 O O     . HOH D 4 .   ? 4.127   10.232  -13.844 1.00 50.40 ? 2019 HOH A O     1 
HETATM 1547 O O     . HOH D 4 .   ? 8.091   3.706   -14.351 1.00 33.86 ? 2020 HOH A O     1 
HETATM 1548 O O     . HOH D 4 .   ? -10.529 -1.958  -13.629 1.00 39.80 ? 2021 HOH A O     1 
HETATM 1549 O O     . HOH D 4 .   ? -6.981  0.048   -19.536 1.00 35.91 ? 2022 HOH A O     1 
HETATM 1550 O O     . HOH D 4 .   ? -1.764  -2.512  8.945   1.00 30.06 ? 2023 HOH A O     1 
HETATM 1551 O O     . HOH D 4 .   ? 17.738  -1.005  8.113   1.00 36.85 ? 2024 HOH A O     1 
HETATM 1552 O O     . HOH D 4 .   ? -0.851  8.908   15.729  1.00 20.82 ? 2025 HOH A O     1 
HETATM 1553 O O     . HOH D 4 .   ? -10.401 10.856  7.723   1.00 21.76 ? 2026 HOH A O     1 
HETATM 1554 O O     . HOH D 4 .   ? -10.241 14.834  8.383   1.00 41.38 ? 2027 HOH A O     1 
HETATM 1555 O O     . HOH D 4 .   ? -5.352  17.305  15.191  1.00 29.49 ? 2028 HOH A O     1 
HETATM 1556 O O     . HOH D 4 .   ? -12.259 16.899  14.168  1.00 34.51 ? 2029 HOH A O     1 
HETATM 1557 O O     . HOH D 4 .   ? -7.530  15.843  6.763   1.00 35.02 ? 2030 HOH A O     1 
HETATM 1558 O O     . HOH D 4 .   ? 16.876  -2.391  4.237   1.00 30.76 ? 2031 HOH A O     1 
HETATM 1559 O O     . HOH D 4 .   ? 14.624  -3.098  -3.541  1.00 23.28 ? 2032 HOH A O     1 
HETATM 1560 O O     . HOH D 4 .   ? 14.123  -5.059  -1.890  1.00 28.50 ? 2033 HOH A O     1 
HETATM 1561 O O     . HOH D 4 .   ? 10.914  -8.268  -0.524  1.00 23.61 ? 2034 HOH A O     1 
HETATM 1562 O O     . HOH D 4 .   ? 16.635  9.345   -2.299  1.00 26.28 ? 2035 HOH A O     1 
HETATM 1563 O O     . HOH D 4 .   ? 12.280  15.607  -1.096  1.00 38.71 ? 2036 HOH A O     1 
HETATM 1564 O O     . HOH D 4 .   ? 11.823  11.662  4.784   1.00 28.10 ? 2037 HOH A O     1 
HETATM 1565 O O     . HOH D 4 .   ? 18.383  12.059  -7.951  1.00 46.69 ? 2038 HOH A O     1 
HETATM 1566 O O     . HOH D 4 .   ? 5.122   18.007  -1.629  1.00 34.62 ? 2039 HOH A O     1 
HETATM 1567 O O     . HOH D 4 .   ? -8.021  -2.960  -8.174  1.00 26.13 ? 2040 HOH A O     1 
HETATM 1568 O O     . HOH D 4 .   ? -10.051 -4.760  -9.900  1.00 33.00 ? 2041 HOH A O     1 
HETATM 1569 O O     . HOH D 4 .   ? 2.371   -12.316 -10.750 1.00 28.97 ? 2042 HOH A O     1 
HETATM 1570 O O     . HOH D 4 .   ? -7.459  -13.228 -11.519 1.00 34.23 ? 2043 HOH A O     1 
HETATM 1571 O O     . HOH D 4 .   ? -7.135  -16.052 -12.056 1.00 34.81 ? 2044 HOH A O     1 
HETATM 1572 O O     . HOH D 4 .   ? 9.049   -10.171 -1.778  1.00 28.83 ? 2045 HOH A O     1 
HETATM 1573 O O     . HOH D 4 .   ? 7.637   -12.193 -9.629  1.00 35.18 ? 2046 HOH A O     1 
HETATM 1574 O O     . HOH D 4 .   ? 13.427  -7.095  -10.228 1.00 34.74 ? 2047 HOH A O     1 
HETATM 1575 O O     . HOH D 4 .   ? 13.932  -1.104  -12.543 1.00 27.00 ? 2048 HOH A O     1 
HETATM 1576 O O     . HOH D 4 .   ? 1.984   -0.645  -15.950 1.00 44.66 ? 2049 HOH A O     1 
HETATM 1577 O O     . HOH D 4 .   ? -5.841  -3.936  -14.555 1.00 35.40 ? 2050 HOH A O     1 
HETATM 1578 O O     . HOH D 4 .   ? -6.636  11.522  -9.641  1.00 29.65 ? 2051 HOH A O     1 
HETATM 1579 O O     . HOH D 4 .   ? -6.656  11.539  -12.862 1.00 34.56 ? 2052 HOH A O     1 
HETATM 1580 O O     . HOH D 4 .   ? 0.245   12.383  -10.815 1.00 34.45 ? 2053 HOH A O     1 
HETATM 1581 O O     . HOH D 4 .   ? -8.530  10.437  -11.186 1.00 32.06 ? 2054 HOH A O     1 
HETATM 1582 O O     . HOH D 4 .   ? -10.481 0.759   -14.019 1.00 37.30 ? 2055 HOH A O     1 
HETATM 1583 O O     . HOH D 4 .   ? -11.087 -1.928  -10.659 1.00 52.39 ? 2056 HOH A O     1 
HETATM 1584 O O     . HOH D 4 .   ? -7.811  -1.276  -17.073 1.00 42.19 ? 2057 HOH A O     1 
HETATM 1585 O O     . HOH D 4 .   ? -9.750  4.594   -7.461  1.00 28.86 ? 2058 HOH A O     1 
HETATM 1586 O O     . HOH D 4 .   ? 4.957   17.916  4.100   1.00 35.89 ? 2059 HOH A O     1 
HETATM 1587 O O     . HOH D 4 .   ? 14.585  9.833   11.728  1.00 43.91 ? 2060 HOH A O     1 
HETATM 1588 O O     . HOH D 4 .   ? 14.647  7.898   13.601  1.00 25.35 ? 2061 HOH A O     1 
HETATM 1589 O O     . HOH D 4 .   ? 13.221  6.442   15.829  1.00 45.15 ? 2062 HOH A O     1 
HETATM 1590 O O     . HOH D 4 .   ? 15.391  3.017   8.552   1.00 22.88 ? 2063 HOH A O     1 
HETATM 1591 O O     . HOH D 4 .   ? 16.809  1.423   13.239  1.00 29.96 ? 2064 HOH A O     1 
HETATM 1592 O O     . HOH D 4 .   ? 15.919  0.577   9.311   1.00 23.94 ? 2065 HOH A O     1 
HETATM 1593 O O     . HOH D 4 .   ? 15.640  -3.382  6.183   1.00 29.82 ? 2066 HOH A O     1 
HETATM 1594 O O     . HOH D 4 .   ? 16.484  -7.232  9.325   1.00 37.26 ? 2067 HOH A O     1 
HETATM 1595 O O     . HOH D 4 .   ? -14.212 10.595  1.847   1.00 27.32 ? 2068 HOH A O     1 
HETATM 1596 O O     . HOH D 4 .   ? -18.620 7.404   -0.980  1.00 35.33 ? 2069 HOH A O     1 
HETATM 1597 O O     . HOH D 4 .   ? -17.675 9.070   -5.309  1.00 40.94 ? 2070 HOH A O     1 
HETATM 1598 O O     . HOH D 4 .   ? -15.869 5.573   -9.873  1.00 34.55 ? 2071 HOH A O     1 
HETATM 1599 O O     . HOH D 4 .   ? -18.178 3.436   -9.371  1.00 38.31 ? 2072 HOH A O     1 
HETATM 1600 O O     . HOH D 4 .   ? -16.379 9.530   -9.294  1.00 44.65 ? 2073 HOH A O     1 
HETATM 1601 O O     . HOH D 4 .   ? -18.130 6.803   -12.460 1.00 67.89 ? 2074 HOH A O     1 
HETATM 1602 O O     . HOH D 4 .   ? -13.561 -4.880  -7.509  1.00 27.45 ? 2075 HOH A O     1 
HETATM 1603 O O     . HOH D 4 .   ? -15.157 -4.058  -11.481 1.00 47.19 ? 2076 HOH A O     1 
HETATM 1604 O O     . HOH D 4 .   ? -20.845 0.059   0.384   1.00 34.24 ? 2077 HOH A O     1 
HETATM 1605 O O     . HOH D 4 .   ? -26.182 -0.970  -5.611  1.00 48.95 ? 2078 HOH A O     1 
HETATM 1606 O O     . HOH D 4 .   ? -22.455 -5.078  -1.597  1.00 34.73 ? 2079 HOH A O     1 
HETATM 1607 O O     . HOH D 4 .   ? -21.652 -3.872  -6.383  1.00 40.35 ? 2080 HOH A O     1 
HETATM 1608 O O     . HOH D 4 .   ? -20.688 -5.039  1.499   1.00 34.24 ? 2081 HOH A O     1 
HETATM 1609 O O     . HOH D 4 .   ? -15.348 -10.518 -0.771  1.00 37.76 ? 2082 HOH A O     1 
HETATM 1610 O O     . HOH D 4 .   ? -14.002 -7.645  -0.013  1.00 23.44 ? 2083 HOH A O     1 
HETATM 1611 O O     . HOH D 4 .   ? -11.360 -13.156 -7.144  1.00 45.49 ? 2084 HOH A O     1 
HETATM 1612 O O     . HOH D 4 .   ? -16.076 -13.670 -0.147  1.00 32.96 ? 2085 HOH A O     1 
HETATM 1613 O O     . HOH D 4 .   ? -17.745 -12.695 8.102   1.00 27.71 ? 2086 HOH A O     1 
HETATM 1614 O O     . HOH D 4 .   ? -19.510 -14.289 1.703   1.00 42.57 ? 2087 HOH A O     1 
HETATM 1615 O O     . HOH D 4 .   ? -24.345 -9.845  5.211   1.00 35.58 ? 2088 HOH A O     1 
HETATM 1616 O O     . HOH D 4 .   ? -21.877 -7.672  2.172   1.00 37.27 ? 2089 HOH A O     1 
HETATM 1617 O O     . HOH D 4 .   ? -23.196 -11.809 -4.183  1.00 53.56 ? 2090 HOH A O     1 
HETATM 1618 O O     . HOH D 4 .   ? -19.015 -15.215 8.995   1.00 29.40 ? 2091 HOH A O     1 
HETATM 1619 O O     . HOH D 4 .   ? -25.176 -9.546  12.928  1.00 28.97 ? 2092 HOH A O     1 
HETATM 1620 O O     . HOH D 4 .   ? -25.104 -3.998  21.094  1.00 49.06 ? 2093 HOH A O     1 
# 
loop_
_pdbx_poly_seq_scheme.asym_id 
_pdbx_poly_seq_scheme.entity_id 
_pdbx_poly_seq_scheme.seq_id 
_pdbx_poly_seq_scheme.mon_id 
_pdbx_poly_seq_scheme.ndb_seq_num 
_pdbx_poly_seq_scheme.pdb_seq_num 
_pdbx_poly_seq_scheme.auth_seq_num 
_pdbx_poly_seq_scheme.pdb_mon_id 
_pdbx_poly_seq_scheme.auth_mon_id 
_pdbx_poly_seq_scheme.pdb_strand_id 
_pdbx_poly_seq_scheme.pdb_ins_code 
_pdbx_poly_seq_scheme.hetero 
A 1 1   MET 1   -18 ?   ?   ?   A . n 
A 1 2   GLY 2   -17 ?   ?   ?   A . n 
A 1 3   SER 3   -16 ?   ?   ?   A . n 
A 1 4   ASP 4   -15 ?   ?   ?   A . n 
A 1 5   LYS 5   -14 ?   ?   ?   A . n 
A 1 6   ILE 6   -13 ?   ?   ?   A . n 
A 1 7   HIS 7   -12 ?   ?   ?   A . n 
A 1 8   HIS 8   -11 ?   ?   ?   A . n 
A 1 9   HIS 9   -10 ?   ?   ?   A . n 
A 1 10  HIS 10  -9  ?   ?   ?   A . n 
A 1 11  HIS 11  -8  ?   ?   ?   A . n 
A 1 12  HIS 12  -7  -7  HIS HIS A . n 
A 1 13  GLU 13  -6  -6  GLU GLU A . n 
A 1 14  ASN 14  -5  -5  ASN ASN A . n 
A 1 15  LEU 15  -4  -4  LEU LEU A . n 
A 1 16  TYR 16  -3  -3  TYR TYR A . n 
A 1 17  PHE 17  -2  -2  PHE PHE A . n 
A 1 18  GLN 18  -1  -1  GLN GLN A . n 
A 1 19  GLY 19  0   0   GLY GLY A . n 
A 1 20  MET 20  1   1   MET MET A . n 
A 1 21  GLU 21  2   2   GLU GLU A . n 
A 1 22  GLY 22  3   3   GLY GLY A . n 
A 1 23  TYR 23  4   4   TYR TYR A . n 
A 1 24  ARG 24  5   5   ARG ARG A . n 
A 1 25  LEU 25  6   6   LEU LEU A . n 
A 1 26  LEU 26  7   7   LEU LEU A . n 
A 1 27  TYR 27  8   8   TYR TYR A . n 
A 1 28  PRO 28  9   9   PRO PRO A . n 
A 1 29  MET 29  10  10  MET MET A . n 
A 1 30  ARG 30  11  11  ARG ARG A . n 
A 1 31  THR 31  12  12  THR THR A . n 
A 1 32  TYR 32  13  13  TYR TYR A . n 
A 1 33  LEU 33  14  14  LEU LEU A . n 
A 1 34  ILE 34  15  15  ILE ILE A . n 
A 1 35  VAL 35  16  16  VAL VAL A . n 
A 1 36  SER 36  17  17  SER SER A . n 
A 1 37  GLY 37  18  18  GLY GLY A . n 
A 1 38  HIS 38  19  19  HIS HIS A . n 
A 1 39  GLY 39  20  20  GLY GLY A . n 
A 1 40  GLU 40  21  21  GLU GLU A . n 
A 1 41  GLU 41  22  22  GLU GLU A . n 
A 1 42  THR 42  23  23  THR THR A . n 
A 1 43  ASN 43  24  24  ASN ASN A . n 
A 1 44  VAL 44  25  25  VAL VAL A . n 
A 1 45  MET 45  26  26  MET MET A . n 
A 1 46  ALA 46  27  27  ALA ALA A . n 
A 1 47  ALA 47  28  28  ALA ALA A . n 
A 1 48  ASP 48  29  29  ASP ASP A . n 
A 1 49  TRP 49  30  30  TRP TRP A . n 
A 1 50  VAL 50  31  31  VAL VAL A . n 
A 1 51  THR 51  32  32  THR THR A . n 
A 1 52  VAL 52  33  33  VAL VAL A . n 
A 1 53  VAL 53  34  34  VAL VAL A . n 
A 1 54  SER 54  35  35  SER SER A . n 
A 1 55  PHE 55  36  36  PHE PHE A . n 
A 1 56  ASP 56  37  37  ASP ASP A . n 
A 1 57  PRO 57  38  38  PRO PRO A . n 
A 1 58  PHE 58  39  39  PHE PHE A . n 
A 1 59  ILE 59  40  40  ILE ILE A . n 
A 1 60  VAL 60  41  41  VAL VAL A . n 
A 1 61  GLY 61  42  42  GLY GLY A . n 
A 1 62  VAL 62  43  43  VAL VAL A . n 
A 1 63  ALA 63  44  44  ALA ALA A . n 
A 1 64  VAL 64  45  45  VAL VAL A . n 
A 1 65  ALA 65  46  46  ALA ALA A . n 
A 1 66  PRO 66  47  47  PRO PRO A . n 
A 1 67  LYS 67  48  48  LYS LYS A . n 
A 1 68  ARG 68  49  49  ARG ARG A . n 
A 1 69  THR 69  50  50  THR THR A . n 
A 1 70  THR 70  51  51  THR THR A . n 
A 1 71  HIS 71  52  52  HIS HIS A . n 
A 1 72  LYS 72  53  53  LYS LYS A . n 
A 1 73  LEU 73  54  54  LEU LEU A . n 
A 1 74  ILE 74  55  55  ILE ILE A . n 
A 1 75  LYS 75  56  56  LYS LYS A . n 
A 1 76  LYS 76  57  57  LYS LYS A . n 
A 1 77  TYR 77  58  58  TYR TYR A . n 
A 1 78  GLY 78  59  59  GLY GLY A . n 
A 1 79  GLU 79  60  60  GLU GLU A . n 
A 1 80  PHE 80  61  61  PHE PHE A . n 
A 1 81  VAL 81  62  62  VAL VAL A . n 
A 1 82  ILE 82  63  63  ILE ILE A . n 
A 1 83  SER 83  64  64  SER SER A . n 
A 1 84  VAL 84  65  65  VAL VAL A . n 
A 1 85  PRO 85  66  66  PRO PRO A . n 
A 1 86  SER 86  67  67  SER SER A . n 
A 1 87  LEU 87  68  68  LEU LEU A . n 
A 1 88  ASP 88  69  69  ASP ASP A . n 
A 1 89  VAL 89  70  70  VAL VAL A . n 
A 1 90  LEU 90  71  71  LEU LEU A . n 
A 1 91  ARG 91  72  72  ARG ARG A . n 
A 1 92  ASP 92  73  73  ASP ASP A . n 
A 1 93  VAL 93  74  74  VAL VAL A . n 
A 1 94  TRP 94  75  75  TRP TRP A . n 
A 1 95  ILE 95  76  76  ILE ILE A . n 
A 1 96  ALA 96  77  77  ALA ALA A . n 
A 1 97  GLY 97  78  78  GLY GLY A . n 
A 1 98  THR 98  79  79  THR THR A . n 
A 1 99  LYS 99  80  80  LYS LYS A . n 
A 1 100 LYS 100 81  81  LYS LYS A . n 
A 1 101 GLY 101 82  82  GLY GLY A . n 
A 1 102 PRO 102 83  83  PRO PRO A . n 
A 1 103 SER 103 84  84  SER SER A . n 
A 1 104 LYS 104 85  85  LYS LYS A . n 
A 1 105 LEU 105 86  86  LEU LEU A . n 
A 1 106 LYS 106 87  87  LYS LYS A . n 
A 1 107 GLU 107 88  88  GLU GLU A . n 
A 1 108 MET 108 89  89  MET MET A . n 
A 1 109 SER 109 90  90  SER SER A . n 
A 1 110 VAL 110 91  91  VAL VAL A . n 
A 1 111 THR 111 92  92  THR THR A . n 
A 1 112 LEU 112 93  93  LEU LEU A . n 
A 1 113 ILE 113 94  94  ILE ILE A . n 
A 1 114 PRO 114 95  95  PRO PRO A . n 
A 1 115 SER 115 96  96  SER SER A . n 
A 1 116 LYS 116 97  97  LYS LYS A . n 
A 1 117 LYS 117 98  98  LYS LYS A . n 
A 1 118 VAL 118 99  99  VAL VAL A . n 
A 1 119 LYS 119 100 100 LYS LYS A . n 
A 1 120 VAL 120 101 101 VAL VAL A . n 
A 1 121 PRO 121 102 102 PRO PRO A . n 
A 1 122 SER 122 103 103 SER SER A . n 
A 1 123 ILE 123 104 104 ILE ILE A . n 
A 1 124 GLU 124 105 105 GLU GLU A . n 
A 1 125 GLU 125 106 106 GLU GLU A . n 
A 1 126 ALA 126 107 107 ALA ALA A . n 
A 1 127 LEU 127 108 108 LEU LEU A . n 
A 1 128 ALA 128 109 109 ALA ALA A . n 
A 1 129 ASN 129 110 110 ASN ASN A . n 
A 1 130 ILE 130 111 111 ILE ILE A . n 
A 1 131 GLU 131 112 112 GLU GLU A . n 
A 1 132 CYS 132 113 113 CYS CYS A . n 
A 1 133 ARG 133 114 114 ARG ARG A . n 
A 1 134 VAL 134 115 115 VAL VAL A . n 
A 1 135 ILE 135 116 116 ILE ILE A . n 
A 1 136 ASP 136 117 117 ASP ASP A . n 
A 1 137 ALA 137 118 118 ALA ALA A . n 
A 1 138 ARG 138 119 119 ARG ARG A . n 
A 1 139 SER 139 120 120 SER SER A . n 
A 1 140 TYR 140 121 121 TYR TYR A . n 
A 1 141 GLY 141 122 122 GLY GLY A . n 
A 1 142 ASP 142 123 123 ASP ASP A . n 
A 1 143 HIS 143 124 124 HIS HIS A . n 
A 1 144 THR 144 125 125 THR THR A . n 
A 1 145 PHE 145 126 126 PHE PHE A . n 
A 1 146 PHE 146 127 127 PHE PHE A . n 
A 1 147 VAL 147 128 128 VAL VAL A . n 
A 1 148 GLY 148 129 129 GLY GLY A . n 
A 1 149 GLU 149 130 130 GLU GLU A . n 
A 1 150 VAL 150 131 131 VAL VAL A . n 
A 1 151 VAL 151 132 132 VAL VAL A . n 
A 1 152 GLY 152 133 133 GLY GLY A . n 
A 1 153 TYR 153 134 134 TYR TYR A . n 
A 1 154 THR 154 135 135 THR THR A . n 
A 1 155 TYR 155 136 136 TYR TYR A . n 
A 1 156 LYS 156 137 137 LYS LYS A . n 
A 1 157 ASP 157 138 138 ASP ASP A . n 
A 1 158 TYR 158 139 139 TYR TYR A . n 
A 1 159 ALA 159 140 140 ALA ALA A . n 
A 1 160 PHE 160 141 141 PHE PHE A . n 
A 1 161 GLU 161 142 142 GLU GLU A . n 
A 1 162 LYS 162 143 143 LYS LYS A . n 
A 1 163 GLY 163 144 144 GLY GLY A . n 
A 1 164 LYS 164 145 145 LYS LYS A . n 
A 1 165 PRO 165 146 146 PRO PRO A . n 
A 1 166 ASN 166 147 147 ASN ASN A . n 
A 1 167 LEU 167 148 148 LEU LEU A . n 
A 1 168 LYS 168 149 149 LYS LYS A . n 
A 1 169 ALA 169 150 150 ALA ALA A . n 
A 1 170 LYS 170 151 151 LYS LYS A . n 
A 1 171 PHE 171 152 152 PHE PHE A . n 
A 1 172 LEU 172 153 153 LEU LEU A . n 
A 1 173 ALA 173 154 154 ALA ALA A . n 
A 1 174 HIS 174 155 155 HIS HIS A . n 
A 1 175 VAL 175 156 156 VAL VAL A . n 
A 1 176 SER 176 157 157 SER SER A . n 
A 1 177 TRP 177 158 158 TRP TRP A . n 
A 1 178 SER 178 159 159 SER SER A . n 
A 1 179 GLU 179 160 160 GLU GLU A . n 
A 1 180 PHE 180 161 161 PHE PHE A . n 
A 1 181 VAL 181 162 162 VAL VAL A . n 
A 1 182 THR 182 163 163 THR THR A . n 
A 1 183 PHE 183 164 164 PHE PHE A . n 
A 1 184 SER 184 165 165 SER SER A . n 
A 1 185 GLU 185 166 166 GLU GLU A . n 
A 1 186 LYS 186 167 167 LYS LYS A . n 
A 1 187 VAL 187 168 168 VAL VAL A . n 
A 1 188 HIS 188 169 169 HIS HIS A . n 
A 1 189 LYS 189 170 170 LYS LYS A . n 
A 1 190 ALA 190 171 171 ALA ALA A . n 
A 1 191 GLU 191 172 172 GLU GLU A . n 
# 
loop_
_pdbx_nonpoly_scheme.asym_id 
_pdbx_nonpoly_scheme.entity_id 
_pdbx_nonpoly_scheme.mon_id 
_pdbx_nonpoly_scheme.ndb_seq_num 
_pdbx_nonpoly_scheme.pdb_seq_num 
_pdbx_nonpoly_scheme.auth_seq_num 
_pdbx_nonpoly_scheme.pdb_mon_id 
_pdbx_nonpoly_scheme.auth_mon_id 
_pdbx_nonpoly_scheme.pdb_strand_id 
_pdbx_nonpoly_scheme.pdb_ins_code 
B 2 FMN 1  173  173  FMN FMN A . 
C 3 HQE 1  1173 1173 HQE HQE A . 
D 4 HOH 1  2001 2001 HOH HOH A . 
D 4 HOH 2  2002 2002 HOH HOH A . 
D 4 HOH 3  2003 2003 HOH HOH A . 
D 4 HOH 4  2004 2004 HOH HOH A . 
D 4 HOH 5  2005 2005 HOH HOH A . 
D 4 HOH 6  2006 2006 HOH HOH A . 
D 4 HOH 7  2007 2007 HOH HOH A . 
D 4 HOH 8  2008 2008 HOH HOH A . 
D 4 HOH 9  2009 2009 HOH HOH A . 
D 4 HOH 10 2010 2010 HOH HOH A . 
D 4 HOH 11 2011 2011 HOH HOH A . 
D 4 HOH 12 2012 2012 HOH HOH A . 
D 4 HOH 13 2013 2013 HOH HOH A . 
D 4 HOH 14 2014 2014 HOH HOH A . 
D 4 HOH 15 2015 2015 HOH HOH A . 
D 4 HOH 16 2016 2016 HOH HOH A . 
D 4 HOH 17 2017 2017 HOH HOH A . 
D 4 HOH 18 2018 2018 HOH HOH A . 
D 4 HOH 19 2019 2019 HOH HOH A . 
D 4 HOH 20 2020 2020 HOH HOH A . 
D 4 HOH 21 2021 2021 HOH HOH A . 
D 4 HOH 22 2022 2022 HOH HOH A . 
D 4 HOH 23 2023 2023 HOH HOH A . 
D 4 HOH 24 2024 2024 HOH HOH A . 
D 4 HOH 25 2025 2025 HOH HOH A . 
D 4 HOH 26 2026 2026 HOH HOH A . 
D 4 HOH 27 2027 2027 HOH HOH A . 
D 4 HOH 28 2028 2028 HOH HOH A . 
D 4 HOH 29 2029 2029 HOH HOH A . 
D 4 HOH 30 2030 2030 HOH HOH A . 
D 4 HOH 31 2031 2031 HOH HOH A . 
D 4 HOH 32 2032 2032 HOH HOH A . 
D 4 HOH 33 2033 2033 HOH HOH A . 
D 4 HOH 34 2034 2034 HOH HOH A . 
D 4 HOH 35 2035 2035 HOH HOH A . 
D 4 HOH 36 2036 2036 HOH HOH A . 
D 4 HOH 37 2037 2037 HOH HOH A . 
D 4 HOH 38 2038 2038 HOH HOH A . 
D 4 HOH 39 2039 2039 HOH HOH A . 
D 4 HOH 40 2040 2040 HOH HOH A . 
D 4 HOH 41 2041 2041 HOH HOH A . 
D 4 HOH 42 2042 2042 HOH HOH A . 
D 4 HOH 43 2043 2043 HOH HOH A . 
D 4 HOH 44 2044 2044 HOH HOH A . 
D 4 HOH 45 2045 2045 HOH HOH A . 
D 4 HOH 46 2046 2046 HOH HOH A . 
D 4 HOH 47 2047 2047 HOH HOH A . 
D 4 HOH 48 2048 2048 HOH HOH A . 
D 4 HOH 49 2049 2049 HOH HOH A . 
D 4 HOH 50 2050 2050 HOH HOH A . 
D 4 HOH 51 2051 2051 HOH HOH A . 
D 4 HOH 52 2052 2052 HOH HOH A . 
D 4 HOH 53 2053 2053 HOH HOH A . 
D 4 HOH 54 2054 2054 HOH HOH A . 
D 4 HOH 55 2055 2055 HOH HOH A . 
D 4 HOH 56 2056 2056 HOH HOH A . 
D 4 HOH 57 2057 2057 HOH HOH A . 
D 4 HOH 58 2058 2058 HOH HOH A . 
D 4 HOH 59 2059 2059 HOH HOH A . 
D 4 HOH 60 2060 2060 HOH HOH A . 
D 4 HOH 61 2061 2061 HOH HOH A . 
D 4 HOH 62 2062 2062 HOH HOH A . 
D 4 HOH 63 2063 2063 HOH HOH A . 
D 4 HOH 64 2064 2064 HOH HOH A . 
D 4 HOH 65 2065 2065 HOH HOH A . 
D 4 HOH 66 2066 2066 HOH HOH A . 
D 4 HOH 67 2067 2067 HOH HOH A . 
D 4 HOH 68 2068 2068 HOH HOH A . 
D 4 HOH 69 2069 2069 HOH HOH A . 
D 4 HOH 70 2070 2070 HOH HOH A . 
D 4 HOH 71 2071 2071 HOH HOH A . 
D 4 HOH 72 2072 2072 HOH HOH A . 
D 4 HOH 73 2073 2073 HOH HOH A . 
D 4 HOH 74 2074 2074 HOH HOH A . 
D 4 HOH 75 2075 2075 HOH HOH A . 
D 4 HOH 76 2076 2076 HOH HOH A . 
D 4 HOH 77 2077 2077 HOH HOH A . 
D 4 HOH 78 2078 2078 HOH HOH A . 
D 4 HOH 79 2079 2079 HOH HOH A . 
D 4 HOH 80 2080 2080 HOH HOH A . 
D 4 HOH 81 2081 2081 HOH HOH A . 
D 4 HOH 82 2082 2082 HOH HOH A . 
D 4 HOH 83 2083 2083 HOH HOH A . 
D 4 HOH 84 2084 2084 HOH HOH A . 
D 4 HOH 85 2085 2085 HOH HOH A . 
D 4 HOH 86 2086 2086 HOH HOH A . 
D 4 HOH 87 2087 2087 HOH HOH A . 
D 4 HOH 88 2088 2088 HOH HOH A . 
D 4 HOH 89 2089 2089 HOH HOH A . 
D 4 HOH 90 2090 2090 HOH HOH A . 
D 4 HOH 91 2091 2091 HOH HOH A . 
D 4 HOH 92 2092 2092 HOH HOH A . 
D 4 HOH 93 2093 2093 HOH HOH A . 
# 
_pdbx_struct_assembly.id                   1 
_pdbx_struct_assembly.details              author_and_software_defined_assembly 
_pdbx_struct_assembly.method_details       PISA 
_pdbx_struct_assembly.oligomeric_details   dimeric 
_pdbx_struct_assembly.oligomeric_count     2 
# 
_pdbx_struct_assembly_gen.assembly_id       1 
_pdbx_struct_assembly_gen.oper_expression   1,2 
_pdbx_struct_assembly_gen.asym_id_list      A,B,C,D 
# 
loop_
_pdbx_struct_assembly_prop.biol_id 
_pdbx_struct_assembly_prop.type 
_pdbx_struct_assembly_prop.value 
_pdbx_struct_assembly_prop.details 
1 'ABSA (A^2)' 7980  ? 
1 MORE         -64.9 ? 
1 'SSA (A^2)'  15050 ? 
# 
loop_
_pdbx_struct_oper_list.id 
_pdbx_struct_oper_list.type 
_pdbx_struct_oper_list.name 
_pdbx_struct_oper_list.symmetry_operation 
_pdbx_struct_oper_list.matrix[1][1] 
_pdbx_struct_oper_list.matrix[1][2] 
_pdbx_struct_oper_list.matrix[1][3] 
_pdbx_struct_oper_list.vector[1] 
_pdbx_struct_oper_list.matrix[2][1] 
_pdbx_struct_oper_list.matrix[2][2] 
_pdbx_struct_oper_list.matrix[2][3] 
_pdbx_struct_oper_list.vector[2] 
_pdbx_struct_oper_list.matrix[3][1] 
_pdbx_struct_oper_list.matrix[3][2] 
_pdbx_struct_oper_list.matrix[3][3] 
_pdbx_struct_oper_list.vector[3] 
1 'identity operation'         1_555  x,y,z            1.0000000000  0.0000000000 0.0000000000 0.0000000000  0.0000000000 1.0000000000  0.0000000000 0.0000000000  0.0000000000 0.0000000000 1.0000000000  0.0000000000  
2 'crystal symmetry operation' 10_444 -y-1,-x-1,-z-1/6 -0.1411846105 0.8856311436 0.4424074856 -5.6722110819 0.8856311436 -0.0867158041 0.4562212697 -4.1175639920 0.4424074856 0.4562212697 -0.7720995854 19.2537996141 
# 
loop_
_pdbx_audit_revision_history.ordinal 
_pdbx_audit_revision_history.data_content_type 
_pdbx_audit_revision_history.major_revision 
_pdbx_audit_revision_history.minor_revision 
_pdbx_audit_revision_history.revision_date 
1 'Structure model' 1 0 2014-05-14 
2 'Structure model' 1 1 2014-07-02 
3 'Structure model' 1 2 2019-03-06 
4 'Structure model' 1 3 2023-12-20 
# 
_pdbx_audit_revision_details.ordinal             1 
_pdbx_audit_revision_details.revision_ordinal    1 
_pdbx_audit_revision_details.data_content_type   'Structure model' 
_pdbx_audit_revision_details.provider            repository 
_pdbx_audit_revision_details.type                'Initial release' 
_pdbx_audit_revision_details.description         ? 
_pdbx_audit_revision_details.details             ? 
# 
loop_
_pdbx_audit_revision_group.ordinal 
_pdbx_audit_revision_group.revision_ordinal 
_pdbx_audit_revision_group.data_content_type 
_pdbx_audit_revision_group.group 
1 2 'Structure model' 'Database references'      
2 3 'Structure model' 'Data collection'          
3 3 'Structure model' 'Experimental preparation' 
4 3 'Structure model' Other                      
5 4 'Structure model' 'Data collection'          
6 4 'Structure model' 'Database references'      
7 4 'Structure model' 'Derived calculations'     
8 4 'Structure model' Other                      
9 4 'Structure model' 'Refinement description'   
# 
loop_
_pdbx_audit_revision_category.ordinal 
_pdbx_audit_revision_category.revision_ordinal 
_pdbx_audit_revision_category.data_content_type 
_pdbx_audit_revision_category.category 
1  3 'Structure model' database_PDB_rev              
2  3 'Structure model' database_PDB_rev_record       
3  3 'Structure model' exptl_crystal_grow            
4  3 'Structure model' pdbx_database_proc            
5  3 'Structure model' pdbx_database_status          
6  4 'Structure model' chem_comp_atom                
7  4 'Structure model' chem_comp_bond                
8  4 'Structure model' database_2                    
9  4 'Structure model' pdbx_database_status          
10 4 'Structure model' pdbx_initial_refinement_model 
11 4 'Structure model' struct_site                   
# 
loop_
_pdbx_audit_revision_item.ordinal 
_pdbx_audit_revision_item.revision_ordinal 
_pdbx_audit_revision_item.data_content_type 
_pdbx_audit_revision_item.item 
1 3 'Structure model' '_exptl_crystal_grow.method'                  
2 3 'Structure model' '_exptl_crystal_grow.temp'                    
3 3 'Structure model' '_pdbx_database_status.recvd_author_approval' 
4 4 'Structure model' '_database_2.pdbx_DOI'                        
5 4 'Structure model' '_database_2.pdbx_database_accession'         
6 4 'Structure model' '_pdbx_database_status.status_code_sf'        
7 4 'Structure model' '_struct_site.pdbx_auth_asym_id'              
8 4 'Structure model' '_struct_site.pdbx_auth_comp_id'              
9 4 'Structure model' '_struct_site.pdbx_auth_seq_id'               
# 
loop_
_software.name 
_software.classification 
_software.version 
_software.citation_id 
_software.pdbx_ordinal 
REFMAC refinement       5.7.0029 ? 1 
XDS    'data reduction' .        ? 2 
PHASER phasing          .        ? 3 
# 
_pdbx_validate_close_contact.id               1 
_pdbx_validate_close_contact.PDB_model_num    1 
_pdbx_validate_close_contact.auth_atom_id_1   NE 
_pdbx_validate_close_contact.auth_asym_id_1   A 
_pdbx_validate_close_contact.auth_comp_id_1   ARG 
_pdbx_validate_close_contact.auth_seq_id_1    114 
_pdbx_validate_close_contact.PDB_ins_code_1   ? 
_pdbx_validate_close_contact.label_alt_id_1   B 
_pdbx_validate_close_contact.auth_atom_id_2   O 
_pdbx_validate_close_contact.auth_asym_id_2   A 
_pdbx_validate_close_contact.auth_comp_id_2   HOH 
_pdbx_validate_close_contact.auth_seq_id_2    2059 
_pdbx_validate_close_contact.PDB_ins_code_2   ? 
_pdbx_validate_close_contact.label_alt_id_2   ? 
_pdbx_validate_close_contact.dist             2.18 
# 
_pdbx_validate_symm_contact.id                1 
_pdbx_validate_symm_contact.PDB_model_num     1 
_pdbx_validate_symm_contact.auth_atom_id_1    O 
_pdbx_validate_symm_contact.auth_asym_id_1    A 
_pdbx_validate_symm_contact.auth_comp_id_1    HOH 
_pdbx_validate_symm_contact.auth_seq_id_1     2011 
_pdbx_validate_symm_contact.PDB_ins_code_1    ? 
_pdbx_validate_symm_contact.label_alt_id_1    ? 
_pdbx_validate_symm_contact.site_symmetry_1   1_555 
_pdbx_validate_symm_contact.auth_atom_id_2    O 
_pdbx_validate_symm_contact.auth_asym_id_2    A 
_pdbx_validate_symm_contact.auth_comp_id_2    HOH 
_pdbx_validate_symm_contact.auth_seq_id_2     2011 
_pdbx_validate_symm_contact.PDB_ins_code_2    ? 
_pdbx_validate_symm_contact.label_alt_id_2    ? 
_pdbx_validate_symm_contact.site_symmetry_2   10_444 
_pdbx_validate_symm_contact.dist              1.04 
# 
loop_
_pdbx_validate_torsion.id 
_pdbx_validate_torsion.PDB_model_num 
_pdbx_validate_torsion.auth_comp_id 
_pdbx_validate_torsion.auth_asym_id 
_pdbx_validate_torsion.auth_seq_id 
_pdbx_validate_torsion.PDB_ins_code 
_pdbx_validate_torsion.label_alt_id 
_pdbx_validate_torsion.phi 
_pdbx_validate_torsion.psi 
1 1 ALA A 118 ? A -150.14 86.28   
2 1 ALA A 118 ? B -151.99 54.35   
3 1 TRP A 158 ? A -27.16  -68.82  
4 1 TRP A 158 ? B 16.80   -105.97 
5 1 THR A 163 ? ? -119.82 -169.75 
# 
loop_
_pdbx_unobs_or_zero_occ_residues.id 
_pdbx_unobs_or_zero_occ_residues.PDB_model_num 
_pdbx_unobs_or_zero_occ_residues.polymer_flag 
_pdbx_unobs_or_zero_occ_residues.occupancy_flag 
_pdbx_unobs_or_zero_occ_residues.auth_asym_id 
_pdbx_unobs_or_zero_occ_residues.auth_comp_id 
_pdbx_unobs_or_zero_occ_residues.auth_seq_id 
_pdbx_unobs_or_zero_occ_residues.PDB_ins_code 
_pdbx_unobs_or_zero_occ_residues.label_asym_id 
_pdbx_unobs_or_zero_occ_residues.label_comp_id 
_pdbx_unobs_or_zero_occ_residues.label_seq_id 
1  1 Y 1 A MET -18 ? A MET 1  
2  1 Y 1 A GLY -17 ? A GLY 2  
3  1 Y 1 A SER -16 ? A SER 3  
4  1 Y 1 A ASP -15 ? A ASP 4  
5  1 Y 1 A LYS -14 ? A LYS 5  
6  1 Y 1 A ILE -13 ? A ILE 6  
7  1 Y 1 A HIS -12 ? A HIS 7  
8  1 Y 1 A HIS -11 ? A HIS 8  
9  1 Y 1 A HIS -10 ? A HIS 9  
10 1 Y 1 A HIS -9  ? A HIS 10 
11 1 Y 1 A HIS -8  ? A HIS 11 
# 
loop_
_chem_comp_atom.comp_id 
_chem_comp_atom.atom_id 
_chem_comp_atom.type_symbol 
_chem_comp_atom.pdbx_aromatic_flag 
_chem_comp_atom.pdbx_stereo_config 
_chem_comp_atom.pdbx_ordinal 
ALA N      N N N 1   
ALA CA     C N S 2   
ALA C      C N N 3   
ALA O      O N N 4   
ALA CB     C N N 5   
ALA OXT    O N N 6   
ALA H      H N N 7   
ALA H2     H N N 8   
ALA HA     H N N 9   
ALA HB1    H N N 10  
ALA HB2    H N N 11  
ALA HB3    H N N 12  
ALA HXT    H N N 13  
ARG N      N N N 14  
ARG CA     C N S 15  
ARG C      C N N 16  
ARG O      O N N 17  
ARG CB     C N N 18  
ARG CG     C N N 19  
ARG CD     C N N 20  
ARG NE     N N N 21  
ARG CZ     C N N 22  
ARG NH1    N N N 23  
ARG NH2    N N N 24  
ARG OXT    O N N 25  
ARG H      H N N 26  
ARG H2     H N N 27  
ARG HA     H N N 28  
ARG HB2    H N N 29  
ARG HB3    H N N 30  
ARG HG2    H N N 31  
ARG HG3    H N N 32  
ARG HD2    H N N 33  
ARG HD3    H N N 34  
ARG HE     H N N 35  
ARG HH11   H N N 36  
ARG HH12   H N N 37  
ARG HH21   H N N 38  
ARG HH22   H N N 39  
ARG HXT    H N N 40  
ASN N      N N N 41  
ASN CA     C N S 42  
ASN C      C N N 43  
ASN O      O N N 44  
ASN CB     C N N 45  
ASN CG     C N N 46  
ASN OD1    O N N 47  
ASN ND2    N N N 48  
ASN OXT    O N N 49  
ASN H      H N N 50  
ASN H2     H N N 51  
ASN HA     H N N 52  
ASN HB2    H N N 53  
ASN HB3    H N N 54  
ASN HD21   H N N 55  
ASN HD22   H N N 56  
ASN HXT    H N N 57  
ASP N      N N N 58  
ASP CA     C N S 59  
ASP C      C N N 60  
ASP O      O N N 61  
ASP CB     C N N 62  
ASP CG     C N N 63  
ASP OD1    O N N 64  
ASP OD2    O N N 65  
ASP OXT    O N N 66  
ASP H      H N N 67  
ASP H2     H N N 68  
ASP HA     H N N 69  
ASP HB2    H N N 70  
ASP HB3    H N N 71  
ASP HD2    H N N 72  
ASP HXT    H N N 73  
CYS N      N N N 74  
CYS CA     C N R 75  
CYS C      C N N 76  
CYS O      O N N 77  
CYS CB     C N N 78  
CYS SG     S N N 79  
CYS OXT    O N N 80  
CYS H      H N N 81  
CYS H2     H N N 82  
CYS HA     H N N 83  
CYS HB2    H N N 84  
CYS HB3    H N N 85  
CYS HG     H N N 86  
CYS HXT    H N N 87  
FMN N1     N N N 88  
FMN C2     C N N 89  
FMN O2     O N N 90  
FMN N3     N N N 91  
FMN C4     C N N 92  
FMN O4     O N N 93  
FMN C4A    C N N 94  
FMN N5     N N N 95  
FMN C5A    C Y N 96  
FMN C6     C Y N 97  
FMN C7     C Y N 98  
FMN C7M    C N N 99  
FMN C8     C Y N 100 
FMN C8M    C N N 101 
FMN C9     C Y N 102 
FMN C9A    C Y N 103 
FMN N10    N N N 104 
FMN C10    C N N 105 
FMN "C1'"  C N N 106 
FMN "C2'"  C N S 107 
FMN "O2'"  O N N 108 
FMN "C3'"  C N S 109 
FMN "O3'"  O N N 110 
FMN "C4'"  C N R 111 
FMN "O4'"  O N N 112 
FMN "C5'"  C N N 113 
FMN "O5'"  O N N 114 
FMN P      P N N 115 
FMN O1P    O N N 116 
FMN O2P    O N N 117 
FMN O3P    O N N 118 
FMN HN3    H N N 119 
FMN H6     H N N 120 
FMN HM71   H N N 121 
FMN HM72   H N N 122 
FMN HM73   H N N 123 
FMN HM81   H N N 124 
FMN HM82   H N N 125 
FMN HM83   H N N 126 
FMN H9     H N N 127 
FMN "H1'1" H N N 128 
FMN "H1'2" H N N 129 
FMN "H2'"  H N N 130 
FMN "HO2'" H N N 131 
FMN "H3'"  H N N 132 
FMN "HO3'" H N N 133 
FMN "H4'"  H N N 134 
FMN "HO4'" H N N 135 
FMN "H5'1" H N N 136 
FMN "H5'2" H N N 137 
FMN HOP2   H N N 138 
FMN HOP3   H N N 139 
GLN N      N N N 140 
GLN CA     C N S 141 
GLN C      C N N 142 
GLN O      O N N 143 
GLN CB     C N N 144 
GLN CG     C N N 145 
GLN CD     C N N 146 
GLN OE1    O N N 147 
GLN NE2    N N N 148 
GLN OXT    O N N 149 
GLN H      H N N 150 
GLN H2     H N N 151 
GLN HA     H N N 152 
GLN HB2    H N N 153 
GLN HB3    H N N 154 
GLN HG2    H N N 155 
GLN HG3    H N N 156 
GLN HE21   H N N 157 
GLN HE22   H N N 158 
GLN HXT    H N N 159 
GLU N      N N N 160 
GLU CA     C N S 161 
GLU C      C N N 162 
GLU O      O N N 163 
GLU CB     C N N 164 
GLU CG     C N N 165 
GLU CD     C N N 166 
GLU OE1    O N N 167 
GLU OE2    O N N 168 
GLU OXT    O N N 169 
GLU H      H N N 170 
GLU H2     H N N 171 
GLU HA     H N N 172 
GLU HB2    H N N 173 
GLU HB3    H N N 174 
GLU HG2    H N N 175 
GLU HG3    H N N 176 
GLU HE2    H N N 177 
GLU HXT    H N N 178 
GLY N      N N N 179 
GLY CA     C N N 180 
GLY C      C N N 181 
GLY O      O N N 182 
GLY OXT    O N N 183 
GLY H      H N N 184 
GLY H2     H N N 185 
GLY HA2    H N N 186 
GLY HA3    H N N 187 
GLY HXT    H N N 188 
HIS N      N N N 189 
HIS CA     C N S 190 
HIS C      C N N 191 
HIS O      O N N 192 
HIS CB     C N N 193 
HIS CG     C Y N 194 
HIS ND1    N Y N 195 
HIS CD2    C Y N 196 
HIS CE1    C Y N 197 
HIS NE2    N Y N 198 
HIS OXT    O N N 199 
HIS H      H N N 200 
HIS H2     H N N 201 
HIS HA     H N N 202 
HIS HB2    H N N 203 
HIS HB3    H N N 204 
HIS HD1    H N N 205 
HIS HD2    H N N 206 
HIS HE1    H N N 207 
HIS HE2    H N N 208 
HIS HXT    H N N 209 
HOH O      O N N 210 
HOH H1     H N N 211 
HOH H2     H N N 212 
HQE C1     C Y N 213 
HQE C2     C Y N 214 
HQE C3     C Y N 215 
HQE O3     O N N 216 
HQE C4     C Y N 217 
HQE C5     C Y N 218 
HQE C6     C Y N 219 
HQE O6     O N N 220 
HQE H1     H N N 221 
HQE H2     H N N 222 
HQE H3     H N N 223 
HQE H4     H N N 224 
HQE H5     H N N 225 
HQE H6     H N N 226 
ILE N      N N N 227 
ILE CA     C N S 228 
ILE C      C N N 229 
ILE O      O N N 230 
ILE CB     C N S 231 
ILE CG1    C N N 232 
ILE CG2    C N N 233 
ILE CD1    C N N 234 
ILE OXT    O N N 235 
ILE H      H N N 236 
ILE H2     H N N 237 
ILE HA     H N N 238 
ILE HB     H N N 239 
ILE HG12   H N N 240 
ILE HG13   H N N 241 
ILE HG21   H N N 242 
ILE HG22   H N N 243 
ILE HG23   H N N 244 
ILE HD11   H N N 245 
ILE HD12   H N N 246 
ILE HD13   H N N 247 
ILE HXT    H N N 248 
LEU N      N N N 249 
LEU CA     C N S 250 
LEU C      C N N 251 
LEU O      O N N 252 
LEU CB     C N N 253 
LEU CG     C N N 254 
LEU CD1    C N N 255 
LEU CD2    C N N 256 
LEU OXT    O N N 257 
LEU H      H N N 258 
LEU H2     H N N 259 
LEU HA     H N N 260 
LEU HB2    H N N 261 
LEU HB3    H N N 262 
LEU HG     H N N 263 
LEU HD11   H N N 264 
LEU HD12   H N N 265 
LEU HD13   H N N 266 
LEU HD21   H N N 267 
LEU HD22   H N N 268 
LEU HD23   H N N 269 
LEU HXT    H N N 270 
LYS N      N N N 271 
LYS CA     C N S 272 
LYS C      C N N 273 
LYS O      O N N 274 
LYS CB     C N N 275 
LYS CG     C N N 276 
LYS CD     C N N 277 
LYS CE     C N N 278 
LYS NZ     N N N 279 
LYS OXT    O N N 280 
LYS H      H N N 281 
LYS H2     H N N 282 
LYS HA     H N N 283 
LYS HB2    H N N 284 
LYS HB3    H N N 285 
LYS HG2    H N N 286 
LYS HG3    H N N 287 
LYS HD2    H N N 288 
LYS HD3    H N N 289 
LYS HE2    H N N 290 
LYS HE3    H N N 291 
LYS HZ1    H N N 292 
LYS HZ2    H N N 293 
LYS HZ3    H N N 294 
LYS HXT    H N N 295 
MET N      N N N 296 
MET CA     C N S 297 
MET C      C N N 298 
MET O      O N N 299 
MET CB     C N N 300 
MET CG     C N N 301 
MET SD     S N N 302 
MET CE     C N N 303 
MET OXT    O N N 304 
MET H      H N N 305 
MET H2     H N N 306 
MET HA     H N N 307 
MET HB2    H N N 308 
MET HB3    H N N 309 
MET HG2    H N N 310 
MET HG3    H N N 311 
MET HE1    H N N 312 
MET HE2    H N N 313 
MET HE3    H N N 314 
MET HXT    H N N 315 
PHE N      N N N 316 
PHE CA     C N S 317 
PHE C      C N N 318 
PHE O      O N N 319 
PHE CB     C N N 320 
PHE CG     C Y N 321 
PHE CD1    C Y N 322 
PHE CD2    C Y N 323 
PHE CE1    C Y N 324 
PHE CE2    C Y N 325 
PHE CZ     C Y N 326 
PHE OXT    O N N 327 
PHE H      H N N 328 
PHE H2     H N N 329 
PHE HA     H N N 330 
PHE HB2    H N N 331 
PHE HB3    H N N 332 
PHE HD1    H N N 333 
PHE HD2    H N N 334 
PHE HE1    H N N 335 
PHE HE2    H N N 336 
PHE HZ     H N N 337 
PHE HXT    H N N 338 
PRO N      N N N 339 
PRO CA     C N S 340 
PRO C      C N N 341 
PRO O      O N N 342 
PRO CB     C N N 343 
PRO CG     C N N 344 
PRO CD     C N N 345 
PRO OXT    O N N 346 
PRO H      H N N 347 
PRO HA     H N N 348 
PRO HB2    H N N 349 
PRO HB3    H N N 350 
PRO HG2    H N N 351 
PRO HG3    H N N 352 
PRO HD2    H N N 353 
PRO HD3    H N N 354 
PRO HXT    H N N 355 
SER N      N N N 356 
SER CA     C N S 357 
SER C      C N N 358 
SER O      O N N 359 
SER CB     C N N 360 
SER OG     O N N 361 
SER OXT    O N N 362 
SER H      H N N 363 
SER H2     H N N 364 
SER HA     H N N 365 
SER HB2    H N N 366 
SER HB3    H N N 367 
SER HG     H N N 368 
SER HXT    H N N 369 
THR N      N N N 370 
THR CA     C N S 371 
THR C      C N N 372 
THR O      O N N 373 
THR CB     C N R 374 
THR OG1    O N N 375 
THR CG2    C N N 376 
THR OXT    O N N 377 
THR H      H N N 378 
THR H2     H N N 379 
THR HA     H N N 380 
THR HB     H N N 381 
THR HG1    H N N 382 
THR HG21   H N N 383 
THR HG22   H N N 384 
THR HG23   H N N 385 
THR HXT    H N N 386 
TRP N      N N N 387 
TRP CA     C N S 388 
TRP C      C N N 389 
TRP O      O N N 390 
TRP CB     C N N 391 
TRP CG     C Y N 392 
TRP CD1    C Y N 393 
TRP CD2    C Y N 394 
TRP NE1    N Y N 395 
TRP CE2    C Y N 396 
TRP CE3    C Y N 397 
TRP CZ2    C Y N 398 
TRP CZ3    C Y N 399 
TRP CH2    C Y N 400 
TRP OXT    O N N 401 
TRP H      H N N 402 
TRP H2     H N N 403 
TRP HA     H N N 404 
TRP HB2    H N N 405 
TRP HB3    H N N 406 
TRP HD1    H N N 407 
TRP HE1    H N N 408 
TRP HE3    H N N 409 
TRP HZ2    H N N 410 
TRP HZ3    H N N 411 
TRP HH2    H N N 412 
TRP HXT    H N N 413 
TYR N      N N N 414 
TYR CA     C N S 415 
TYR C      C N N 416 
TYR O      O N N 417 
TYR CB     C N N 418 
TYR CG     C Y N 419 
TYR CD1    C Y N 420 
TYR CD2    C Y N 421 
TYR CE1    C Y N 422 
TYR CE2    C Y N 423 
TYR CZ     C Y N 424 
TYR OH     O N N 425 
TYR OXT    O N N 426 
TYR H      H N N 427 
TYR H2     H N N 428 
TYR HA     H N N 429 
TYR HB2    H N N 430 
TYR HB3    H N N 431 
TYR HD1    H N N 432 
TYR HD2    H N N 433 
TYR HE1    H N N 434 
TYR HE2    H N N 435 
TYR HH     H N N 436 
TYR HXT    H N N 437 
VAL N      N N N 438 
VAL CA     C N S 439 
VAL C      C N N 440 
VAL O      O N N 441 
VAL CB     C N N 442 
VAL CG1    C N N 443 
VAL CG2    C N N 444 
VAL OXT    O N N 445 
VAL H      H N N 446 
VAL H2     H N N 447 
VAL HA     H N N 448 
VAL HB     H N N 449 
VAL HG11   H N N 450 
VAL HG12   H N N 451 
VAL HG13   H N N 452 
VAL HG21   H N N 453 
VAL HG22   H N N 454 
VAL HG23   H N N 455 
VAL HXT    H N N 456 
# 
loop_
_chem_comp_bond.comp_id 
_chem_comp_bond.atom_id_1 
_chem_comp_bond.atom_id_2 
_chem_comp_bond.value_order 
_chem_comp_bond.pdbx_aromatic_flag 
_chem_comp_bond.pdbx_stereo_config 
_chem_comp_bond.pdbx_ordinal 
ALA N     CA     sing N N 1   
ALA N     H      sing N N 2   
ALA N     H2     sing N N 3   
ALA CA    C      sing N N 4   
ALA CA    CB     sing N N 5   
ALA CA    HA     sing N N 6   
ALA C     O      doub N N 7   
ALA C     OXT    sing N N 8   
ALA CB    HB1    sing N N 9   
ALA CB    HB2    sing N N 10  
ALA CB    HB3    sing N N 11  
ALA OXT   HXT    sing N N 12  
ARG N     CA     sing N N 13  
ARG N     H      sing N N 14  
ARG N     H2     sing N N 15  
ARG CA    C      sing N N 16  
ARG CA    CB     sing N N 17  
ARG CA    HA     sing N N 18  
ARG C     O      doub N N 19  
ARG C     OXT    sing N N 20  
ARG CB    CG     sing N N 21  
ARG CB    HB2    sing N N 22  
ARG CB    HB3    sing N N 23  
ARG CG    CD     sing N N 24  
ARG CG    HG2    sing N N 25  
ARG CG    HG3    sing N N 26  
ARG CD    NE     sing N N 27  
ARG CD    HD2    sing N N 28  
ARG CD    HD3    sing N N 29  
ARG NE    CZ     sing N N 30  
ARG NE    HE     sing N N 31  
ARG CZ    NH1    sing N N 32  
ARG CZ    NH2    doub N N 33  
ARG NH1   HH11   sing N N 34  
ARG NH1   HH12   sing N N 35  
ARG NH2   HH21   sing N N 36  
ARG NH2   HH22   sing N N 37  
ARG OXT   HXT    sing N N 38  
ASN N     CA     sing N N 39  
ASN N     H      sing N N 40  
ASN N     H2     sing N N 41  
ASN CA    C      sing N N 42  
ASN CA    CB     sing N N 43  
ASN CA    HA     sing N N 44  
ASN C     O      doub N N 45  
ASN C     OXT    sing N N 46  
ASN CB    CG     sing N N 47  
ASN CB    HB2    sing N N 48  
ASN CB    HB3    sing N N 49  
ASN CG    OD1    doub N N 50  
ASN CG    ND2    sing N N 51  
ASN ND2   HD21   sing N N 52  
ASN ND2   HD22   sing N N 53  
ASN OXT   HXT    sing N N 54  
ASP N     CA     sing N N 55  
ASP N     H      sing N N 56  
ASP N     H2     sing N N 57  
ASP CA    C      sing N N 58  
ASP CA    CB     sing N N 59  
ASP CA    HA     sing N N 60  
ASP C     O      doub N N 61  
ASP C     OXT    sing N N 62  
ASP CB    CG     sing N N 63  
ASP CB    HB2    sing N N 64  
ASP CB    HB3    sing N N 65  
ASP CG    OD1    doub N N 66  
ASP CG    OD2    sing N N 67  
ASP OD2   HD2    sing N N 68  
ASP OXT   HXT    sing N N 69  
CYS N     CA     sing N N 70  
CYS N     H      sing N N 71  
CYS N     H2     sing N N 72  
CYS CA    C      sing N N 73  
CYS CA    CB     sing N N 74  
CYS CA    HA     sing N N 75  
CYS C     O      doub N N 76  
CYS C     OXT    sing N N 77  
CYS CB    SG     sing N N 78  
CYS CB    HB2    sing N N 79  
CYS CB    HB3    sing N N 80  
CYS SG    HG     sing N N 81  
CYS OXT   HXT    sing N N 82  
FMN N1    C2     sing N N 83  
FMN N1    C10    doub N N 84  
FMN C2    O2     doub N N 85  
FMN C2    N3     sing N N 86  
FMN N3    C4     sing N N 87  
FMN N3    HN3    sing N N 88  
FMN C4    O4     doub N N 89  
FMN C4    C4A    sing N N 90  
FMN C4A   N5     doub N N 91  
FMN C4A   C10    sing N N 92  
FMN N5    C5A    sing N N 93  
FMN C5A   C6     doub Y N 94  
FMN C5A   C9A    sing Y N 95  
FMN C6    C7     sing Y N 96  
FMN C6    H6     sing N N 97  
FMN C7    C7M    sing N N 98  
FMN C7    C8     doub Y N 99  
FMN C7M   HM71   sing N N 100 
FMN C7M   HM72   sing N N 101 
FMN C7M   HM73   sing N N 102 
FMN C8    C8M    sing N N 103 
FMN C8    C9     sing Y N 104 
FMN C8M   HM81   sing N N 105 
FMN C8M   HM82   sing N N 106 
FMN C8M   HM83   sing N N 107 
FMN C9    C9A    doub Y N 108 
FMN C9    H9     sing N N 109 
FMN C9A   N10    sing N N 110 
FMN N10   C10    sing N N 111 
FMN N10   "C1'"  sing N N 112 
FMN "C1'" "C2'"  sing N N 113 
FMN "C1'" "H1'1" sing N N 114 
FMN "C1'" "H1'2" sing N N 115 
FMN "C2'" "O2'"  sing N N 116 
FMN "C2'" "C3'"  sing N N 117 
FMN "C2'" "H2'"  sing N N 118 
FMN "O2'" "HO2'" sing N N 119 
FMN "C3'" "O3'"  sing N N 120 
FMN "C3'" "C4'"  sing N N 121 
FMN "C3'" "H3'"  sing N N 122 
FMN "O3'" "HO3'" sing N N 123 
FMN "C4'" "O4'"  sing N N 124 
FMN "C4'" "C5'"  sing N N 125 
FMN "C4'" "H4'"  sing N N 126 
FMN "O4'" "HO4'" sing N N 127 
FMN "C5'" "O5'"  sing N N 128 
FMN "C5'" "H5'1" sing N N 129 
FMN "C5'" "H5'2" sing N N 130 
FMN "O5'" P      sing N N 131 
FMN P     O1P    doub N N 132 
FMN P     O2P    sing N N 133 
FMN P     O3P    sing N N 134 
FMN O2P   HOP2   sing N N 135 
FMN O3P   HOP3   sing N N 136 
GLN N     CA     sing N N 137 
GLN N     H      sing N N 138 
GLN N     H2     sing N N 139 
GLN CA    C      sing N N 140 
GLN CA    CB     sing N N 141 
GLN CA    HA     sing N N 142 
GLN C     O      doub N N 143 
GLN C     OXT    sing N N 144 
GLN CB    CG     sing N N 145 
GLN CB    HB2    sing N N 146 
GLN CB    HB3    sing N N 147 
GLN CG    CD     sing N N 148 
GLN CG    HG2    sing N N 149 
GLN CG    HG3    sing N N 150 
GLN CD    OE1    doub N N 151 
GLN CD    NE2    sing N N 152 
GLN NE2   HE21   sing N N 153 
GLN NE2   HE22   sing N N 154 
GLN OXT   HXT    sing N N 155 
GLU N     CA     sing N N 156 
GLU N     H      sing N N 157 
GLU N     H2     sing N N 158 
GLU CA    C      sing N N 159 
GLU CA    CB     sing N N 160 
GLU CA    HA     sing N N 161 
GLU C     O      doub N N 162 
GLU C     OXT    sing N N 163 
GLU CB    CG     sing N N 164 
GLU CB    HB2    sing N N 165 
GLU CB    HB3    sing N N 166 
GLU CG    CD     sing N N 167 
GLU CG    HG2    sing N N 168 
GLU CG    HG3    sing N N 169 
GLU CD    OE1    doub N N 170 
GLU CD    OE2    sing N N 171 
GLU OE2   HE2    sing N N 172 
GLU OXT   HXT    sing N N 173 
GLY N     CA     sing N N 174 
GLY N     H      sing N N 175 
GLY N     H2     sing N N 176 
GLY CA    C      sing N N 177 
GLY CA    HA2    sing N N 178 
GLY CA    HA3    sing N N 179 
GLY C     O      doub N N 180 
GLY C     OXT    sing N N 181 
GLY OXT   HXT    sing N N 182 
HIS N     CA     sing N N 183 
HIS N     H      sing N N 184 
HIS N     H2     sing N N 185 
HIS CA    C      sing N N 186 
HIS CA    CB     sing N N 187 
HIS CA    HA     sing N N 188 
HIS C     O      doub N N 189 
HIS C     OXT    sing N N 190 
HIS CB    CG     sing N N 191 
HIS CB    HB2    sing N N 192 
HIS CB    HB3    sing N N 193 
HIS CG    ND1    sing Y N 194 
HIS CG    CD2    doub Y N 195 
HIS ND1   CE1    doub Y N 196 
HIS ND1   HD1    sing N N 197 
HIS CD2   NE2    sing Y N 198 
HIS CD2   HD2    sing N N 199 
HIS CE1   NE2    sing Y N 200 
HIS CE1   HE1    sing N N 201 
HIS NE2   HE2    sing N N 202 
HIS OXT   HXT    sing N N 203 
HOH O     H1     sing N N 204 
HOH O     H2     sing N N 205 
HQE C5    C4     doub Y N 206 
HQE C5    C6     sing Y N 207 
HQE O6    C6     sing N N 208 
HQE C4    C3     sing Y N 209 
HQE C6    C1     doub Y N 210 
HQE C3    O3     sing N N 211 
HQE C3    C2     doub Y N 212 
HQE C1    C2     sing Y N 213 
HQE C1    H1     sing N N 214 
HQE C2    H2     sing N N 215 
HQE O3    H3     sing N N 216 
HQE C4    H4     sing N N 217 
HQE C5    H5     sing N N 218 
HQE O6    H6     sing N N 219 
ILE N     CA     sing N N 220 
ILE N     H      sing N N 221 
ILE N     H2     sing N N 222 
ILE CA    C      sing N N 223 
ILE CA    CB     sing N N 224 
ILE CA    HA     sing N N 225 
ILE C     O      doub N N 226 
ILE C     OXT    sing N N 227 
ILE CB    CG1    sing N N 228 
ILE CB    CG2    sing N N 229 
ILE CB    HB     sing N N 230 
ILE CG1   CD1    sing N N 231 
ILE CG1   HG12   sing N N 232 
ILE CG1   HG13   sing N N 233 
ILE CG2   HG21   sing N N 234 
ILE CG2   HG22   sing N N 235 
ILE CG2   HG23   sing N N 236 
ILE CD1   HD11   sing N N 237 
ILE CD1   HD12   sing N N 238 
ILE CD1   HD13   sing N N 239 
ILE OXT   HXT    sing N N 240 
LEU N     CA     sing N N 241 
LEU N     H      sing N N 242 
LEU N     H2     sing N N 243 
LEU CA    C      sing N N 244 
LEU CA    CB     sing N N 245 
LEU CA    HA     sing N N 246 
LEU C     O      doub N N 247 
LEU C     OXT    sing N N 248 
LEU CB    CG     sing N N 249 
LEU CB    HB2    sing N N 250 
LEU CB    HB3    sing N N 251 
LEU CG    CD1    sing N N 252 
LEU CG    CD2    sing N N 253 
LEU CG    HG     sing N N 254 
LEU CD1   HD11   sing N N 255 
LEU CD1   HD12   sing N N 256 
LEU CD1   HD13   sing N N 257 
LEU CD2   HD21   sing N N 258 
LEU CD2   HD22   sing N N 259 
LEU CD2   HD23   sing N N 260 
LEU OXT   HXT    sing N N 261 
LYS N     CA     sing N N 262 
LYS N     H      sing N N 263 
LYS N     H2     sing N N 264 
LYS CA    C      sing N N 265 
LYS CA    CB     sing N N 266 
LYS CA    HA     sing N N 267 
LYS C     O      doub N N 268 
LYS C     OXT    sing N N 269 
LYS CB    CG     sing N N 270 
LYS CB    HB2    sing N N 271 
LYS CB    HB3    sing N N 272 
LYS CG    CD     sing N N 273 
LYS CG    HG2    sing N N 274 
LYS CG    HG3    sing N N 275 
LYS CD    CE     sing N N 276 
LYS CD    HD2    sing N N 277 
LYS CD    HD3    sing N N 278 
LYS CE    NZ     sing N N 279 
LYS CE    HE2    sing N N 280 
LYS CE    HE3    sing N N 281 
LYS NZ    HZ1    sing N N 282 
LYS NZ    HZ2    sing N N 283 
LYS NZ    HZ3    sing N N 284 
LYS OXT   HXT    sing N N 285 
MET N     CA     sing N N 286 
MET N     H      sing N N 287 
MET N     H2     sing N N 288 
MET CA    C      sing N N 289 
MET CA    CB     sing N N 290 
MET CA    HA     sing N N 291 
MET C     O      doub N N 292 
MET C     OXT    sing N N 293 
MET CB    CG     sing N N 294 
MET CB    HB2    sing N N 295 
MET CB    HB3    sing N N 296 
MET CG    SD     sing N N 297 
MET CG    HG2    sing N N 298 
MET CG    HG3    sing N N 299 
MET SD    CE     sing N N 300 
MET CE    HE1    sing N N 301 
MET CE    HE2    sing N N 302 
MET CE    HE3    sing N N 303 
MET OXT   HXT    sing N N 304 
PHE N     CA     sing N N 305 
PHE N     H      sing N N 306 
PHE N     H2     sing N N 307 
PHE CA    C      sing N N 308 
PHE CA    CB     sing N N 309 
PHE CA    HA     sing N N 310 
PHE C     O      doub N N 311 
PHE C     OXT    sing N N 312 
PHE CB    CG     sing N N 313 
PHE CB    HB2    sing N N 314 
PHE CB    HB3    sing N N 315 
PHE CG    CD1    doub Y N 316 
PHE CG    CD2    sing Y N 317 
PHE CD1   CE1    sing Y N 318 
PHE CD1   HD1    sing N N 319 
PHE CD2   CE2    doub Y N 320 
PHE CD2   HD2    sing N N 321 
PHE CE1   CZ     doub Y N 322 
PHE CE1   HE1    sing N N 323 
PHE CE2   CZ     sing Y N 324 
PHE CE2   HE2    sing N N 325 
PHE CZ    HZ     sing N N 326 
PHE OXT   HXT    sing N N 327 
PRO N     CA     sing N N 328 
PRO N     CD     sing N N 329 
PRO N     H      sing N N 330 
PRO CA    C      sing N N 331 
PRO CA    CB     sing N N 332 
PRO CA    HA     sing N N 333 
PRO C     O      doub N N 334 
PRO C     OXT    sing N N 335 
PRO CB    CG     sing N N 336 
PRO CB    HB2    sing N N 337 
PRO CB    HB3    sing N N 338 
PRO CG    CD     sing N N 339 
PRO CG    HG2    sing N N 340 
PRO CG    HG3    sing N N 341 
PRO CD    HD2    sing N N 342 
PRO CD    HD3    sing N N 343 
PRO OXT   HXT    sing N N 344 
SER N     CA     sing N N 345 
SER N     H      sing N N 346 
SER N     H2     sing N N 347 
SER CA    C      sing N N 348 
SER CA    CB     sing N N 349 
SER CA    HA     sing N N 350 
SER C     O      doub N N 351 
SER C     OXT    sing N N 352 
SER CB    OG     sing N N 353 
SER CB    HB2    sing N N 354 
SER CB    HB3    sing N N 355 
SER OG    HG     sing N N 356 
SER OXT   HXT    sing N N 357 
THR N     CA     sing N N 358 
THR N     H      sing N N 359 
THR N     H2     sing N N 360 
THR CA    C      sing N N 361 
THR CA    CB     sing N N 362 
THR CA    HA     sing N N 363 
THR C     O      doub N N 364 
THR C     OXT    sing N N 365 
THR CB    OG1    sing N N 366 
THR CB    CG2    sing N N 367 
THR CB    HB     sing N N 368 
THR OG1   HG1    sing N N 369 
THR CG2   HG21   sing N N 370 
THR CG2   HG22   sing N N 371 
THR CG2   HG23   sing N N 372 
THR OXT   HXT    sing N N 373 
TRP N     CA     sing N N 374 
TRP N     H      sing N N 375 
TRP N     H2     sing N N 376 
TRP CA    C      sing N N 377 
TRP CA    CB     sing N N 378 
TRP CA    HA     sing N N 379 
TRP C     O      doub N N 380 
TRP C     OXT    sing N N 381 
TRP CB    CG     sing N N 382 
TRP CB    HB2    sing N N 383 
TRP CB    HB3    sing N N 384 
TRP CG    CD1    doub Y N 385 
TRP CG    CD2    sing Y N 386 
TRP CD1   NE1    sing Y N 387 
TRP CD1   HD1    sing N N 388 
TRP CD2   CE2    doub Y N 389 
TRP CD2   CE3    sing Y N 390 
TRP NE1   CE2    sing Y N 391 
TRP NE1   HE1    sing N N 392 
TRP CE2   CZ2    sing Y N 393 
TRP CE3   CZ3    doub Y N 394 
TRP CE3   HE3    sing N N 395 
TRP CZ2   CH2    doub Y N 396 
TRP CZ2   HZ2    sing N N 397 
TRP CZ3   CH2    sing Y N 398 
TRP CZ3   HZ3    sing N N 399 
TRP CH2   HH2    sing N N 400 
TRP OXT   HXT    sing N N 401 
TYR N     CA     sing N N 402 
TYR N     H      sing N N 403 
TYR N     H2     sing N N 404 
TYR CA    C      sing N N 405 
TYR CA    CB     sing N N 406 
TYR CA    HA     sing N N 407 
TYR C     O      doub N N 408 
TYR C     OXT    sing N N 409 
TYR CB    CG     sing N N 410 
TYR CB    HB2    sing N N 411 
TYR CB    HB3    sing N N 412 
TYR CG    CD1    doub Y N 413 
TYR CG    CD2    sing Y N 414 
TYR CD1   CE1    sing Y N 415 
TYR CD1   HD1    sing N N 416 
TYR CD2   CE2    doub Y N 417 
TYR CD2   HD2    sing N N 418 
TYR CE1   CZ     doub Y N 419 
TYR CE1   HE1    sing N N 420 
TYR CE2   CZ     sing Y N 421 
TYR CE2   HE2    sing N N 422 
TYR CZ    OH     sing N N 423 
TYR OH    HH     sing N N 424 
TYR OXT   HXT    sing N N 425 
VAL N     CA     sing N N 426 
VAL N     H      sing N N 427 
VAL N     H2     sing N N 428 
VAL CA    C      sing N N 429 
VAL CA    CB     sing N N 430 
VAL CA    HA     sing N N 431 
VAL C     O      doub N N 432 
VAL C     OXT    sing N N 433 
VAL CB    CG1    sing N N 434 
VAL CB    CG2    sing N N 435 
VAL CB    HB     sing N N 436 
VAL CG1   HG11   sing N N 437 
VAL CG1   HG12   sing N N 438 
VAL CG1   HG13   sing N N 439 
VAL CG2   HG21   sing N N 440 
VAL CG2   HG22   sing N N 441 
VAL CG2   HG23   sing N N 442 
VAL OXT   HXT    sing N N 443 
# 
loop_
_pdbx_entity_nonpoly.entity_id 
_pdbx_entity_nonpoly.name 
_pdbx_entity_nonpoly.comp_id 
2 'FLAVIN MONONUCLEOTIDE' FMN 
3 benzene-1,4-diol        HQE 
4 water                   HOH 
# 
_pdbx_initial_refinement_model.id               1 
_pdbx_initial_refinement_model.entity_id_list   ? 
_pdbx_initial_refinement_model.type             'experimental model' 
_pdbx_initial_refinement_model.source_name      PDB 
_pdbx_initial_refinement_model.accession_code   2R6V 
_pdbx_initial_refinement_model.details          'PDB ENTRY 2R6V' 
# 
